data_6WQO
#
_entry.id   6WQO
#
_cell.length_a   88.250
_cell.length_b   126.177
_cell.length_c   149.632
_cell.angle_alpha   90.000
_cell.angle_beta   90.000
_cell.angle_gamma   90.000
#
_symmetry.space_group_name_H-M   'P 21 21 21'
#
loop_
_entity.id
_entity.type
_entity.pdbx_description
1 polymer 'reticulocyte binding protein 2b'
2 polymer '283284 Fab heavy chain'
3 polymer '283284 Fab light chain'
#
loop_
_entity_poly.entity_id
_entity_poly.type
_entity_poly.pdbx_seq_one_letter_code
_entity_poly.pdbx_strand_id
1 'polypeptide(L)'
;GAMGSTNTTDNIDYFDISDESNYYLISQLRPHFSNIYFFDEFKRYASYHTEIKRYEDIHKTKVNSLLNEASRAIGICNRA
KNTVKGLINILENPQKFKTQRESYDVKLRQYEEKKEAFRGCLLNKNRKNLDQIKKINNEIRDLLEKLKCSQDCQTNVYFD
MIKIYLVDFKKMPYENYDTFIKQYKNSYLSGVDMIRKIEKQIDNPVTINAIKFTQKEMGYIIDRFEYHLQKVKHSIDQVT
ALSDGVKPKQVTKNRLKEYYFNIGNYYSIFKFGKDSLNMLNKALIHKEKIVHNLLGELFGHLEERIS
;
A,D
2 'polypeptide(L)'
;TGVHSQVQLQQWGAGLLKPSETLALTCTVYGGSSSGYYWNWIRQSPGKGLEWIGEISDSGSTIYNPSLESRVTMSVDTSK
NQFSLKLTSVTAADTAVYYCAKAILTRYNWLDPWSQGTLVTVSSASTKGPSVFPLAPSSKSTSGGTAALGCLVKDYFPEP
VTVSWNSGALTSGVHTFPAVLQSSGLYSLSSVVTVPSSSLGTQTYICNVNHKPSNTKVDKKVEPKSCDKTHTCP
;
E,B
3 'polypeptide(L)'
;TGVHSDIVMTQSPSSLSASVGDRISISCRASQGVNSALAWYQQKPGKAPKLLIYDASTLESGVPSRFSGSGSGTDFALTI
NSLQPEDFATYYCQQFNSYPLTFGGGTKVEIKRTVAAPSVFIFPPSDEQLKSGTASVVCLLNNFYPREAKVQWKVDNALQ
SGNSQESVTEQDSKDSTYSLSSTLTLSKADYEKHKVYACEVTHQGLSSPVTKSFNRGEC
;
F,C
#
# COMPACT_ATOMS: atom_id res chain seq x y z
N THR A 9 -36.13 0.18 -2.97
CA THR A 9 -35.13 -0.65 -2.31
C THR A 9 -35.66 -2.07 -2.11
N ASP A 10 -35.12 -3.02 -2.89
CA ASP A 10 -35.57 -4.39 -2.79
C ASP A 10 -35.06 -5.06 -1.51
N ASN A 11 -33.88 -4.66 -1.04
CA ASN A 11 -33.32 -5.22 0.18
C ASN A 11 -32.51 -4.15 0.88
N ILE A 12 -32.53 -4.19 2.22
CA ILE A 12 -31.81 -3.21 3.03
C ILE A 12 -30.74 -3.91 3.84
N ASP A 13 -30.12 -4.93 3.24
CA ASP A 13 -29.07 -5.68 3.92
C ASP A 13 -27.78 -4.86 4.09
N TYR A 14 -27.68 -3.70 3.44
CA TYR A 14 -26.45 -2.91 3.47
C TYR A 14 -26.20 -2.23 4.81
N PHE A 15 -27.09 -2.40 5.79
CA PHE A 15 -26.90 -1.79 7.10
C PHE A 15 -26.04 -2.69 7.98
N ASP A 16 -25.12 -2.07 8.72
CA ASP A 16 -24.28 -2.78 9.67
C ASP A 16 -24.06 -1.88 10.88
N ILE A 17 -23.49 -2.46 11.93
CA ILE A 17 -23.16 -1.72 13.14
C ILE A 17 -21.98 -2.39 13.82
N SER A 18 -21.17 -1.58 14.50
CA SER A 18 -20.05 -2.07 15.28
C SER A 18 -20.27 -1.71 16.74
N ASP A 19 -19.60 -2.44 17.63
CA ASP A 19 -19.73 -2.17 19.05
C ASP A 19 -19.15 -0.80 19.39
N GLU A 20 -19.44 -0.35 20.61
CA GLU A 20 -19.00 0.98 21.03
C GLU A 20 -17.49 1.10 21.02
N SER A 21 -16.77 -0.02 21.17
CA SER A 21 -15.32 -0.03 21.04
C SER A 21 -14.86 -0.11 19.59
N ASN A 22 -15.80 -0.21 18.64
CA ASN A 22 -15.48 -0.29 17.21
C ASN A 22 -14.57 -1.46 16.88
N TYR A 23 -14.73 -2.57 17.59
CA TYR A 23 -13.89 -3.75 17.39
C TYR A 23 -14.63 -4.91 16.75
N TYR A 24 -15.92 -5.08 17.05
CA TYR A 24 -16.73 -6.15 16.49
C TYR A 24 -17.73 -5.57 15.50
N LEU A 25 -17.65 -6.00 14.24
CA LEU A 25 -18.53 -5.53 13.19
C LEU A 25 -19.57 -6.61 12.89
N ILE A 26 -20.84 -6.22 12.85
CA ILE A 26 -21.94 -7.14 12.63
C ILE A 26 -22.57 -6.83 11.28
N SER A 27 -22.73 -7.84 10.44
CA SER A 27 -23.38 -7.70 9.15
C SER A 27 -24.59 -8.62 9.07
N GLN A 28 -25.53 -8.25 8.20
CA GLN A 28 -26.77 -9.02 8.04
C GLN A 28 -26.56 -10.30 7.24
N LEU A 29 -25.37 -10.53 6.71
CA LEU A 29 -25.07 -11.74 5.95
C LEU A 29 -24.26 -12.70 6.81
N ARG A 30 -24.50 -13.99 6.61
CA ARG A 30 -23.77 -15.00 7.35
C ARG A 30 -22.27 -14.90 7.03
N PRO A 31 -21.40 -15.18 8.03
CA PRO A 31 -21.75 -15.56 9.39
C PRO A 31 -21.85 -14.36 10.33
N HIS A 32 -22.03 -13.17 9.76
CA HIS A 32 -22.22 -11.92 10.49
C HIS A 32 -20.95 -11.42 11.16
N PHE A 33 -20.06 -12.34 11.52
CA PHE A 33 -18.80 -12.00 12.19
C PHE A 33 -17.62 -12.49 11.35
N SER A 34 -16.56 -11.70 11.32
CA SER A 34 -15.29 -12.20 10.79
C SER A 34 -14.73 -13.28 11.70
N ASN A 35 -14.97 -13.17 13.01
CA ASN A 35 -14.43 -14.14 13.95
C ASN A 35 -14.91 -15.56 13.65
N ILE A 36 -16.10 -15.69 13.06
CA ILE A 36 -16.57 -17.02 12.69
C ILE A 36 -15.78 -17.56 11.50
N TYR A 37 -15.45 -16.68 10.55
CA TYR A 37 -14.56 -17.09 9.47
C TYR A 37 -13.16 -17.43 9.99
N PHE A 38 -12.71 -16.74 11.04
CA PHE A 38 -11.53 -17.16 11.78
C PHE A 38 -11.73 -18.59 12.30
N PHE A 39 -12.77 -18.80 13.11
CA PHE A 39 -13.04 -20.12 13.66
C PHE A 39 -13.28 -21.14 12.55
N ASP A 40 -13.95 -20.72 11.47
CA ASP A 40 -14.17 -21.62 10.34
C ASP A 40 -12.85 -22.00 9.69
N GLU A 41 -11.91 -21.04 9.62
CA GLU A 41 -10.60 -21.33 9.05
C GLU A 41 -9.74 -22.16 9.99
N PHE A 42 -10.00 -22.11 11.29
CA PHE A 42 -9.25 -22.96 12.22
C PHE A 42 -9.58 -24.43 12.01
N LYS A 43 -10.78 -24.73 11.49
CA LYS A 43 -11.11 -26.10 11.14
C LYS A 43 -10.19 -26.66 10.07
N ARG A 44 -9.59 -25.79 9.26
CA ARG A 44 -8.56 -26.23 8.32
C ARG A 44 -7.23 -26.46 9.01
N TYR A 45 -6.84 -25.55 9.92
CA TYR A 45 -5.55 -25.67 10.58
C TYR A 45 -5.50 -26.91 11.48
N ALA A 46 -6.60 -27.19 12.18
CA ALA A 46 -6.64 -28.31 13.11
C ALA A 46 -6.61 -29.65 12.39
N SER A 47 -6.95 -29.70 11.11
CA SER A 47 -6.94 -30.96 10.39
C SER A 47 -5.52 -31.45 10.12
N TYR A 48 -4.55 -30.54 10.04
CA TYR A 48 -3.18 -30.91 9.72
C TYR A 48 -2.42 -31.42 10.94
N HIS A 49 -2.88 -31.12 12.14
CA HIS A 49 -2.21 -31.53 13.37
C HIS A 49 -3.01 -32.68 14.00
N THR A 50 -2.47 -33.89 13.93
CA THR A 50 -3.09 -35.02 14.61
C THR A 50 -3.07 -34.85 16.12
N GLU A 51 -2.25 -33.92 16.62
CA GLU A 51 -2.13 -33.69 18.05
C GLU A 51 -3.34 -32.98 18.64
N ILE A 52 -4.16 -32.34 17.79
CA ILE A 52 -5.30 -31.57 18.27
C ILE A 52 -6.54 -31.87 17.44
N LYS A 53 -6.64 -33.10 16.92
CA LYS A 53 -7.80 -33.46 16.11
C LYS A 53 -9.02 -33.73 16.97
N ARG A 54 -9.31 -32.82 17.91
CA ARG A 54 -10.53 -32.84 18.68
C ARG A 54 -11.42 -31.63 18.40
N TYR A 55 -10.96 -30.71 17.54
CA TYR A 55 -11.71 -29.50 17.23
C TYR A 55 -12.85 -29.74 16.25
N GLU A 56 -12.87 -30.91 15.58
CA GLU A 56 -13.98 -31.21 14.68
C GLU A 56 -15.31 -31.19 15.40
N ASP A 57 -15.33 -31.59 16.67
CA ASP A 57 -16.55 -31.50 17.47
C ASP A 57 -16.71 -30.11 18.08
N ILE A 58 -15.60 -29.50 18.53
CA ILE A 58 -15.65 -28.17 19.12
C ILE A 58 -16.19 -27.16 18.12
N HIS A 59 -15.77 -27.29 16.85
CA HIS A 59 -16.33 -26.45 15.80
C HIS A 59 -17.83 -26.68 15.66
N LYS A 60 -18.30 -27.91 15.89
CA LYS A 60 -19.71 -28.23 15.75
C LYS A 60 -20.48 -27.92 17.03
N THR A 61 -19.86 -28.13 18.19
CA THR A 61 -20.57 -27.92 19.46
C THR A 61 -20.57 -26.45 19.88
N LYS A 62 -19.52 -25.70 19.55
CA LYS A 62 -19.37 -24.32 20.01
C LYS A 62 -19.45 -23.31 18.88
N VAL A 63 -18.65 -23.45 17.83
CA VAL A 63 -18.64 -22.46 16.76
C VAL A 63 -19.97 -22.47 16.02
N ASN A 64 -20.53 -23.66 15.76
CA ASN A 64 -21.84 -23.73 15.14
C ASN A 64 -22.94 -23.24 16.08
N SER A 65 -22.78 -23.48 17.39
CA SER A 65 -23.75 -22.95 18.35
C SER A 65 -23.68 -21.42 18.40
N LEU A 66 -22.47 -20.86 18.32
CA LEU A 66 -22.34 -19.41 18.30
C LEU A 66 -22.92 -18.83 17.02
N LEU A 67 -22.71 -19.51 15.89
CA LEU A 67 -23.26 -19.05 14.62
C LEU A 67 -24.78 -19.16 14.60
N ASN A 68 -25.32 -20.26 15.13
CA ASN A 68 -26.77 -20.43 15.18
C ASN A 68 -27.41 -19.36 16.05
N GLU A 69 -26.77 -19.01 17.17
CA GLU A 69 -27.28 -17.93 17.99
C GLU A 69 -27.15 -16.58 17.30
N ALA A 70 -26.16 -16.42 16.42
CA ALA A 70 -26.00 -15.16 15.71
C ALA A 70 -27.07 -14.98 14.65
N SER A 71 -27.43 -16.06 13.95
CA SER A 71 -28.47 -15.96 12.93
C SER A 71 -29.83 -15.70 13.55
N ARG A 72 -30.11 -16.31 14.71
CA ARG A 72 -31.38 -16.08 15.38
C ARG A 72 -31.50 -14.64 15.88
N ALA A 73 -30.39 -14.06 16.34
CA ALA A 73 -30.43 -12.70 16.86
C ALA A 73 -30.75 -11.70 15.76
N ILE A 74 -30.24 -11.91 14.55
CA ILE A 74 -30.57 -11.03 13.44
C ILE A 74 -32.03 -11.17 13.05
N GLY A 75 -32.56 -12.39 13.12
CA GLY A 75 -33.96 -12.61 12.78
C GLY A 75 -34.92 -11.91 13.72
N ILE A 76 -34.50 -11.70 14.98
CA ILE A 76 -35.34 -10.97 15.92
C ILE A 76 -35.53 -9.52 15.46
N CYS A 77 -34.50 -8.95 14.83
CA CYS A 77 -34.58 -7.57 14.35
C CYS A 77 -35.28 -7.46 13.00
N ASN A 78 -35.76 -8.56 12.43
CA ASN A 78 -36.38 -8.51 11.11
C ASN A 78 -37.66 -7.68 11.13
N ARG A 79 -38.44 -7.78 12.20
CA ARG A 79 -39.65 -6.97 12.31
C ARG A 79 -39.30 -5.48 12.34
N ALA A 80 -38.18 -5.13 12.96
CA ALA A 80 -37.73 -3.74 12.95
C ALA A 80 -37.15 -3.36 11.58
N LYS A 81 -36.64 -4.33 10.83
CA LYS A 81 -36.13 -4.04 9.49
C LYS A 81 -37.27 -3.73 8.52
N ASN A 82 -38.40 -4.41 8.67
CA ASN A 82 -39.54 -4.18 7.79
C ASN A 82 -40.12 -2.78 7.97
N THR A 83 -39.97 -2.21 9.17
CA THR A 83 -40.46 -0.86 9.40
C THR A 83 -39.60 0.18 8.68
N VAL A 84 -38.29 -0.05 8.63
CA VAL A 84 -37.41 0.90 7.95
C VAL A 84 -37.64 0.86 6.45
N LYS A 85 -37.81 -0.35 5.89
CA LYS A 85 -38.03 -0.47 4.45
C LYS A 85 -39.27 0.29 4.00
N GLY A 86 -40.30 0.36 4.84
CA GLY A 86 -41.47 1.13 4.50
C GLY A 86 -41.19 2.61 4.38
N LEU A 87 -40.42 3.16 5.33
CA LEU A 87 -40.05 4.57 5.26
C LEU A 87 -39.06 4.85 4.14
N ILE A 88 -38.32 3.85 3.70
CA ILE A 88 -37.36 4.04 2.60
C ILE A 88 -38.09 4.44 1.32
N ASN A 89 -39.19 3.75 1.01
CA ASN A 89 -39.87 3.97 -0.27
C ASN A 89 -40.69 5.25 -0.27
N ILE A 90 -41.31 5.60 0.87
CA ILE A 90 -42.05 6.85 0.94
C ILE A 90 -41.14 8.04 0.68
N LEU A 91 -39.90 7.99 1.19
CA LEU A 91 -38.98 9.10 1.05
C LEU A 91 -38.26 9.08 -0.30
N GLU A 92 -38.06 7.91 -0.89
CA GLU A 92 -37.38 7.82 -2.18
C GLU A 92 -38.34 7.87 -3.36
N ASN A 93 -39.61 7.56 -3.17
CA ASN A 93 -40.61 7.61 -4.23
C ASN A 93 -41.52 8.81 -4.01
N PRO A 94 -41.37 9.89 -4.78
CA PRO A 94 -42.26 11.04 -4.60
C PRO A 94 -43.73 10.73 -4.87
N GLN A 95 -44.00 9.78 -5.78
CA GLN A 95 -45.39 9.38 -6.01
C GLN A 95 -46.00 8.78 -4.76
N LYS A 96 -45.26 7.93 -4.06
CA LYS A 96 -45.72 7.40 -2.78
C LYS A 96 -45.69 8.44 -1.68
N PHE A 97 -44.84 9.47 -1.82
CA PHE A 97 -44.77 10.51 -0.80
C PHE A 97 -46.04 11.37 -0.81
N LYS A 98 -46.59 11.64 -1.99
CA LYS A 98 -47.76 12.50 -2.11
C LYS A 98 -49.03 11.88 -1.54
N THR A 99 -48.95 10.70 -0.94
CA THR A 99 -50.10 10.05 -0.34
C THR A 99 -50.21 10.26 1.17
N GLN A 100 -49.08 10.39 1.85
CA GLN A 100 -49.07 10.59 3.30
C GLN A 100 -49.38 12.05 3.63
N ARG A 101 -49.37 12.37 4.93
CA ARG A 101 -49.89 13.65 5.41
C ARG A 101 -48.92 14.36 6.32
N GLU A 102 -47.62 14.17 6.15
CA GLU A 102 -46.61 14.84 6.94
C GLU A 102 -45.52 15.38 6.03
N SER A 103 -44.76 16.34 6.55
CA SER A 103 -43.71 16.97 5.77
C SER A 103 -42.52 16.02 5.60
N TYR A 104 -41.61 16.40 4.68
CA TYR A 104 -40.42 15.60 4.46
C TYR A 104 -39.51 15.61 5.67
N ASP A 105 -39.35 16.78 6.31
CA ASP A 105 -38.54 16.85 7.52
C ASP A 105 -39.13 16.02 8.65
N VAL A 106 -40.45 15.85 8.67
CA VAL A 106 -41.06 14.99 9.67
C VAL A 106 -40.81 13.52 9.34
N LYS A 107 -40.70 13.19 8.05
CA LYS A 107 -40.42 11.81 7.66
C LYS A 107 -38.96 11.45 7.85
N LEU A 108 -38.05 12.41 7.73
CA LEU A 108 -36.65 12.15 8.05
C LEU A 108 -36.48 11.81 9.53
N ARG A 109 -37.20 12.53 10.41
CA ARG A 109 -37.10 12.27 11.83
C ARG A 109 -37.56 10.86 12.18
N GLN A 110 -38.57 10.35 11.47
CA GLN A 110 -39.00 8.98 11.66
C GLN A 110 -38.03 7.98 11.03
N TYR A 111 -37.27 8.41 10.00
CA TYR A 111 -36.32 7.52 9.36
C TYR A 111 -35.08 7.30 10.23
N GLU A 112 -34.48 8.39 10.72
CA GLU A 112 -33.31 8.28 11.57
C GLU A 112 -33.62 7.53 12.86
N GLU A 113 -34.84 7.71 13.39
CA GLU A 113 -35.23 7.00 14.60
C GLU A 113 -35.39 5.52 14.34
N LYS A 114 -36.00 5.15 13.21
CA LYS A 114 -36.19 3.74 12.88
C LYS A 114 -34.90 3.09 12.41
N LYS A 115 -34.03 3.84 11.73
CA LYS A 115 -32.79 3.26 11.23
C LYS A 115 -31.86 2.88 12.39
N GLU A 116 -31.60 3.83 13.29
CA GLU A 116 -30.73 3.55 14.42
C GLU A 116 -31.33 2.51 15.36
N ALA A 117 -32.66 2.46 15.45
CA ALA A 117 -33.31 1.41 16.23
C ALA A 117 -33.07 0.04 15.63
N PHE A 118 -33.05 -0.04 14.29
CA PHE A 118 -32.75 -1.29 13.63
C PHE A 118 -31.26 -1.63 13.75
N ARG A 119 -30.40 -0.64 13.52
CA ARG A 119 -28.97 -0.86 13.70
C ARG A 119 -28.63 -1.16 15.15
N GLY A 120 -29.29 -0.46 16.08
CA GLY A 120 -29.08 -0.74 17.49
C GLY A 120 -29.59 -2.10 17.90
N CYS A 121 -30.62 -2.60 17.21
CA CYS A 121 -31.14 -3.94 17.51
C CYS A 121 -30.11 -5.00 17.20
N LEU A 122 -29.43 -4.89 16.06
CA LEU A 122 -28.43 -5.89 15.67
C LEU A 122 -27.32 -5.98 16.72
N LEU A 123 -26.94 -4.86 17.31
CA LEU A 123 -25.91 -4.86 18.34
C LEU A 123 -26.48 -5.33 19.68
N ASN A 124 -27.63 -4.78 20.08
CA ASN A 124 -28.17 -5.04 21.41
C ASN A 124 -28.49 -6.52 21.61
N LYS A 125 -29.13 -7.14 20.61
CA LYS A 125 -29.49 -8.55 20.72
C LYS A 125 -28.33 -9.49 20.43
N ASN A 126 -27.14 -8.97 20.13
CA ASN A 126 -25.97 -9.79 19.87
C ASN A 126 -24.83 -9.55 20.87
N ARG A 127 -25.08 -8.78 21.93
CA ARG A 127 -24.02 -8.52 22.91
C ARG A 127 -23.62 -9.80 23.63
N LYS A 128 -24.55 -10.73 23.84
CA LYS A 128 -24.18 -11.99 24.48
C LYS A 128 -23.28 -12.83 23.58
N ASN A 129 -23.45 -12.74 22.27
CA ASN A 129 -22.63 -13.53 21.35
C ASN A 129 -21.27 -12.89 21.11
N LEU A 130 -21.18 -11.56 21.17
CA LEU A 130 -19.89 -10.90 21.01
C LEU A 130 -18.95 -11.21 22.16
N ASP A 131 -19.48 -11.45 23.35
CA ASP A 131 -18.65 -11.89 24.47
C ASP A 131 -18.25 -13.35 24.33
N GLN A 132 -18.98 -14.14 23.54
CA GLN A 132 -18.63 -15.52 23.31
C GLN A 132 -17.46 -15.67 22.34
N ILE A 133 -17.20 -14.65 21.52
CA ILE A 133 -16.12 -14.74 20.53
C ILE A 133 -14.77 -14.85 21.22
N LYS A 134 -14.54 -14.06 22.27
CA LYS A 134 -13.28 -14.14 22.99
C LYS A 134 -13.15 -15.43 23.79
N LYS A 135 -14.28 -16.09 24.10
CA LYS A 135 -14.21 -17.36 24.82
C LYS A 135 -13.58 -18.44 23.96
N ILE A 136 -14.04 -18.58 22.71
CA ILE A 136 -13.45 -19.54 21.79
C ILE A 136 -12.04 -19.13 21.39
N ASN A 137 -11.71 -17.83 21.49
CA ASN A 137 -10.35 -17.39 21.24
C ASN A 137 -9.38 -18.03 22.23
N ASN A 138 -9.70 -17.98 23.52
CA ASN A 138 -8.84 -18.59 24.53
C ASN A 138 -8.87 -20.11 24.42
N GLU A 139 -9.99 -20.69 24.00
CA GLU A 139 -10.04 -22.12 23.78
C GLU A 139 -9.13 -22.52 22.61
N ILE A 140 -9.06 -21.69 21.58
CA ILE A 140 -8.15 -21.96 20.46
C ILE A 140 -6.70 -21.81 20.91
N ARG A 141 -6.41 -20.78 21.70
CA ARG A 141 -5.06 -20.64 22.26
C ARG A 141 -4.71 -21.83 23.13
N ASP A 142 -5.69 -22.36 23.88
CA ASP A 142 -5.43 -23.52 24.72
C ASP A 142 -5.38 -24.81 23.91
N LEU A 143 -6.24 -24.93 22.90
CA LEU A 143 -6.25 -26.15 22.09
C LEU A 143 -4.96 -26.30 21.31
N LEU A 144 -4.44 -25.19 20.77
CA LEU A 144 -3.18 -25.25 20.03
C LEU A 144 -2.00 -25.61 20.91
N GLU A 145 -2.14 -25.48 22.24
CA GLU A 145 -1.03 -25.80 23.14
C GLU A 145 -0.70 -27.29 23.10
N LYS A 146 -1.66 -28.14 22.76
CA LYS A 146 -1.47 -29.59 22.79
C LYS A 146 -0.51 -30.09 21.71
N LEU A 147 0.08 -29.20 20.91
CA LEU A 147 1.10 -29.62 19.96
C LEU A 147 2.33 -30.11 20.70
N LYS A 148 2.77 -31.33 20.36
CA LYS A 148 3.90 -31.94 21.06
C LYS A 148 5.19 -31.15 20.87
N CYS A 149 5.30 -30.38 19.80
CA CYS A 149 6.45 -29.51 19.60
C CYS A 149 6.41 -28.35 20.59
N SER A 150 7.58 -27.80 20.90
CA SER A 150 7.68 -26.70 21.84
C SER A 150 8.63 -25.62 21.34
N GLN A 151 9.81 -26.03 20.90
CA GLN A 151 10.82 -25.08 20.43
C GLN A 151 11.06 -25.14 18.92
N ASP A 152 10.79 -26.27 18.28
CA ASP A 152 11.00 -26.38 16.84
C ASP A 152 9.71 -26.78 16.13
N CYS A 153 8.64 -26.04 16.37
CA CYS A 153 7.36 -26.34 15.74
C CYS A 153 7.44 -26.08 14.23
N GLN A 154 6.75 -26.91 13.48
CA GLN A 154 6.82 -26.84 12.02
C GLN A 154 6.06 -25.63 11.49
N THR A 155 6.62 -24.99 10.46
CA THR A 155 6.00 -23.85 9.81
C THR A 155 5.57 -24.17 8.38
N ASN A 156 5.59 -25.44 7.98
CA ASN A 156 5.18 -25.80 6.63
C ASN A 156 3.71 -25.51 6.39
N VAL A 157 2.86 -25.82 7.37
CA VAL A 157 1.43 -25.57 7.24
C VAL A 157 1.15 -24.08 7.19
N TYR A 158 1.90 -23.30 7.97
CA TYR A 158 1.68 -21.86 8.03
C TYR A 158 1.86 -21.22 6.65
N PHE A 159 2.93 -21.59 5.96
CA PHE A 159 3.15 -21.06 4.61
C PHE A 159 2.29 -21.76 3.57
N ASP A 160 1.95 -23.03 3.79
CA ASP A 160 1.06 -23.72 2.86
C ASP A 160 -0.33 -23.11 2.85
N MET A 161 -0.79 -22.60 3.99
CA MET A 161 -2.09 -21.92 4.01
C MET A 161 -2.01 -20.56 3.34
N ILE A 162 -0.84 -19.93 3.35
CA ILE A 162 -0.65 -18.69 2.60
C ILE A 162 -0.71 -18.97 1.10
N LYS A 163 -0.17 -20.12 0.67
CA LYS A 163 -0.30 -20.52 -0.73
C LYS A 163 -1.76 -20.64 -1.13
N ILE A 164 -2.60 -21.17 -0.23
CA ILE A 164 -4.01 -21.31 -0.53
C ILE A 164 -4.70 -19.95 -0.57
N TYR A 165 -4.32 -19.06 0.35
CA TYR A 165 -4.98 -17.76 0.46
C TYR A 165 -4.67 -16.89 -0.75
N LEU A 166 -3.41 -16.86 -1.18
CA LEU A 166 -3.05 -16.05 -2.34
C LEU A 166 -3.73 -16.52 -3.61
N VAL A 167 -4.13 -17.79 -3.68
CA VAL A 167 -4.89 -18.27 -4.83
C VAL A 167 -6.29 -17.67 -4.81
N ASP A 168 -6.92 -17.64 -3.64
CA ASP A 168 -8.26 -17.06 -3.53
C ASP A 168 -8.26 -15.57 -3.79
N PHE A 169 -7.14 -14.89 -3.53
CA PHE A 169 -7.08 -13.44 -3.74
C PHE A 169 -7.13 -13.10 -5.22
N LYS A 170 -6.61 -13.96 -6.09
CA LYS A 170 -6.64 -13.67 -7.53
C LYS A 170 -8.05 -13.74 -8.09
N LYS A 171 -8.93 -14.52 -7.46
CA LYS A 171 -10.33 -14.53 -7.86
C LYS A 171 -11.05 -13.25 -7.45
N MET A 172 -10.46 -12.47 -6.54
CA MET A 172 -11.07 -11.24 -6.08
C MET A 172 -10.69 -10.09 -7.02
N PRO A 173 -11.66 -9.47 -7.70
CA PRO A 173 -11.33 -8.34 -8.61
C PRO A 173 -11.22 -7.02 -7.88
N TYR A 174 -10.11 -6.83 -7.17
CA TYR A 174 -9.91 -5.61 -6.39
C TYR A 174 -9.71 -4.40 -7.29
N GLU A 175 -8.99 -4.58 -8.41
CA GLU A 175 -8.74 -3.46 -9.31
C GLU A 175 -10.03 -2.96 -9.93
N ASN A 176 -10.95 -3.86 -10.26
CA ASN A 176 -12.22 -3.46 -10.85
C ASN A 176 -13.09 -2.69 -9.85
N TYR A 177 -13.02 -3.07 -8.56
CA TYR A 177 -13.77 -2.35 -7.54
C TYR A 177 -13.23 -0.94 -7.35
N ASP A 178 -11.90 -0.78 -7.38
CA ASP A 178 -11.32 0.55 -7.17
C ASP A 178 -11.72 1.51 -8.27
N THR A 179 -11.68 1.06 -9.53
CA THR A 179 -12.17 1.90 -10.62
C THR A 179 -13.67 2.10 -10.54
N PHE A 180 -14.40 1.09 -10.06
CA PHE A 180 -15.84 1.22 -9.88
C PHE A 180 -16.18 2.27 -8.84
N ILE A 181 -15.52 2.20 -7.68
CA ILE A 181 -15.82 3.14 -6.61
C ILE A 181 -15.24 4.53 -6.89
N LYS A 182 -14.21 4.61 -7.73
CA LYS A 182 -13.66 5.92 -8.09
C LYS A 182 -14.63 6.67 -9.01
N GLN A 183 -15.14 5.99 -10.04
CA GLN A 183 -16.17 6.57 -10.88
C GLN A 183 -17.42 6.90 -10.07
N TYR A 184 -17.79 6.02 -9.14
CA TYR A 184 -19.00 6.22 -8.36
C TYR A 184 -18.90 7.47 -7.50
N LYS A 185 -17.81 7.63 -6.75
CA LYS A 185 -17.63 8.83 -5.97
C LYS A 185 -17.50 10.07 -6.85
N ASN A 186 -16.94 9.90 -8.06
CA ASN A 186 -16.88 11.01 -9.00
C ASN A 186 -18.27 11.34 -9.54
N SER A 187 -19.09 10.32 -9.79
CA SER A 187 -20.45 10.55 -10.26
C SER A 187 -21.39 10.98 -9.14
N TYR A 188 -21.08 10.58 -7.90
CA TYR A 188 -21.95 10.90 -6.77
C TYR A 188 -21.95 12.40 -6.49
N LEU A 189 -20.78 12.95 -6.13
CA LEU A 189 -20.71 14.36 -5.76
C LEU A 189 -20.99 15.28 -6.94
N SER A 190 -20.72 14.82 -8.17
CA SER A 190 -21.03 15.62 -9.34
C SER A 190 -22.53 15.82 -9.48
N GLY A 191 -23.32 14.79 -9.18
CA GLY A 191 -24.76 14.95 -9.19
C GLY A 191 -25.29 15.71 -7.99
N VAL A 192 -24.56 15.65 -6.87
CA VAL A 192 -24.95 16.40 -5.69
C VAL A 192 -24.77 17.89 -5.92
N ASP A 193 -23.67 18.29 -6.58
CA ASP A 193 -23.44 19.69 -6.86
C ASP A 193 -24.44 20.25 -7.86
N MET A 194 -24.88 19.43 -8.83
CA MET A 194 -25.89 19.88 -9.77
C MET A 194 -27.22 20.14 -9.09
N ILE A 195 -27.55 19.36 -8.05
CA ILE A 195 -28.78 19.59 -7.30
C ILE A 195 -28.65 20.86 -6.46
N ARG A 196 -27.44 21.19 -6.02
CA ARG A 196 -27.24 22.39 -5.21
C ARG A 196 -27.56 23.65 -5.99
N LYS A 197 -27.34 23.64 -7.31
CA LYS A 197 -27.65 24.82 -8.12
C LYS A 197 -29.13 24.89 -8.48
N ILE A 198 -29.72 23.75 -8.84
CA ILE A 198 -31.14 23.71 -9.22
C ILE A 198 -32.03 23.98 -8.01
N GLU A 199 -31.51 23.79 -6.80
CA GLU A 199 -32.33 23.80 -5.59
C GLU A 199 -33.16 25.07 -5.48
N LYS A 200 -32.55 26.22 -5.72
CA LYS A 200 -33.22 27.51 -5.57
C LYS A 200 -33.80 28.04 -6.87
N GLN A 201 -33.63 27.34 -7.99
CA GLN A 201 -34.07 27.84 -9.29
C GLN A 201 -35.37 27.23 -9.78
N ILE A 202 -35.90 26.20 -9.10
CA ILE A 202 -37.17 25.58 -9.46
C ILE A 202 -38.04 25.51 -8.20
N ASP A 203 -39.23 24.91 -8.37
CA ASP A 203 -40.20 24.77 -7.27
C ASP A 203 -40.85 23.39 -7.36
N ASN A 204 -40.06 22.35 -7.08
CA ASN A 204 -40.55 20.98 -6.97
C ASN A 204 -39.84 20.33 -5.79
N PRO A 205 -40.27 20.65 -4.56
CA PRO A 205 -39.54 20.16 -3.39
C PRO A 205 -39.63 18.65 -3.20
N VAL A 206 -40.80 18.07 -3.45
CA VAL A 206 -41.01 16.65 -3.17
C VAL A 206 -40.02 15.79 -3.96
N THR A 207 -39.76 16.16 -5.22
CA THR A 207 -38.81 15.40 -6.02
C THR A 207 -37.37 15.66 -5.58
N ILE A 208 -37.07 16.88 -5.13
CA ILE A 208 -35.71 17.21 -4.70
C ILE A 208 -35.37 16.45 -3.42
N ASN A 209 -36.35 16.29 -2.52
CA ASN A 209 -36.10 15.53 -1.30
C ASN A 209 -35.79 14.07 -1.60
N ALA A 210 -36.45 13.51 -2.62
CA ALA A 210 -36.14 12.13 -3.02
C ALA A 210 -34.72 12.02 -3.55
N ILE A 211 -34.22 13.08 -4.22
CA ILE A 211 -32.83 13.09 -4.65
C ILE A 211 -31.89 13.11 -3.45
N LYS A 212 -32.04 14.13 -2.59
CA LYS A 212 -31.15 14.29 -1.45
C LYS A 212 -31.20 13.09 -0.52
N PHE A 213 -32.37 12.47 -0.37
CA PHE A 213 -32.46 11.29 0.49
C PHE A 213 -31.74 10.10 -0.12
N THR A 214 -32.01 9.83 -1.41
CA THR A 214 -31.30 8.75 -2.09
C THR A 214 -29.81 9.07 -2.21
N GLN A 215 -29.45 10.35 -2.27
CA GLN A 215 -28.04 10.73 -2.20
C GLN A 215 -27.46 10.39 -0.83
N LYS A 216 -28.22 10.63 0.24
CA LYS A 216 -27.76 10.29 1.57
C LYS A 216 -27.59 8.78 1.72
N GLU A 217 -28.50 8.00 1.13
CA GLU A 217 -28.35 6.55 1.14
C GLU A 217 -27.08 6.13 0.40
N MET A 218 -26.84 6.71 -0.77
CA MET A 218 -25.62 6.41 -1.51
C MET A 218 -24.39 6.81 -0.72
N GLY A 219 -24.41 7.98 -0.09
CA GLY A 219 -23.25 8.43 0.67
C GLY A 219 -22.90 7.49 1.82
N TYR A 220 -23.91 6.93 2.48
CA TYR A 220 -23.64 5.97 3.55
C TYR A 220 -23.10 4.65 3.00
N ILE A 221 -23.70 4.15 1.92
CA ILE A 221 -23.24 2.90 1.35
C ILE A 221 -21.85 3.05 0.73
N ILE A 222 -21.55 4.23 0.18
CA ILE A 222 -20.20 4.49 -0.32
C ILE A 222 -19.19 4.41 0.82
N ASP A 223 -19.54 4.94 1.99
CA ASP A 223 -18.67 4.82 3.15
C ASP A 223 -18.43 3.37 3.51
N ARG A 224 -19.47 2.54 3.46
CA ARG A 224 -19.29 1.12 3.74
C ARG A 224 -18.49 0.43 2.64
N PHE A 225 -18.63 0.88 1.40
CA PHE A 225 -17.84 0.30 0.31
C PHE A 225 -16.37 0.68 0.44
N GLU A 226 -16.08 1.92 0.84
CA GLU A 226 -14.70 2.35 0.99
C GLU A 226 -14.03 1.62 2.15
N TYR A 227 -14.75 1.42 3.25
CA TYR A 227 -14.16 0.76 4.41
C TYR A 227 -13.88 -0.71 4.12
N HIS A 228 -14.84 -1.41 3.53
CA HIS A 228 -14.63 -2.82 3.22
C HIS A 228 -13.60 -3.01 2.12
N LEU A 229 -13.45 -2.03 1.22
CA LEU A 229 -12.44 -2.13 0.18
C LEU A 229 -11.04 -2.01 0.75
N GLN A 230 -10.85 -1.08 1.69
CA GLN A 230 -9.53 -0.88 2.30
C GLN A 230 -9.17 -2.06 3.20
N LYS A 231 -10.15 -2.61 3.92
CA LYS A 231 -9.88 -3.77 4.77
C LYS A 231 -9.52 -5.00 3.95
N VAL A 232 -10.10 -5.13 2.75
CA VAL A 232 -9.75 -6.24 1.87
C VAL A 232 -8.34 -6.05 1.33
N LYS A 233 -8.02 -4.83 0.86
CA LYS A 233 -6.69 -4.56 0.35
C LYS A 233 -5.63 -4.74 1.43
N HIS A 234 -5.93 -4.33 2.66
CA HIS A 234 -4.99 -4.49 3.76
C HIS A 234 -4.72 -5.97 4.03
N SER A 235 -5.77 -6.79 4.05
CA SER A 235 -5.58 -8.23 4.25
C SER A 235 -4.83 -8.85 3.09
N ILE A 236 -5.13 -8.41 1.87
CA ILE A 236 -4.45 -8.96 0.69
C ILE A 236 -2.98 -8.57 0.69
N ASP A 237 -2.68 -7.31 1.00
CA ASP A 237 -1.30 -6.85 0.96
C ASP A 237 -0.47 -7.45 2.09
N GLN A 238 -1.07 -7.65 3.26
CA GLN A 238 -0.31 -8.16 4.40
C GLN A 238 -0.03 -9.65 4.26
N VAL A 239 -1.03 -10.43 3.83
CA VAL A 239 -0.82 -11.86 3.63
C VAL A 239 0.19 -12.09 2.51
N THR A 240 0.15 -11.26 1.47
CA THR A 240 1.13 -11.37 0.39
C THR A 240 2.54 -11.07 0.90
N ALA A 241 2.67 -10.14 1.84
CA ALA A 241 3.97 -9.78 2.37
C ALA A 241 4.61 -10.93 3.13
N LEU A 242 3.80 -11.72 3.85
CA LEU A 242 4.33 -12.86 4.58
C LEU A 242 4.86 -13.95 3.67
N SER A 243 4.39 -14.00 2.42
CA SER A 243 4.91 -14.97 1.46
C SER A 243 6.15 -14.48 0.74
N ASP A 244 6.28 -13.16 0.54
CA ASP A 244 7.47 -12.60 -0.10
C ASP A 244 8.61 -12.39 0.88
N GLY A 245 8.32 -12.34 2.18
CA GLY A 245 9.34 -12.08 3.19
C GLY A 245 10.10 -13.33 3.58
N VAL A 246 10.59 -13.33 4.83
CA VAL A 246 11.37 -14.46 5.32
C VAL A 246 10.49 -15.68 5.46
N LYS A 247 11.11 -16.87 5.37
CA LYS A 247 10.43 -18.14 5.52
C LYS A 247 11.20 -19.02 6.50
N PRO A 248 11.01 -18.79 7.80
CA PRO A 248 11.66 -19.66 8.80
C PRO A 248 11.14 -21.08 8.70
N LYS A 249 12.05 -22.04 8.85
CA LYS A 249 11.71 -23.45 8.69
C LYS A 249 11.04 -24.02 9.94
N GLN A 250 11.36 -23.49 11.12
CA GLN A 250 10.78 -24.00 12.36
C GLN A 250 10.93 -22.95 13.44
N VAL A 251 9.80 -22.59 14.07
CA VAL A 251 9.79 -21.60 15.14
C VAL A 251 9.20 -22.22 16.39
N THR A 252 9.06 -21.42 17.45
CA THR A 252 8.51 -21.90 18.70
C THR A 252 6.98 -21.97 18.61
N LYS A 253 6.38 -22.65 19.60
CA LYS A 253 4.93 -22.83 19.59
C LYS A 253 4.21 -21.50 19.84
N ASN A 254 4.70 -20.71 20.79
CA ASN A 254 4.08 -19.40 21.04
C ASN A 254 4.20 -18.50 19.82
N ARG A 255 5.32 -18.59 19.09
CA ARG A 255 5.46 -17.86 17.84
C ARG A 255 4.52 -18.40 16.77
N LEU A 256 4.23 -19.71 16.81
CA LEU A 256 3.36 -20.32 15.81
C LEU A 256 1.90 -20.01 16.06
N LYS A 257 1.51 -19.79 17.33
CA LYS A 257 0.11 -19.47 17.64
C LYS A 257 -0.31 -18.18 16.97
N GLU A 258 0.42 -17.09 17.22
CA GLU A 258 0.09 -15.81 16.61
C GLU A 258 0.18 -15.85 15.09
N TYR A 259 0.94 -16.79 14.53
CA TYR A 259 0.94 -16.97 13.08
C TYR A 259 -0.42 -17.39 12.58
N TYR A 260 -0.99 -18.45 13.18
CA TYR A 260 -2.34 -18.87 12.81
C TYR A 260 -3.35 -17.76 13.05
N PHE A 261 -3.20 -17.03 14.16
CA PHE A 261 -4.09 -15.91 14.42
C PHE A 261 -3.89 -14.79 13.40
N ASN A 262 -2.66 -14.57 12.96
CA ASN A 262 -2.39 -13.48 12.03
C ASN A 262 -3.05 -13.73 10.68
N ILE A 263 -2.79 -14.89 10.07
CA ILE A 263 -3.36 -15.17 8.76
C ILE A 263 -4.79 -15.68 8.89
N GLY A 264 -5.12 -16.37 9.98
CA GLY A 264 -6.49 -16.81 10.17
C GLY A 264 -7.47 -15.68 10.36
N ASN A 265 -7.02 -14.58 11.00
CA ASN A 265 -7.85 -13.40 11.12
C ASN A 265 -7.88 -12.58 9.84
N TYR A 266 -6.74 -12.47 9.16
CA TYR A 266 -6.68 -11.72 7.92
C TYR A 266 -7.57 -12.33 6.84
N TYR A 267 -7.47 -13.65 6.65
CA TYR A 267 -8.32 -14.31 5.67
C TYR A 267 -9.79 -14.21 6.06
N SER A 268 -10.08 -14.12 7.35
CA SER A 268 -11.45 -13.88 7.79
C SER A 268 -11.94 -12.51 7.33
N ILE A 269 -11.05 -11.50 7.38
CA ILE A 269 -11.42 -10.16 6.93
C ILE A 269 -11.64 -10.14 5.43
N PHE A 270 -10.79 -10.84 4.67
CA PHE A 270 -10.95 -10.88 3.22
C PHE A 270 -12.28 -11.52 2.83
N LYS A 271 -12.55 -12.71 3.37
CA LYS A 271 -13.81 -13.37 3.07
C LYS A 271 -15.00 -12.58 3.60
N PHE A 272 -14.81 -11.86 4.71
CA PHE A 272 -15.89 -11.01 5.23
C PHE A 272 -16.14 -9.82 4.30
N GLY A 273 -15.08 -9.17 3.83
CA GLY A 273 -15.23 -8.07 2.90
C GLY A 273 -15.71 -8.52 1.54
N LYS A 274 -15.32 -9.72 1.11
CA LYS A 274 -15.80 -10.25 -0.17
C LYS A 274 -17.30 -10.40 -0.16
N ASP A 275 -17.88 -10.84 0.96
CA ASP A 275 -19.33 -10.95 1.07
C ASP A 275 -19.98 -9.57 1.12
N SER A 276 -19.33 -8.62 1.80
CA SER A 276 -19.90 -7.28 1.95
C SER A 276 -19.72 -6.44 0.70
N LEU A 277 -18.53 -6.50 0.07
CA LEU A 277 -18.29 -5.72 -1.13
C LEU A 277 -19.22 -6.14 -2.27
N ASN A 278 -19.48 -7.45 -2.38
CA ASN A 278 -20.43 -7.93 -3.38
C ASN A 278 -21.83 -7.37 -3.11
N MET A 279 -22.26 -7.41 -1.86
CA MET A 279 -23.59 -6.90 -1.51
C MET A 279 -23.65 -5.39 -1.63
N LEU A 280 -22.63 -4.69 -1.14
CA LEU A 280 -22.58 -3.24 -1.30
C LEU A 280 -22.46 -2.83 -2.76
N ASN A 281 -21.93 -3.72 -3.62
CA ASN A 281 -21.84 -3.41 -5.04
C ASN A 281 -23.22 -3.24 -5.67
N LYS A 282 -24.08 -4.26 -5.51
CA LYS A 282 -25.41 -4.19 -6.08
C LYS A 282 -26.27 -3.13 -5.40
N ALA A 283 -26.03 -2.87 -4.11
CA ALA A 283 -26.77 -1.83 -3.41
C ALA A 283 -26.49 -0.46 -4.02
N LEU A 284 -25.22 -0.16 -4.30
CA LEU A 284 -24.88 1.09 -4.97
C LEU A 284 -25.40 1.11 -6.41
N ILE A 285 -25.33 -0.04 -7.08
CA ILE A 285 -25.88 -0.14 -8.44
C ILE A 285 -27.37 0.15 -8.43
N HIS A 286 -28.09 -0.42 -7.45
CA HIS A 286 -29.53 -0.21 -7.38
C HIS A 286 -29.86 1.23 -6.98
N LYS A 287 -29.17 1.76 -5.97
CA LYS A 287 -29.49 3.10 -5.47
C LYS A 287 -29.18 4.18 -6.49
N GLU A 288 -28.14 3.99 -7.31
CA GLU A 288 -27.83 4.98 -8.34
C GLU A 288 -28.87 4.98 -9.46
N LYS A 289 -29.44 3.80 -9.76
CA LYS A 289 -30.52 3.74 -10.74
C LYS A 289 -31.75 4.51 -10.28
N ILE A 290 -31.89 4.72 -8.96
CA ILE A 290 -32.99 5.53 -8.46
C ILE A 290 -32.76 7.01 -8.75
N VAL A 291 -31.56 7.49 -8.44
CA VAL A 291 -31.25 8.91 -8.64
C VAL A 291 -31.26 9.26 -10.12
N HIS A 292 -30.67 8.40 -10.96
CA HIS A 292 -30.66 8.66 -12.40
C HIS A 292 -32.07 8.66 -12.96
N ASN A 293 -32.93 7.76 -12.47
CA ASN A 293 -34.33 7.76 -12.88
C ASN A 293 -35.07 8.97 -12.31
N LEU A 294 -34.78 9.32 -11.05
CA LEU A 294 -35.47 10.44 -10.42
C LEU A 294 -35.11 11.77 -11.08
N LEU A 295 -33.90 11.89 -11.64
CA LEU A 295 -33.54 13.09 -12.38
C LEU A 295 -34.19 13.09 -13.77
N GLY A 296 -34.39 11.93 -14.38
CA GLY A 296 -35.17 11.87 -15.60
C GLY A 296 -36.62 12.25 -15.37
N GLU A 297 -37.14 11.99 -14.17
CA GLU A 297 -38.48 12.44 -13.80
C GLU A 297 -38.54 13.95 -13.58
N LEU A 298 -37.40 14.63 -13.58
CA LEU A 298 -37.35 16.08 -13.45
C LEU A 298 -37.34 16.78 -14.80
N PHE A 299 -37.40 16.04 -15.90
CA PHE A 299 -37.39 16.63 -17.24
C PHE A 299 -38.07 15.70 -18.25
N THR B 8 25.44 -7.06 30.26
CA THR B 8 24.23 -7.72 30.73
C THR B 8 23.02 -6.82 30.58
N THR B 9 21.89 -7.40 30.16
CA THR B 9 20.68 -6.63 29.97
C THR B 9 20.13 -6.17 31.33
N ASP B 10 19.61 -4.94 31.35
CA ASP B 10 19.10 -4.34 32.57
C ASP B 10 17.65 -3.88 32.49
N ASN B 11 17.12 -3.65 31.29
CA ASN B 11 15.75 -3.20 31.10
C ASN B 11 15.04 -4.18 30.17
N ILE B 12 13.94 -4.76 30.65
CA ILE B 12 13.18 -5.73 29.86
C ILE B 12 11.82 -5.17 29.52
N ASP B 13 11.76 -3.87 29.21
CA ASP B 13 10.51 -3.21 28.88
C ASP B 13 9.90 -3.70 27.56
N TYR B 14 10.59 -4.58 26.83
CA TYR B 14 10.09 -5.02 25.53
C TYR B 14 8.96 -6.04 25.64
N PHE B 15 8.72 -6.61 26.82
CA PHE B 15 7.64 -7.56 26.97
C PHE B 15 6.28 -6.83 27.00
N ASP B 16 5.32 -7.39 26.28
CA ASP B 16 3.95 -6.89 26.31
C ASP B 16 3.00 -8.04 26.07
N ILE B 17 1.75 -7.86 26.53
CA ILE B 17 0.72 -8.88 26.40
C ILE B 17 -0.56 -8.23 25.88
N SER B 18 -1.48 -9.07 25.43
CA SER B 18 -2.76 -8.63 24.92
C SER B 18 -3.88 -9.46 25.54
N ASP B 19 -5.08 -8.88 25.57
CA ASP B 19 -6.22 -9.57 26.14
C ASP B 19 -6.66 -10.74 25.27
N GLU B 20 -7.62 -11.51 25.77
CA GLU B 20 -8.11 -12.67 25.05
C GLU B 20 -8.81 -12.28 23.75
N SER B 21 -9.48 -11.13 23.74
CA SER B 21 -10.17 -10.67 22.55
C SER B 21 -9.24 -10.02 21.54
N ASN B 22 -7.95 -9.86 21.87
CA ASN B 22 -6.91 -9.24 21.06
C ASN B 22 -7.14 -7.74 20.87
N TYR B 23 -8.18 -7.16 21.48
CA TYR B 23 -8.40 -5.72 21.37
C TYR B 23 -7.34 -4.94 22.16
N TYR B 24 -7.20 -5.25 23.44
CA TYR B 24 -6.33 -4.49 24.32
C TYR B 24 -4.87 -4.90 24.12
N LEU B 25 -3.98 -3.91 24.10
CA LEU B 25 -2.55 -4.12 24.03
C LEU B 25 -1.92 -3.35 25.19
N ILE B 26 -1.38 -4.07 26.16
CA ILE B 26 -0.82 -3.48 27.36
C ILE B 26 0.68 -3.40 27.22
N SER B 27 1.24 -2.21 27.41
CA SER B 27 2.68 -1.99 27.34
C SER B 27 3.19 -1.52 28.70
N GLN B 28 4.47 -1.78 28.95
CA GLN B 28 5.11 -1.30 30.17
C GLN B 28 5.50 0.17 30.09
N LEU B 29 5.40 0.78 28.92
CA LEU B 29 5.66 2.20 28.75
C LEU B 29 4.37 2.98 28.89
N ARG B 30 4.45 4.15 29.53
CA ARG B 30 3.28 4.99 29.69
C ARG B 30 2.74 5.41 28.33
N PRO B 31 1.40 5.58 28.20
CA PRO B 31 0.39 5.39 29.25
C PRO B 31 -0.12 3.95 29.33
N HIS B 32 0.69 2.99 28.86
CA HIS B 32 0.40 1.56 28.94
C HIS B 32 -0.77 1.14 28.06
N PHE B 33 -1.61 2.08 27.66
CA PHE B 33 -2.74 1.82 26.77
C PHE B 33 -2.76 2.87 25.68
N SER B 34 -2.96 2.43 24.43
CA SER B 34 -3.12 3.38 23.34
C SER B 34 -4.41 4.18 23.46
N ASN B 35 -5.40 3.65 24.19
CA ASN B 35 -6.68 4.36 24.34
C ASN B 35 -6.53 5.66 25.12
N ILE B 36 -5.55 5.73 26.02
CA ILE B 36 -5.32 6.97 26.76
C ILE B 36 -4.85 8.07 25.82
N TYR B 37 -4.04 7.71 24.82
CA TYR B 37 -3.70 8.67 23.77
C TYR B 37 -4.93 9.08 22.98
N PHE B 38 -5.89 8.16 22.80
CA PHE B 38 -7.14 8.49 22.12
C PHE B 38 -7.97 9.45 22.97
N PHE B 39 -7.99 9.25 24.28
CA PHE B 39 -8.76 10.14 25.15
C PHE B 39 -8.16 11.52 25.19
N ASP B 40 -6.83 11.62 25.16
CA ASP B 40 -6.18 12.93 25.11
C ASP B 40 -6.52 13.67 23.82
N GLU B 41 -6.61 12.94 22.71
CA GLU B 41 -6.98 13.57 21.44
C GLU B 41 -8.42 14.03 21.46
N PHE B 42 -9.32 13.26 22.08
CA PHE B 42 -10.69 13.70 22.23
C PHE B 42 -10.77 14.96 23.09
N LYS B 43 -9.92 15.05 24.12
CA LYS B 43 -9.85 16.25 24.93
C LYS B 43 -9.50 17.47 24.08
N ARG B 44 -8.69 17.28 23.04
CA ARG B 44 -8.42 18.35 22.09
C ARG B 44 -9.59 18.58 21.15
N TYR B 45 -10.33 17.51 20.81
CA TYR B 45 -11.49 17.66 19.94
C TYR B 45 -12.61 18.44 20.62
N ALA B 46 -12.84 18.15 21.90
CA ALA B 46 -14.00 18.70 22.61
C ALA B 46 -13.93 20.21 22.78
N SER B 47 -12.74 20.80 22.68
CA SER B 47 -12.60 22.23 22.88
C SER B 47 -13.23 23.06 21.77
N TYR B 48 -13.54 22.46 20.63
CA TYR B 48 -14.03 23.18 19.46
C TYR B 48 -15.54 23.30 19.39
N HIS B 49 -16.26 22.68 20.32
CA HIS B 49 -17.71 22.82 20.41
C HIS B 49 -18.07 23.21 21.83
N THR B 50 -18.80 24.33 21.98
CA THR B 50 -19.21 24.78 23.30
C THR B 50 -20.24 23.85 23.93
N GLU B 51 -20.86 22.98 23.12
CA GLU B 51 -21.87 22.06 23.64
C GLU B 51 -21.30 21.06 24.64
N ILE B 52 -19.98 20.85 24.63
CA ILE B 52 -19.35 19.88 25.50
C ILE B 52 -18.24 20.54 26.30
N LYS B 53 -18.59 21.60 27.04
CA LYS B 53 -17.61 22.35 27.82
C LYS B 53 -17.09 21.58 29.04
N ARG B 54 -17.70 20.44 29.38
CA ARG B 54 -17.30 19.68 30.56
C ARG B 54 -16.09 18.78 30.23
N TYR B 55 -14.98 19.42 29.90
CA TYR B 55 -13.77 18.68 29.55
C TYR B 55 -13.15 18.03 30.78
N GLU B 56 -12.84 18.84 31.79
CA GLU B 56 -12.11 18.43 32.99
C GLU B 56 -12.59 17.09 33.58
N ASP B 57 -13.91 16.85 33.58
CA ASP B 57 -14.44 15.61 34.14
C ASP B 57 -13.79 14.37 33.53
N ILE B 58 -13.22 14.48 32.32
CA ILE B 58 -12.37 13.42 31.80
C ILE B 58 -10.92 13.64 32.20
N HIS B 59 -10.39 14.84 31.95
CA HIS B 59 -9.02 15.17 32.34
C HIS B 59 -8.83 15.20 33.85
N LYS B 60 -9.47 16.16 34.51
CA LYS B 60 -9.29 16.36 35.95
C LYS B 60 -9.81 15.18 36.78
N THR B 61 -10.36 14.16 36.12
CA THR B 61 -10.87 13.00 36.84
C THR B 61 -10.51 11.68 36.15
N LYS B 62 -11.37 11.24 35.23
CA LYS B 62 -11.32 9.85 34.76
C LYS B 62 -10.01 9.51 34.09
N VAL B 63 -9.66 10.24 33.03
CA VAL B 63 -8.47 9.91 32.25
C VAL B 63 -7.21 10.00 33.09
N ASN B 64 -7.19 10.92 34.07
CA ASN B 64 -6.02 11.02 34.95
C ASN B 64 -6.00 9.92 36.00
N SER B 65 -7.18 9.50 36.49
CA SER B 65 -7.21 8.46 37.51
C SER B 65 -6.91 7.09 36.93
N LEU B 66 -7.41 6.81 35.72
CA LEU B 66 -7.13 5.53 35.08
C LEU B 66 -5.64 5.37 34.80
N LEU B 67 -4.95 6.46 34.45
CA LEU B 67 -3.52 6.39 34.17
C LEU B 67 -2.74 6.02 35.42
N ASN B 68 -3.16 6.51 36.59
CA ASN B 68 -2.46 6.18 37.82
C ASN B 68 -2.75 4.76 38.26
N GLU B 69 -4.00 4.31 38.13
CA GLU B 69 -4.35 2.94 38.50
C GLU B 69 -3.66 1.94 37.58
N ALA B 70 -3.56 2.25 36.30
CA ALA B 70 -2.84 1.37 35.38
C ALA B 70 -1.35 1.34 35.70
N SER B 71 -0.78 2.49 36.06
CA SER B 71 0.62 2.54 36.45
C SER B 71 0.87 1.80 37.77
N ARG B 72 -0.15 1.65 38.61
CA ARG B 72 0.00 0.91 39.85
C ARG B 72 -0.02 -0.59 39.60
N ALA B 73 -0.91 -1.07 38.74
CA ALA B 73 -0.96 -2.48 38.40
C ALA B 73 0.33 -2.96 37.75
N ILE B 74 1.09 -2.05 37.13
CA ILE B 74 2.40 -2.42 36.60
C ILE B 74 3.36 -2.73 37.74
N GLY B 75 3.29 -1.96 38.82
CA GLY B 75 4.19 -2.16 39.94
C GLY B 75 3.95 -3.44 40.72
N ILE B 76 2.72 -3.97 40.66
CA ILE B 76 2.43 -5.23 41.33
C ILE B 76 3.21 -6.37 40.69
N CYS B 77 3.36 -6.34 39.36
CA CYS B 77 4.15 -7.33 38.65
C CYS B 77 5.61 -6.95 38.53
N ASN B 78 6.04 -5.88 39.20
CA ASN B 78 7.44 -5.48 39.13
C ASN B 78 8.35 -6.51 39.80
N ARG B 79 7.83 -7.24 40.79
CA ARG B 79 8.61 -8.32 41.38
C ARG B 79 8.86 -9.43 40.37
N ALA B 80 7.88 -9.72 39.51
CA ALA B 80 8.09 -10.68 38.45
C ALA B 80 9.09 -10.17 37.42
N LYS B 81 9.05 -8.85 37.14
CA LYS B 81 10.07 -8.26 36.29
C LYS B 81 11.45 -8.35 36.94
N ASN B 82 11.52 -8.16 38.26
CA ASN B 82 12.77 -8.37 38.98
C ASN B 82 13.21 -9.83 38.91
N THR B 83 12.26 -10.75 38.90
CA THR B 83 12.60 -12.18 38.83
C THR B 83 13.03 -12.57 37.42
N VAL B 84 12.25 -12.18 36.41
CA VAL B 84 12.59 -12.55 35.04
C VAL B 84 13.88 -11.88 34.59
N LYS B 85 14.16 -10.66 35.09
CA LYS B 85 15.42 -10.01 34.75
C LYS B 85 16.62 -10.83 35.21
N GLY B 86 16.47 -11.57 36.32
CA GLY B 86 17.54 -12.44 36.75
C GLY B 86 17.60 -13.76 36.00
N LEU B 87 16.44 -14.26 35.55
CA LEU B 87 16.42 -15.50 34.78
C LEU B 87 17.08 -15.32 33.43
N ILE B 88 16.69 -14.27 32.69
CA ILE B 88 17.28 -14.02 31.38
C ILE B 88 18.72 -13.59 31.49
N ASN B 89 19.14 -13.02 32.63
CA ASN B 89 20.52 -12.59 32.78
C ASN B 89 21.47 -13.78 32.91
N ILE B 90 21.04 -14.82 33.63
CA ILE B 90 21.90 -15.98 33.84
C ILE B 90 22.11 -16.74 32.54
N LEU B 91 21.03 -17.00 31.81
CA LEU B 91 21.14 -17.76 30.57
C LEU B 91 21.83 -16.96 29.46
N GLU B 92 21.86 -15.64 29.56
CA GLU B 92 22.50 -14.82 28.54
C GLU B 92 24.02 -14.91 28.56
N ASN B 93 24.60 -15.44 29.64
CA ASN B 93 26.04 -15.56 29.76
C ASN B 93 26.38 -16.99 30.18
N PRO B 94 27.27 -17.68 29.46
CA PRO B 94 27.64 -19.04 29.88
C PRO B 94 28.43 -19.07 31.17
N GLN B 95 29.24 -18.03 31.44
CA GLN B 95 29.99 -18.00 32.70
C GLN B 95 29.07 -17.80 33.89
N LYS B 96 28.00 -17.01 33.72
CA LYS B 96 27.01 -16.87 34.77
C LYS B 96 26.29 -18.18 35.06
N PHE B 97 26.03 -18.96 34.01
CA PHE B 97 25.47 -20.30 34.20
C PHE B 97 26.49 -21.25 34.81
N LYS B 98 27.79 -20.94 34.70
CA LYS B 98 28.83 -21.76 35.30
C LYS B 98 28.95 -21.54 36.81
N THR B 99 28.30 -20.50 37.35
CA THR B 99 28.30 -20.31 38.79
C THR B 99 27.61 -21.48 39.49
N GLN B 100 26.38 -21.78 39.10
CA GLN B 100 25.59 -22.89 39.59
C GLN B 100 24.32 -22.97 38.75
N ARG B 101 23.94 -24.18 38.37
CA ARG B 101 22.80 -24.32 37.46
C ARG B 101 22.35 -25.77 37.44
N GLU B 102 21.11 -25.96 37.01
CA GLU B 102 20.63 -27.26 36.56
C GLU B 102 20.96 -27.41 35.08
N SER B 103 20.35 -28.37 34.40
CA SER B 103 20.54 -28.49 32.97
C SER B 103 19.95 -27.28 32.25
N TYR B 104 20.51 -26.97 31.08
CA TYR B 104 20.05 -25.81 30.31
C TYR B 104 18.56 -25.92 29.99
N ASP B 105 18.09 -27.13 29.67
CA ASP B 105 16.67 -27.32 29.41
C ASP B 105 15.83 -27.15 30.66
N VAL B 106 16.41 -27.43 31.84
CA VAL B 106 15.70 -27.21 33.09
C VAL B 106 15.62 -25.72 33.40
N LYS B 107 16.71 -24.99 33.12
CA LYS B 107 16.67 -23.53 33.29
C LYS B 107 15.89 -22.84 32.20
N LEU B 108 15.70 -23.49 31.05
CA LEU B 108 14.88 -22.90 29.99
C LEU B 108 13.41 -22.95 30.36
N ARG B 109 12.95 -24.06 30.96
CA ARG B 109 11.55 -24.17 31.37
C ARG B 109 11.20 -23.14 32.44
N GLN B 110 12.17 -22.75 33.26
CA GLN B 110 11.90 -21.73 34.28
C GLN B 110 11.69 -20.36 33.65
N TYR B 111 12.48 -20.02 32.64
CA TYR B 111 12.32 -18.73 31.96
C TYR B 111 10.96 -18.64 31.28
N GLU B 112 10.55 -19.70 30.59
CA GLU B 112 9.26 -19.69 29.92
C GLU B 112 8.11 -19.70 30.91
N GLU B 113 8.29 -20.35 32.06
CA GLU B 113 7.24 -20.38 33.08
C GLU B 113 7.12 -19.02 33.78
N LYS B 114 8.26 -18.42 34.14
CA LYS B 114 8.23 -17.11 34.79
C LYS B 114 7.75 -16.03 33.83
N LYS B 115 8.10 -16.14 32.54
CA LYS B 115 7.62 -15.18 31.55
C LYS B 115 6.11 -15.26 31.41
N GLU B 116 5.58 -16.46 31.22
CA GLU B 116 4.13 -16.64 31.16
C GLU B 116 3.47 -16.23 32.47
N ALA B 117 4.20 -16.33 33.58
CA ALA B 117 3.68 -15.81 34.85
C ALA B 117 3.83 -14.30 34.94
N PHE B 118 4.81 -13.73 34.24
CA PHE B 118 5.01 -12.28 34.28
C PHE B 118 4.08 -11.58 33.28
N ARG B 119 4.04 -12.06 32.04
CA ARG B 119 3.17 -11.44 31.03
C ARG B 119 1.71 -11.59 31.40
N GLY B 120 1.34 -12.75 31.95
CA GLY B 120 -0.03 -12.92 32.42
C GLY B 120 -0.38 -12.02 33.57
N CYS B 121 0.63 -11.60 34.35
CA CYS B 121 0.37 -10.70 35.46
C CYS B 121 -0.04 -9.31 34.98
N LEU B 122 0.64 -8.80 33.95
CA LEU B 122 0.31 -7.49 33.41
C LEU B 122 -1.13 -7.46 32.89
N LEU B 123 -1.57 -8.56 32.28
CA LEU B 123 -2.96 -8.64 31.83
C LEU B 123 -3.91 -8.81 33.00
N ASN B 124 -3.54 -9.62 33.98
CA ASN B 124 -4.45 -9.95 35.09
C ASN B 124 -4.77 -8.71 35.92
N LYS B 125 -3.75 -8.00 36.39
CA LYS B 125 -3.96 -6.91 37.32
C LYS B 125 -4.58 -5.67 36.68
N ASN B 126 -4.64 -5.62 35.35
CA ASN B 126 -5.23 -4.49 34.65
C ASN B 126 -6.61 -4.80 34.09
N ARG B 127 -7.23 -5.92 34.49
CA ARG B 127 -8.55 -6.26 33.98
C ARG B 127 -9.58 -5.21 34.38
N LYS B 128 -9.55 -4.77 35.64
CA LYS B 128 -10.47 -3.71 36.07
C LYS B 128 -10.26 -2.44 35.28
N ASN B 129 -9.03 -2.20 34.81
CA ASN B 129 -8.76 -1.03 33.98
C ASN B 129 -9.17 -1.26 32.53
N LEU B 130 -9.09 -2.50 32.05
CA LEU B 130 -9.49 -2.80 30.67
C LEU B 130 -10.97 -2.49 30.46
N ASP B 131 -11.82 -2.88 31.41
CA ASP B 131 -13.24 -2.58 31.30
C ASP B 131 -13.54 -1.09 31.47
N GLN B 132 -12.63 -0.35 32.11
CA GLN B 132 -12.84 1.09 32.25
C GLN B 132 -12.78 1.79 30.89
N ILE B 133 -11.92 1.30 29.99
CA ILE B 133 -11.85 1.88 28.64
C ILE B 133 -13.17 1.66 27.91
N LYS B 134 -13.81 0.52 28.14
CA LYS B 134 -15.13 0.27 27.56
C LYS B 134 -16.14 1.33 28.01
N LYS B 135 -16.14 1.64 29.31
CA LYS B 135 -17.06 2.65 29.83
C LYS B 135 -16.77 4.02 29.23
N ILE B 136 -15.49 4.36 29.07
CA ILE B 136 -15.14 5.65 28.47
C ILE B 136 -15.54 5.67 27.00
N ASN B 137 -15.37 4.55 26.29
CA ASN B 137 -15.80 4.48 24.89
C ASN B 137 -17.28 4.82 24.76
N ASN B 138 -18.11 4.34 25.69
CA ASN B 138 -19.51 4.75 25.72
C ASN B 138 -19.63 6.20 26.17
N GLU B 139 -18.87 6.58 27.20
CA GLU B 139 -18.92 7.95 27.69
C GLU B 139 -18.47 8.94 26.62
N ILE B 140 -17.48 8.55 25.81
CA ILE B 140 -17.05 9.40 24.70
C ILE B 140 -18.20 9.59 23.71
N ARG B 141 -18.90 8.50 23.39
CA ARG B 141 -19.99 8.59 22.42
C ARG B 141 -21.21 9.28 23.00
N ASP B 142 -21.48 9.08 24.30
CA ASP B 142 -22.58 9.78 24.95
C ASP B 142 -22.36 11.28 24.93
N LEU B 143 -21.14 11.71 25.28
CA LEU B 143 -20.83 13.14 25.29
C LEU B 143 -20.85 13.72 23.87
N LEU B 144 -20.53 12.91 22.87
CA LEU B 144 -20.55 13.40 21.49
C LEU B 144 -21.97 13.64 21.00
N GLU B 145 -22.95 12.89 21.52
CA GLU B 145 -24.34 13.12 21.14
C GLU B 145 -24.88 14.42 21.72
N LYS B 146 -24.23 14.96 22.76
CA LYS B 146 -24.63 16.24 23.32
C LYS B 146 -24.40 17.41 22.37
N LEU B 147 -23.77 17.17 21.23
CA LEU B 147 -23.55 18.23 20.26
C LEU B 147 -24.89 18.73 19.73
N LYS B 148 -25.03 20.07 19.68
CA LYS B 148 -26.28 20.67 19.23
C LYS B 148 -26.60 20.33 17.78
N CYS B 149 -25.60 19.91 17.00
CA CYS B 149 -25.86 19.54 15.62
C CYS B 149 -26.64 18.23 15.54
N SER B 150 -27.13 17.94 14.34
CA SER B 150 -27.88 16.71 14.10
C SER B 150 -27.62 16.18 12.70
N GLN B 151 -28.14 16.87 11.68
CA GLN B 151 -28.04 16.42 10.30
C GLN B 151 -27.02 17.21 9.49
N ASP B 152 -26.33 18.16 10.09
CA ASP B 152 -25.42 19.02 9.34
C ASP B 152 -24.24 19.44 10.23
N CYS B 153 -23.51 18.46 10.74
CA CYS B 153 -22.35 18.73 11.59
C CYS B 153 -21.16 19.12 10.73
N GLN B 154 -20.47 20.18 11.16
CA GLN B 154 -19.34 20.70 10.39
C GLN B 154 -18.15 19.76 10.47
N THR B 155 -17.42 19.65 9.36
CA THR B 155 -16.21 18.85 9.29
C THR B 155 -14.94 19.69 9.37
N ASN B 156 -15.06 20.96 9.77
CA ASN B 156 -13.88 21.81 9.86
C ASN B 156 -12.96 21.35 10.98
N VAL B 157 -13.52 20.77 12.05
CA VAL B 157 -12.70 20.25 13.13
C VAL B 157 -12.07 18.92 12.74
N TYR B 158 -12.82 18.07 12.07
CA TYR B 158 -12.33 16.74 11.70
C TYR B 158 -11.12 16.84 10.78
N PHE B 159 -11.20 17.70 9.76
CA PHE B 159 -10.12 17.78 8.78
C PHE B 159 -8.95 18.62 9.27
N ASP B 160 -9.20 19.67 10.06
CA ASP B 160 -8.10 20.45 10.61
C ASP B 160 -7.24 19.62 11.54
N MET B 161 -7.84 18.62 12.20
CA MET B 161 -7.04 17.69 13.01
C MET B 161 -6.16 16.81 12.13
N ILE B 162 -6.62 16.47 10.93
CA ILE B 162 -5.79 15.70 10.01
C ILE B 162 -4.58 16.51 9.58
N LYS B 163 -4.80 17.78 9.25
CA LYS B 163 -3.68 18.67 8.92
C LYS B 163 -2.72 18.79 10.10
N ILE B 164 -3.24 18.73 11.33
CA ILE B 164 -2.38 18.72 12.49
C ILE B 164 -1.57 17.43 12.56
N TYR B 165 -2.23 16.30 12.30
CA TYR B 165 -1.55 15.01 12.40
C TYR B 165 -0.54 14.82 11.28
N LEU B 166 -0.84 15.32 10.08
CA LEU B 166 0.06 15.14 8.96
C LEU B 166 1.37 15.88 9.14
N VAL B 167 1.35 17.00 9.87
CA VAL B 167 2.60 17.70 10.17
C VAL B 167 3.44 16.88 11.13
N ASP B 168 2.81 16.11 12.01
CA ASP B 168 3.54 15.27 12.95
C ASP B 168 4.02 13.97 12.31
N PHE B 169 3.32 13.51 11.26
CA PHE B 169 3.70 12.27 10.60
C PHE B 169 5.06 12.38 9.91
N LYS B 170 5.39 13.56 9.39
CA LYS B 170 6.68 13.74 8.71
C LYS B 170 7.84 13.60 9.69
N LYS B 171 7.61 13.89 10.96
CA LYS B 171 8.64 13.73 11.99
C LYS B 171 8.89 12.27 12.36
N MET B 172 8.19 11.33 11.72
CA MET B 172 8.40 9.92 11.98
C MET B 172 9.44 9.38 11.01
N PRO B 173 10.65 9.03 11.47
CA PRO B 173 11.68 8.49 10.56
C PRO B 173 11.40 7.05 10.16
N TYR B 174 10.28 6.84 9.47
CA TYR B 174 9.88 5.49 9.08
C TYR B 174 10.88 4.85 8.12
N GLU B 175 11.50 5.64 7.25
CA GLU B 175 12.45 5.08 6.29
C GLU B 175 13.64 4.43 7.00
N ASN B 176 14.09 5.03 8.11
CA ASN B 176 15.19 4.46 8.87
C ASN B 176 14.74 3.26 9.70
N TYR B 177 13.55 3.34 10.27
CA TYR B 177 13.03 2.21 11.05
C TYR B 177 12.81 0.98 10.17
N ASP B 178 12.34 1.18 8.94
CA ASP B 178 12.12 0.05 8.04
C ASP B 178 13.44 -0.57 7.62
N THR B 179 14.46 0.25 7.36
CA THR B 179 15.77 -0.27 6.97
C THR B 179 16.44 -0.99 8.12
N PHE B 180 16.26 -0.49 9.35
CA PHE B 180 16.89 -1.11 10.51
C PHE B 180 16.35 -2.52 10.75
N ILE B 181 15.03 -2.67 10.73
CA ILE B 181 14.45 -3.97 11.06
C ILE B 181 14.69 -4.97 9.93
N LYS B 182 14.80 -4.50 8.70
CA LYS B 182 15.11 -5.40 7.59
C LYS B 182 16.58 -5.79 7.58
N GLN B 183 17.46 -4.90 8.07
CA GLN B 183 18.85 -5.28 8.26
C GLN B 183 18.99 -6.31 9.38
N TYR B 184 18.25 -6.12 10.47
CA TYR B 184 18.39 -7.01 11.62
C TYR B 184 17.82 -8.39 11.32
N LYS B 185 16.68 -8.46 10.62
CA LYS B 185 16.03 -9.74 10.36
C LYS B 185 16.94 -10.66 9.56
N ASN B 186 17.61 -10.13 8.54
CA ASN B 186 18.52 -10.96 7.75
C ASN B 186 19.76 -11.34 8.55
N SER B 187 20.33 -10.39 9.31
CA SER B 187 21.48 -10.70 10.15
C SER B 187 21.09 -11.63 11.29
N TYR B 188 19.84 -11.56 11.76
CA TYR B 188 19.38 -12.46 12.79
C TYR B 188 19.23 -13.88 12.27
N LEU B 189 18.52 -14.04 11.14
CA LEU B 189 18.34 -15.36 10.55
C LEU B 189 19.63 -15.94 10.00
N SER B 190 20.63 -15.09 9.70
CA SER B 190 21.91 -15.59 9.25
C SER B 190 22.67 -16.26 10.39
N GLY B 191 22.70 -15.62 11.56
CA GLY B 191 23.34 -16.23 12.71
C GLY B 191 22.64 -17.49 13.18
N VAL B 192 21.32 -17.57 12.98
CA VAL B 192 20.60 -18.79 13.32
C VAL B 192 21.06 -19.94 12.41
N ASP B 193 21.17 -19.68 11.11
CA ASP B 193 21.63 -20.72 10.19
C ASP B 193 23.08 -21.10 10.46
N MET B 194 23.94 -20.10 10.71
CA MET B 194 25.35 -20.38 10.97
C MET B 194 25.52 -21.27 12.19
N ILE B 195 24.82 -20.94 13.28
CA ILE B 195 24.93 -21.75 14.49
C ILE B 195 24.29 -23.12 14.27
N ARG B 196 23.17 -23.17 13.54
CA ARG B 196 22.53 -24.44 13.26
C ARG B 196 23.37 -25.35 12.39
N LYS B 197 24.33 -24.81 11.64
CA LYS B 197 25.20 -25.62 10.81
C LYS B 197 26.50 -26.00 11.51
N ILE B 198 26.95 -25.19 12.46
CA ILE B 198 28.17 -25.48 13.20
C ILE B 198 27.86 -26.12 14.56
N GLU B 199 26.64 -26.60 14.75
CA GLU B 199 26.21 -27.10 16.06
C GLU B 199 27.02 -28.33 16.46
N LYS B 200 27.05 -29.35 15.60
CA LYS B 200 27.70 -30.61 15.91
C LYS B 200 29.19 -30.62 15.55
N GLN B 201 29.73 -29.52 15.05
CA GLN B 201 31.15 -29.47 14.68
C GLN B 201 32.04 -28.99 15.82
N ILE B 202 31.49 -28.26 16.80
CA ILE B 202 32.24 -27.78 17.94
C ILE B 202 31.67 -28.42 19.20
N ASP B 203 32.42 -28.31 20.30
CA ASP B 203 32.06 -28.93 21.57
C ASP B 203 32.14 -27.90 22.70
N ASN B 204 31.39 -26.82 22.55
CA ASN B 204 31.21 -25.81 23.62
C ASN B 204 29.71 -25.62 23.77
N PRO B 205 29.02 -26.56 24.43
CA PRO B 205 27.55 -26.52 24.41
C PRO B 205 26.96 -25.39 25.23
N VAL B 206 27.62 -24.95 26.30
CA VAL B 206 27.06 -23.90 27.14
C VAL B 206 26.99 -22.58 26.37
N THR B 207 28.10 -22.17 25.75
CA THR B 207 28.12 -20.93 24.99
C THR B 207 27.21 -21.01 23.77
N ILE B 208 27.12 -22.18 23.14
CA ILE B 208 26.24 -22.34 21.99
C ILE B 208 24.78 -22.29 22.42
N ASN B 209 24.44 -22.96 23.52
CA ASN B 209 23.06 -22.92 24.02
C ASN B 209 22.68 -21.53 24.49
N ALA B 210 23.61 -20.82 25.15
CA ALA B 210 23.36 -19.45 25.54
C ALA B 210 23.23 -18.52 24.35
N ILE B 211 23.84 -18.88 23.21
CA ILE B 211 23.67 -18.07 22.01
C ILE B 211 22.33 -18.34 21.35
N LYS B 212 21.84 -19.58 21.42
CA LYS B 212 20.51 -19.89 20.90
C LYS B 212 19.43 -19.16 21.69
N PHE B 213 19.56 -19.11 23.02
CA PHE B 213 18.58 -18.44 23.85
C PHE B 213 18.53 -16.96 23.53
N THR B 214 19.69 -16.33 23.33
CA THR B 214 19.71 -14.92 22.95
C THR B 214 19.07 -14.70 21.59
N GLN B 215 19.17 -15.69 20.70
CA GLN B 215 18.44 -15.63 19.44
C GLN B 215 16.94 -15.82 19.65
N LYS B 216 16.57 -16.64 20.64
CA LYS B 216 15.16 -16.82 20.96
C LYS B 216 14.54 -15.53 21.45
N GLU B 217 15.29 -14.74 22.22
CA GLU B 217 14.80 -13.42 22.64
C GLU B 217 14.64 -12.50 21.44
N MET B 218 15.56 -12.57 20.49
CA MET B 218 15.45 -11.76 19.28
C MET B 218 14.19 -12.09 18.50
N GLY B 219 13.81 -13.37 18.48
CA GLY B 219 12.62 -13.77 17.74
C GLY B 219 11.36 -13.14 18.27
N TYR B 220 11.28 -12.95 19.59
CA TYR B 220 10.09 -12.33 20.18
C TYR B 220 10.11 -10.82 19.99
N ILE B 221 11.25 -10.18 20.25
CA ILE B 221 11.33 -8.73 20.14
C ILE B 221 11.18 -8.27 18.69
N ILE B 222 11.61 -9.11 17.74
CA ILE B 222 11.53 -8.73 16.33
C ILE B 222 10.09 -8.67 15.84
N ASP B 223 9.16 -9.35 16.53
CA ASP B 223 7.76 -9.30 16.12
C ASP B 223 7.06 -8.04 16.63
N ARG B 224 7.45 -7.56 17.81
CA ARG B 224 6.85 -6.32 18.32
C ARG B 224 7.27 -5.13 17.47
N PHE B 225 8.55 -5.09 17.07
CA PHE B 225 8.98 -4.09 16.10
C PHE B 225 8.21 -4.24 14.79
N GLU B 226 7.98 -5.48 14.36
CA GLU B 226 7.20 -5.72 13.15
C GLU B 226 5.76 -5.28 13.32
N TYR B 227 5.20 -5.41 14.52
CA TYR B 227 3.80 -5.07 14.74
C TYR B 227 3.60 -3.56 14.75
N HIS B 228 4.38 -2.84 15.56
CA HIS B 228 4.18 -1.40 15.70
C HIS B 228 4.54 -0.66 14.42
N LEU B 229 5.53 -1.14 13.67
CA LEU B 229 5.92 -0.46 12.44
C LEU B 229 4.79 -0.49 11.42
N GLN B 230 4.11 -1.63 11.29
CA GLN B 230 2.95 -1.71 10.41
C GLN B 230 1.81 -0.85 10.93
N LYS B 231 1.57 -0.89 12.24
CA LYS B 231 0.49 -0.10 12.84
C LYS B 231 0.70 1.40 12.59
N VAL B 232 1.95 1.85 12.69
CA VAL B 232 2.24 3.25 12.37
C VAL B 232 2.11 3.49 10.87
N LYS B 233 2.63 2.56 10.06
CA LYS B 233 2.54 2.71 8.61
C LYS B 233 1.09 2.67 8.14
N HIS B 234 0.30 1.73 8.66
CA HIS B 234 -1.11 1.65 8.30
C HIS B 234 -1.88 2.88 8.76
N SER B 235 -1.50 3.44 9.91
CA SER B 235 -2.20 4.63 10.40
C SER B 235 -1.93 5.84 9.53
N ILE B 236 -0.67 6.02 9.10
CA ILE B 236 -0.33 7.16 8.25
C ILE B 236 -1.02 7.04 6.90
N ASP B 237 -0.99 5.86 6.30
CA ASP B 237 -1.58 5.67 4.98
C ASP B 237 -3.09 5.86 5.03
N GLN B 238 -3.74 5.36 6.08
CA GLN B 238 -5.19 5.52 6.20
C GLN B 238 -5.56 6.98 6.43
N VAL B 239 -4.83 7.66 7.31
CA VAL B 239 -5.12 9.08 7.58
C VAL B 239 -4.85 9.91 6.33
N THR B 240 -3.78 9.60 5.60
CA THR B 240 -3.50 10.30 4.35
C THR B 240 -4.60 10.05 3.33
N ALA B 241 -5.16 8.83 3.31
CA ALA B 241 -6.28 8.54 2.43
C ALA B 241 -7.48 9.42 2.76
N LEU B 242 -7.69 9.71 4.05
CA LEU B 242 -8.76 10.63 4.44
C LEU B 242 -8.44 12.05 3.99
N SER B 243 -7.16 12.42 3.96
CA SER B 243 -6.78 13.75 3.50
C SER B 243 -6.91 13.87 1.98
N ASP B 244 -6.45 12.85 1.25
CA ASP B 244 -6.53 12.90 -0.21
C ASP B 244 -7.93 12.61 -0.73
N GLY B 245 -8.74 11.88 0.04
CA GLY B 245 -10.07 11.53 -0.38
C GLY B 245 -11.00 12.73 -0.43
N VAL B 246 -12.25 12.46 -0.80
CA VAL B 246 -13.25 13.51 -0.87
C VAL B 246 -13.52 14.06 0.52
N LYS B 247 -13.74 15.37 0.62
CA LYS B 247 -13.93 16.05 1.89
C LYS B 247 -15.34 16.61 1.97
N PRO B 248 -16.29 15.87 2.54
CA PRO B 248 -17.64 16.42 2.73
C PRO B 248 -17.63 17.59 3.70
N LYS B 249 -18.33 18.66 3.33
CA LYS B 249 -18.37 19.86 4.14
C LYS B 249 -19.34 19.77 5.30
N GLN B 250 -20.29 18.83 5.26
CA GLN B 250 -21.30 18.74 6.30
C GLN B 250 -21.83 17.30 6.34
N VAL B 251 -21.76 16.67 7.51
CA VAL B 251 -22.19 15.30 7.69
C VAL B 251 -23.07 15.21 8.93
N THR B 252 -23.49 13.99 9.26
CA THR B 252 -24.35 13.75 10.41
C THR B 252 -23.53 13.58 11.68
N LYS B 253 -24.23 13.49 12.81
CA LYS B 253 -23.55 13.36 14.10
C LYS B 253 -22.97 11.96 14.28
N ASN B 254 -23.72 10.94 13.84
CA ASN B 254 -23.21 9.58 13.95
C ASN B 254 -22.00 9.35 13.04
N ARG B 255 -22.02 9.96 11.85
CA ARG B 255 -20.85 9.89 10.98
C ARG B 255 -19.71 10.73 11.54
N LEU B 256 -20.03 11.87 12.16
CA LEU B 256 -19.00 12.65 12.84
C LEU B 256 -18.43 11.89 14.04
N LYS B 257 -19.28 11.11 14.71
CA LYS B 257 -18.78 10.23 15.78
C LYS B 257 -17.86 9.16 15.20
N GLU B 258 -18.28 8.54 14.09
CA GLU B 258 -17.39 7.59 13.40
C GLU B 258 -16.14 8.29 12.90
N TYR B 259 -16.26 9.55 12.48
CA TYR B 259 -15.11 10.28 11.97
C TYR B 259 -14.13 10.60 13.09
N TYR B 260 -14.62 11.12 14.21
CA TYR B 260 -13.73 11.43 15.34
C TYR B 260 -13.09 10.16 15.90
N PHE B 261 -13.78 9.02 15.83
CA PHE B 261 -13.19 7.78 16.30
C PHE B 261 -12.14 7.26 15.32
N ASN B 262 -12.32 7.52 14.02
CA ASN B 262 -11.37 7.02 13.02
C ASN B 262 -10.01 7.67 13.21
N ILE B 263 -9.95 9.01 13.17
CA ILE B 263 -8.68 9.69 13.33
C ILE B 263 -8.17 9.56 14.76
N GLY B 264 -9.08 9.48 15.73
CA GLY B 264 -8.67 9.25 17.11
C GLY B 264 -8.05 7.88 17.30
N ASN B 265 -8.55 6.88 16.58
CA ASN B 265 -7.96 5.55 16.64
C ASN B 265 -6.57 5.53 16.02
N TYR B 266 -6.44 6.08 14.81
CA TYR B 266 -5.16 6.01 14.11
C TYR B 266 -4.07 6.80 14.83
N TYR B 267 -4.39 8.01 15.29
CA TYR B 267 -3.38 8.81 15.98
C TYR B 267 -3.00 8.21 17.32
N SER B 268 -3.94 7.51 17.97
CA SER B 268 -3.61 6.83 19.23
C SER B 268 -2.59 5.72 18.99
N ILE B 269 -2.71 5.00 17.87
CA ILE B 269 -1.78 3.92 17.58
C ILE B 269 -0.45 4.45 17.07
N PHE B 270 -0.45 5.58 16.35
CA PHE B 270 0.79 6.17 15.87
C PHE B 270 1.69 6.58 17.02
N LYS B 271 1.14 7.31 17.99
CA LYS B 271 1.92 7.70 19.15
C LYS B 271 2.27 6.49 20.01
N PHE B 272 1.35 5.53 20.13
CA PHE B 272 1.63 4.33 20.91
C PHE B 272 2.73 3.51 20.26
N GLY B 273 2.70 3.38 18.93
CA GLY B 273 3.75 2.64 18.25
C GLY B 273 5.08 3.37 18.25
N LYS B 274 5.04 4.69 18.09
CA LYS B 274 6.28 5.48 18.11
C LYS B 274 6.99 5.36 19.45
N ASP B 275 6.23 5.35 20.54
CA ASP B 275 6.85 5.23 21.86
C ASP B 275 7.53 3.87 22.04
N SER B 276 6.94 2.82 21.48
CA SER B 276 7.51 1.49 21.62
C SER B 276 8.60 1.23 20.59
N LEU B 277 8.44 1.75 19.37
CA LEU B 277 9.46 1.58 18.35
C LEU B 277 10.78 2.20 18.79
N ASN B 278 10.72 3.34 19.50
CA ASN B 278 11.93 3.91 20.07
C ASN B 278 12.53 2.97 21.12
N MET B 279 11.68 2.32 21.91
CA MET B 279 12.16 1.40 22.94
C MET B 279 12.65 0.09 22.33
N LEU B 280 11.88 -0.49 21.40
CA LEU B 280 12.30 -1.73 20.78
C LEU B 280 13.55 -1.55 19.93
N ASN B 281 13.75 -0.35 19.38
CA ASN B 281 14.99 -0.07 18.66
C ASN B 281 16.20 -0.15 19.59
N LYS B 282 16.08 0.41 20.79
CA LYS B 282 17.16 0.32 21.77
C LYS B 282 17.32 -1.10 22.28
N ALA B 283 16.24 -1.88 22.32
CA ALA B 283 16.33 -3.24 22.84
C ALA B 283 16.99 -4.17 21.83
N LEU B 284 16.72 -3.97 20.54
CA LEU B 284 17.30 -4.86 19.52
C LEU B 284 18.79 -4.61 19.34
N ILE B 285 19.22 -3.35 19.46
CA ILE B 285 20.64 -3.05 19.27
C ILE B 285 21.46 -3.57 20.44
N HIS B 286 20.84 -3.74 21.61
CA HIS B 286 21.56 -4.33 22.74
C HIS B 286 21.72 -5.84 22.56
N LYS B 287 20.72 -6.49 21.99
CA LYS B 287 20.80 -7.93 21.77
C LYS B 287 21.83 -8.26 20.68
N GLU B 288 21.87 -7.47 19.62
CA GLU B 288 22.87 -7.69 18.58
C GLU B 288 24.26 -7.32 19.06
N LYS B 289 24.37 -6.37 19.98
CA LYS B 289 25.66 -6.04 20.56
C LYS B 289 26.21 -7.21 21.39
N ILE B 290 25.33 -8.01 21.98
CA ILE B 290 25.77 -9.18 22.73
C ILE B 290 26.06 -10.35 21.81
N VAL B 291 25.21 -10.57 20.79
CA VAL B 291 25.35 -11.74 19.93
C VAL B 291 26.61 -11.64 19.08
N HIS B 292 26.80 -10.51 18.40
CA HIS B 292 28.00 -10.33 17.59
C HIS B 292 29.25 -10.22 18.44
N ASN B 293 29.12 -9.92 19.73
CA ASN B 293 30.30 -9.94 20.60
C ASN B 293 30.55 -11.33 21.16
N LEU B 294 29.49 -12.09 21.44
CA LEU B 294 29.65 -13.49 21.84
C LEU B 294 30.25 -14.34 20.73
N LEU B 295 30.12 -13.92 19.48
CA LEU B 295 30.74 -14.66 18.38
C LEU B 295 32.25 -14.66 18.50
N GLY B 296 32.84 -13.51 18.82
CA GLY B 296 34.29 -13.45 19.00
C GLY B 296 34.79 -14.34 20.11
N GLU B 297 34.00 -14.50 21.18
CA GLU B 297 34.36 -15.43 22.23
C GLU B 297 34.18 -16.89 21.81
N LEU B 298 33.38 -17.14 20.78
CA LEU B 298 33.16 -18.51 20.31
C LEU B 298 34.33 -19.01 19.46
N PHE B 299 35.00 -18.12 18.73
CA PHE B 299 36.13 -18.51 17.91
C PHE B 299 37.39 -18.78 18.72
N GLY B 300 37.41 -18.41 20.00
CA GLY B 300 38.56 -18.66 20.85
C GLY B 300 38.56 -20.05 21.45
N GLN C 6 -13.40 25.04 5.20
CA GLN C 6 -14.84 25.28 5.29
C GLN C 6 -15.13 26.52 6.13
N VAL C 7 -14.12 26.98 6.86
CA VAL C 7 -14.28 28.10 7.78
C VAL C 7 -14.15 29.41 7.01
N GLN C 8 -14.93 30.41 7.43
CA GLN C 8 -14.83 31.75 6.87
C GLN C 8 -15.20 32.74 7.96
N LEU C 9 -14.69 33.97 7.82
CA LEU C 9 -14.93 35.01 8.82
C LEU C 9 -14.92 36.38 8.15
N GLN C 10 -15.67 37.30 8.72
CA GLN C 10 -15.86 38.64 8.16
C GLN C 10 -15.42 39.68 9.17
N GLN C 11 -14.47 40.53 8.78
CA GLN C 11 -14.03 41.65 9.61
C GLN C 11 -15.01 42.79 9.50
N TRP C 12 -15.60 43.19 10.63
CA TRP C 12 -16.52 44.32 10.65
C TRP C 12 -16.26 45.15 11.90
N GLY C 13 -16.41 46.46 11.77
CA GLY C 13 -16.18 47.36 12.88
C GLY C 13 -15.89 48.76 12.38
N ALA C 14 -15.53 49.63 13.33
CA ALA C 14 -15.23 51.01 13.01
C ALA C 14 -14.02 51.10 12.08
N GLY C 15 -14.10 52.00 11.11
CA GLY C 15 -13.02 52.17 10.14
C GLY C 15 -12.28 53.47 10.31
N LEU C 16 -12.96 54.50 10.80
CA LEU C 16 -12.36 55.81 11.04
C LEU C 16 -12.26 56.06 12.54
N LEU C 17 -11.10 56.55 12.97
CA LEU C 17 -10.87 56.88 14.37
C LEU C 17 -10.28 58.28 14.49
N LYS C 18 -10.49 58.86 15.65
CA LYS C 18 -9.78 60.06 16.05
C LYS C 18 -8.61 59.68 16.95
N PRO C 19 -7.57 60.52 17.01
CA PRO C 19 -6.43 60.21 17.88
C PRO C 19 -6.86 60.12 19.34
N SER C 20 -6.17 59.25 20.08
CA SER C 20 -6.37 58.95 21.49
C SER C 20 -7.64 58.16 21.76
N GLU C 21 -8.39 57.77 20.73
CA GLU C 21 -9.58 56.93 20.93
C GLU C 21 -9.19 55.47 21.02
N THR C 22 -10.16 54.57 20.83
CA THR C 22 -9.92 53.13 20.93
C THR C 22 -10.66 52.43 19.80
N LEU C 23 -9.93 51.68 18.99
CA LEU C 23 -10.53 50.90 17.91
C LEU C 23 -10.99 49.56 18.44
N ALA C 24 -12.21 49.17 18.07
CA ALA C 24 -12.80 47.90 18.45
C ALA C 24 -13.23 47.18 17.18
N LEU C 25 -12.46 46.16 16.78
CA LEU C 25 -12.76 45.37 15.60
C LEU C 25 -13.22 43.98 16.02
N THR C 26 -14.33 43.53 15.44
CA THR C 26 -14.90 42.23 15.76
C THR C 26 -14.84 41.33 14.53
N CYS C 27 -14.68 40.03 14.78
CA CYS C 27 -14.53 39.03 13.71
C CYS C 27 -15.51 37.90 13.99
N THR C 28 -16.49 37.72 13.11
CA THR C 28 -17.51 36.69 13.25
C THR C 28 -17.18 35.52 12.36
N VAL C 29 -17.23 34.31 12.92
CA VAL C 29 -16.89 33.09 12.19
C VAL C 29 -18.21 32.48 11.73
N TYR C 30 -18.64 32.87 10.52
CA TYR C 30 -19.86 32.33 9.95
C TYR C 30 -19.66 30.99 9.25
N GLY C 31 -18.43 30.54 9.10
CA GLY C 31 -18.15 29.29 8.42
C GLY C 31 -18.49 28.06 9.24
N GLY C 32 -17.69 27.79 10.27
CA GLY C 32 -17.91 26.62 11.10
C GLY C 32 -18.12 26.96 12.56
N SER C 33 -17.37 26.31 13.45
CA SER C 33 -17.46 26.52 14.88
C SER C 33 -16.30 27.38 15.34
N SER C 34 -16.60 28.48 16.03
CA SER C 34 -15.61 29.40 16.56
C SER C 34 -15.34 29.16 18.04
N SER C 35 -15.66 27.98 18.55
CA SER C 35 -15.65 27.77 19.99
C SER C 35 -14.23 27.74 20.55
N GLY C 36 -13.36 26.91 19.99
CA GLY C 36 -12.07 26.70 20.62
C GLY C 36 -10.83 26.79 19.77
N TYR C 37 -10.90 27.45 18.63
CA TYR C 37 -9.73 27.61 17.78
C TYR C 37 -8.79 28.66 18.38
N TYR C 38 -7.67 28.90 17.70
CA TYR C 38 -6.69 29.90 18.08
C TYR C 38 -6.76 31.03 17.05
N TRP C 39 -7.39 32.13 17.42
CA TRP C 39 -7.65 33.24 16.51
C TRP C 39 -6.54 34.28 16.63
N ASN C 40 -5.90 34.58 15.51
CA ASN C 40 -4.82 35.55 15.46
C ASN C 40 -5.32 36.89 14.95
N TRP C 41 -4.54 37.94 15.23
CA TRP C 41 -4.84 39.29 14.79
C TRP C 41 -3.59 39.89 14.16
N ILE C 42 -3.70 40.32 12.91
CA ILE C 42 -2.56 40.83 12.15
C ILE C 42 -2.96 42.16 11.53
N ARG C 43 -2.05 43.13 11.57
CA ARG C 43 -2.23 44.41 10.91
C ARG C 43 -1.09 44.66 9.94
N GLN C 44 -1.37 45.43 8.89
CA GLN C 44 -0.38 45.72 7.86
C GLN C 44 -0.45 47.19 7.51
N SER C 45 0.64 47.91 7.75
CA SER C 45 0.70 49.32 7.38
C SER C 45 0.68 49.44 5.85
N PRO C 46 0.17 50.55 5.32
CA PRO C 46 0.16 50.73 3.87
C PRO C 46 1.58 50.82 3.32
N GLY C 47 1.94 49.85 2.47
CA GLY C 47 3.26 49.78 1.91
C GLY C 47 4.31 49.14 2.80
N LYS C 48 3.92 48.59 3.94
CA LYS C 48 4.83 47.97 4.88
C LYS C 48 4.43 46.51 5.09
N GLY C 49 5.33 45.74 5.68
CA GLY C 49 5.09 44.33 5.92
C GLY C 49 4.07 44.08 7.02
N LEU C 50 3.79 42.80 7.23
CA LEU C 50 2.79 42.37 8.20
C LEU C 50 3.34 42.44 9.62
N GLU C 51 2.44 42.74 10.57
CA GLU C 51 2.79 42.80 11.98
C GLU C 51 1.80 41.98 12.79
N TRP C 52 2.32 41.07 13.61
CA TRP C 52 1.49 40.23 14.45
C TRP C 52 1.10 40.99 15.72
N ILE C 53 -0.18 40.94 16.07
CA ILE C 53 -0.70 41.67 17.22
C ILE C 53 -0.94 40.73 18.40
N GLY C 54 -1.68 39.65 18.20
CA GLY C 54 -1.99 38.75 19.28
C GLY C 54 -2.69 37.50 18.80
N GLU C 55 -2.72 36.50 19.67
CA GLU C 55 -3.38 35.23 19.40
C GLU C 55 -4.08 34.78 20.68
N ILE C 56 -5.33 34.35 20.54
CA ILE C 56 -6.16 34.01 21.70
C ILE C 56 -6.95 32.74 21.40
N SER C 57 -7.20 31.94 22.44
CA SER C 57 -8.02 30.76 22.34
C SER C 57 -8.95 30.68 23.54
N ASP C 58 -10.09 30.02 23.35
CA ASP C 58 -11.03 29.82 24.46
C ASP C 58 -10.44 28.95 25.55
N SER C 59 -9.44 28.13 25.22
CA SER C 59 -8.76 27.29 26.21
C SER C 59 -8.00 28.09 27.26
N GLY C 60 -8.06 29.42 27.23
CA GLY C 60 -7.34 30.23 28.19
C GLY C 60 -6.03 30.79 27.68
N SER C 61 -5.55 30.32 26.53
CA SER C 61 -4.29 30.80 25.96
C SER C 61 -4.53 32.12 25.25
N THR C 62 -3.99 33.20 25.82
CA THR C 62 -4.07 34.54 25.22
C THR C 62 -2.69 35.17 25.24
N ILE C 63 -2.18 35.50 24.06
CA ILE C 63 -0.84 36.06 23.91
C ILE C 63 -0.97 37.38 23.15
N TYR C 64 0.00 38.27 23.36
CA TYR C 64 -0.01 39.56 22.70
C TYR C 64 1.40 39.92 22.26
N ASN C 65 1.49 40.80 21.27
CA ASN C 65 2.77 41.35 20.84
C ASN C 65 3.32 42.24 21.93
N PRO C 66 4.53 41.99 22.44
CA PRO C 66 5.05 42.82 23.53
C PRO C 66 5.11 44.30 23.22
N SER C 67 5.25 44.67 21.94
CA SER C 67 5.29 46.08 21.58
C SER C 67 3.95 46.76 21.86
N LEU C 68 2.85 46.12 21.47
CA LEU C 68 1.51 46.65 21.68
C LEU C 68 0.83 46.03 22.91
N GLU C 69 1.62 45.45 23.82
CA GLU C 69 1.05 44.73 24.95
C GLU C 69 0.29 45.64 25.90
N SER C 70 0.69 46.91 26.00
CA SER C 70 0.06 47.83 26.93
C SER C 70 -1.25 48.42 26.42
N ARG C 71 -1.56 48.24 25.13
CA ARG C 71 -2.74 48.85 24.53
C ARG C 71 -3.73 47.84 23.96
N VAL C 72 -3.35 46.57 23.82
CA VAL C 72 -4.17 45.57 23.13
C VAL C 72 -4.98 44.78 24.16
N THR C 73 -6.27 44.56 23.84
CA THR C 73 -7.14 43.69 24.61
C THR C 73 -8.04 42.94 23.65
N MET C 74 -8.17 41.63 23.84
CA MET C 74 -8.96 40.81 22.94
C MET C 74 -9.72 39.76 23.74
N SER C 75 -10.83 39.29 23.17
CA SER C 75 -11.68 38.29 23.81
C SER C 75 -12.45 37.54 22.73
N VAL C 76 -13.12 36.47 23.16
CA VAL C 76 -13.89 35.61 22.26
C VAL C 76 -15.30 35.45 22.84
N ASP C 77 -16.31 35.63 21.99
CA ASP C 77 -17.70 35.45 22.35
C ASP C 77 -18.20 34.17 21.70
N THR C 78 -18.50 33.17 22.51
CA THR C 78 -18.99 31.89 21.99
C THR C 78 -20.46 31.94 21.58
N SER C 79 -21.21 32.92 22.07
CA SER C 79 -22.64 32.98 21.77
C SER C 79 -22.89 33.35 20.32
N LYS C 80 -22.37 34.50 19.89
CA LYS C 80 -22.52 34.96 18.52
C LYS C 80 -21.35 34.55 17.63
N ASN C 81 -20.42 33.74 18.14
CA ASN C 81 -19.23 33.31 17.41
C ASN C 81 -18.43 34.50 16.92
N GLN C 82 -18.11 35.40 17.85
CA GLN C 82 -17.39 36.64 17.54
C GLN C 82 -16.20 36.78 18.47
N PHE C 83 -15.01 36.85 17.91
CA PHE C 83 -13.81 37.23 18.65
C PHE C 83 -13.37 38.60 18.19
N SER C 84 -13.08 39.48 19.14
CA SER C 84 -12.84 40.88 18.87
C SER C 84 -11.45 41.30 19.34
N LEU C 85 -11.05 42.50 18.94
CA LEU C 85 -9.78 43.10 19.33
C LEU C 85 -10.01 44.56 19.67
N LYS C 86 -9.33 45.03 20.71
CA LYS C 86 -9.45 46.42 21.16
C LYS C 86 -8.05 47.01 21.31
N LEU C 87 -7.80 48.11 20.62
CA LEU C 87 -6.55 48.86 20.72
C LEU C 87 -6.86 50.23 21.31
N THR C 88 -6.26 50.53 22.45
CA THR C 88 -6.50 51.79 23.14
C THR C 88 -5.37 52.78 22.88
N SER C 89 -5.67 54.06 23.13
CA SER C 89 -4.72 55.15 22.96
C SER C 89 -4.12 55.16 21.56
N VAL C 90 -5.01 55.16 20.56
CA VAL C 90 -4.60 55.00 19.17
C VAL C 90 -4.01 56.32 18.66
N THR C 91 -2.87 56.23 17.99
CA THR C 91 -2.21 57.36 17.36
C THR C 91 -2.19 57.17 15.85
N ALA C 92 -1.64 58.15 15.14
CA ALA C 92 -1.58 58.09 13.69
C ALA C 92 -0.66 56.98 13.19
N ALA C 93 0.22 56.46 14.05
CA ALA C 93 1.10 55.36 13.68
C ALA C 93 0.37 54.04 13.54
N ASP C 94 -0.89 53.97 13.99
CA ASP C 94 -1.67 52.75 13.93
C ASP C 94 -2.57 52.67 12.70
N THR C 95 -2.41 53.60 11.76
CA THR C 95 -3.16 53.55 10.51
C THR C 95 -2.70 52.35 9.69
N ALA C 96 -3.55 51.34 9.58
CA ALA C 96 -3.18 50.11 8.89
C ALA C 96 -4.45 49.34 8.56
N VAL C 97 -4.28 48.28 7.77
CA VAL C 97 -5.36 47.35 7.45
C VAL C 97 -5.26 46.16 8.38
N TYR C 98 -6.31 45.93 9.16
CA TYR C 98 -6.31 44.92 10.21
C TYR C 98 -7.07 43.69 9.77
N TYR C 99 -6.43 42.53 9.85
CA TYR C 99 -7.03 41.26 9.49
C TYR C 99 -7.16 40.36 10.72
N CYS C 100 -8.16 39.48 10.69
CA CYS C 100 -8.29 38.39 11.65
C CYS C 100 -8.13 37.06 10.92
N ALA C 101 -7.27 36.20 11.44
CA ALA C 101 -6.97 34.91 10.82
C ALA C 101 -7.18 33.80 11.85
N LYS C 102 -7.05 32.55 11.40
CA LYS C 102 -7.36 31.39 12.21
C LYS C 102 -6.18 30.43 12.21
N ALA C 103 -5.72 30.08 13.41
CA ALA C 103 -4.71 29.05 13.61
C ALA C 103 -5.33 27.89 14.37
N ILE C 104 -4.81 26.69 14.12
CA ILE C 104 -5.39 25.48 14.70
C ILE C 104 -4.96 25.33 16.15
N LEU C 105 -3.67 25.06 16.38
CA LEU C 105 -3.13 24.84 17.70
C LEU C 105 -2.06 25.89 18.02
N THR C 106 -1.45 25.75 19.19
CA THR C 106 -0.38 26.66 19.60
C THR C 106 0.95 26.32 18.93
N ARG C 107 1.21 25.04 18.71
CA ARG C 107 2.44 24.62 18.03
C ARG C 107 2.34 24.71 16.52
N TYR C 108 1.14 24.87 15.97
CA TYR C 108 0.89 24.92 14.53
C TYR C 108 0.08 26.19 14.27
N ASN C 109 0.76 27.29 13.99
CA ASN C 109 0.12 28.60 13.95
C ASN C 109 0.05 29.20 12.55
N TRP C 110 0.09 28.37 11.51
CA TRP C 110 -0.22 28.88 10.18
C TRP C 110 -1.69 29.27 10.12
N LEU C 111 -1.98 30.25 9.27
CA LEU C 111 -3.30 30.88 9.21
C LEU C 111 -3.92 30.61 7.85
N ASP C 112 -4.91 29.71 7.81
CA ASP C 112 -5.50 29.30 6.54
C ASP C 112 -6.52 30.32 6.04
N PRO C 113 -7.55 30.72 6.83
CA PRO C 113 -8.47 31.74 6.33
C PRO C 113 -8.18 33.12 6.90
N TRP C 114 -8.30 34.14 6.05
CA TRP C 114 -8.10 35.52 6.46
C TRP C 114 -9.39 36.31 6.26
N SER C 115 -9.45 37.47 6.89
CA SER C 115 -10.55 38.40 6.67
C SER C 115 -10.16 39.41 5.59
N GLN C 116 -11.18 39.93 4.91
CA GLN C 116 -10.95 40.96 3.90
C GLN C 116 -10.36 42.24 4.50
N GLY C 117 -10.32 42.34 5.84
CA GLY C 117 -9.67 43.46 6.48
C GLY C 117 -10.52 44.71 6.55
N THR C 118 -10.30 45.52 7.58
CA THR C 118 -10.94 46.81 7.73
C THR C 118 -9.86 47.88 7.83
N LEU C 119 -9.80 48.77 6.85
CA LEU C 119 -8.81 49.83 6.85
C LEU C 119 -9.12 50.80 7.99
N VAL C 120 -8.26 50.80 9.01
CA VAL C 120 -8.43 51.65 10.17
C VAL C 120 -7.59 52.90 9.95
N THR C 121 -8.26 54.01 9.61
CA THR C 121 -7.60 55.30 9.44
C THR C 121 -7.83 56.13 10.69
N VAL C 122 -6.76 56.75 11.18
CA VAL C 122 -6.80 57.55 12.40
C VAL C 122 -6.52 59.00 12.00
N SER C 123 -7.53 59.86 12.14
CA SER C 123 -7.41 61.25 11.73
C SER C 123 -8.52 62.06 12.39
N SER C 124 -8.23 63.34 12.61
CA SER C 124 -9.22 64.27 13.15
C SER C 124 -10.07 64.90 12.06
N ALA C 125 -9.77 64.64 10.79
CA ALA C 125 -10.57 65.18 9.69
C ALA C 125 -11.94 64.54 9.67
N SER C 126 -12.97 65.36 9.48
CA SER C 126 -14.34 64.87 9.45
C SER C 126 -14.60 64.07 8.18
N THR C 127 -15.59 63.19 8.25
CA THR C 127 -15.93 62.36 7.11
C THR C 127 -16.67 63.17 6.06
N LYS C 128 -16.32 62.94 4.79
CA LYS C 128 -16.92 63.65 3.67
C LYS C 128 -17.30 62.65 2.59
N GLY C 129 -18.55 62.73 2.12
CA GLY C 129 -19.03 61.85 1.08
C GLY C 129 -18.43 62.16 -0.27
N PRO C 130 -18.26 61.14 -1.10
CA PRO C 130 -17.67 61.35 -2.42
C PRO C 130 -18.67 61.94 -3.40
N SER C 131 -18.13 62.64 -4.39
CA SER C 131 -18.90 63.21 -5.48
C SER C 131 -18.59 62.44 -6.76
N VAL C 132 -19.60 61.80 -7.34
CA VAL C 132 -19.42 60.93 -8.50
C VAL C 132 -19.77 61.73 -9.75
N PHE C 133 -18.81 61.83 -10.66
CA PHE C 133 -18.99 62.48 -11.94
C PHE C 133 -18.68 61.52 -13.07
N PRO C 134 -19.41 61.57 -14.18
CA PRO C 134 -19.18 60.63 -15.28
C PRO C 134 -18.10 61.09 -16.25
N LEU C 135 -17.24 60.14 -16.62
CA LEU C 135 -16.26 60.37 -17.69
C LEU C 135 -16.92 59.95 -18.99
N ALA C 136 -17.59 60.90 -19.64
CA ALA C 136 -18.40 60.59 -20.81
C ALA C 136 -17.51 60.23 -22.00
N PRO C 137 -17.78 59.13 -22.69
CA PRO C 137 -17.00 58.79 -23.87
C PRO C 137 -17.39 59.63 -25.07
N SER C 138 -16.44 59.81 -25.98
CA SER C 138 -16.66 60.59 -27.18
C SER C 138 -17.59 59.86 -28.15
N THR C 146 -12.90 50.10 -30.11
CA THR C 146 -12.12 50.13 -28.88
C THR C 146 -12.16 51.51 -28.23
N ALA C 147 -13.27 51.80 -27.55
CA ALA C 147 -13.45 53.06 -26.84
C ALA C 147 -13.44 52.82 -25.34
N ALA C 148 -13.13 53.88 -24.60
CA ALA C 148 -13.01 53.80 -23.15
C ALA C 148 -13.81 54.92 -22.51
N LEU C 149 -14.65 54.57 -21.55
CA LEU C 149 -15.41 55.50 -20.72
C LEU C 149 -14.93 55.35 -19.28
N GLY C 150 -15.69 55.93 -18.34
CA GLY C 150 -15.34 55.77 -16.94
C GLY C 150 -16.18 56.66 -16.05
N CYS C 151 -15.86 56.56 -14.76
CA CYS C 151 -16.49 57.36 -13.72
C CYS C 151 -15.40 58.04 -12.89
N LEU C 152 -15.77 59.14 -12.23
CA LEU C 152 -14.84 59.91 -11.43
C LEU C 152 -15.40 60.05 -10.02
N VAL C 153 -14.64 59.59 -9.03
CA VAL C 153 -14.99 59.69 -7.62
C VAL C 153 -14.06 60.75 -7.01
N LYS C 154 -14.62 61.87 -6.58
CA LYS C 154 -13.84 63.03 -6.19
C LYS C 154 -14.16 63.46 -4.77
N ASP C 155 -13.11 63.78 -4.02
CA ASP C 155 -13.21 64.42 -2.70
C ASP C 155 -14.02 63.59 -1.71
N TYR C 156 -13.36 62.69 -0.98
CA TYR C 156 -14.02 61.91 0.05
C TYR C 156 -13.03 61.59 1.15
N PHE C 157 -13.56 61.08 2.27
CA PHE C 157 -12.77 60.74 3.44
C PHE C 157 -13.59 59.85 4.38
N PRO C 158 -13.04 58.72 4.83
CA PRO C 158 -11.72 58.22 4.47
C PRO C 158 -11.77 57.15 3.39
N GLU C 159 -10.68 56.38 3.28
CA GLU C 159 -10.67 55.22 2.41
C GLU C 159 -11.45 54.08 3.07
N PRO C 160 -11.95 53.13 2.26
CA PRO C 160 -11.91 53.09 0.79
C PRO C 160 -13.27 53.29 0.15
N VAL C 161 -13.29 53.31 -1.18
CA VAL C 161 -14.52 53.19 -1.96
C VAL C 161 -14.35 52.00 -2.90
N THR C 162 -15.46 51.33 -3.18
CA THR C 162 -15.48 50.16 -4.04
C THR C 162 -16.38 50.45 -5.23
N VAL C 163 -15.85 50.30 -6.44
CA VAL C 163 -16.55 50.62 -7.68
C VAL C 163 -16.66 49.36 -8.51
N SER C 164 -17.87 49.07 -8.98
CA SER C 164 -18.12 48.04 -9.97
C SER C 164 -18.89 48.66 -11.14
N TRP C 165 -19.12 47.86 -12.17
CA TRP C 165 -19.80 48.32 -13.37
C TRP C 165 -20.96 47.39 -13.70
N ASN C 166 -22.15 47.97 -13.86
CA ASN C 166 -23.36 47.22 -14.19
C ASN C 166 -23.67 46.17 -13.12
N SER C 167 -23.45 46.53 -11.85
CA SER C 167 -23.80 45.68 -10.71
C SER C 167 -23.10 44.33 -10.78
N GLY C 168 -21.80 44.36 -11.08
CA GLY C 168 -21.00 43.15 -11.12
C GLY C 168 -21.03 42.38 -12.43
N ALA C 169 -21.82 42.84 -13.42
CA ALA C 169 -21.88 42.14 -14.70
C ALA C 169 -20.72 42.49 -15.62
N LEU C 170 -19.93 43.51 -15.29
CA LEU C 170 -18.80 43.94 -16.11
C LEU C 170 -17.52 43.69 -15.33
N THR C 171 -16.73 42.71 -15.77
CA THR C 171 -15.46 42.38 -15.15
C THR C 171 -14.28 42.45 -16.11
N SER C 172 -14.52 42.71 -17.39
CA SER C 172 -13.48 42.73 -18.41
C SER C 172 -13.12 44.18 -18.74
N GLY C 173 -11.82 44.48 -18.72
CA GLY C 173 -11.36 45.80 -19.07
C GLY C 173 -11.70 46.88 -18.06
N VAL C 174 -11.98 46.51 -16.83
CA VAL C 174 -12.31 47.45 -15.77
C VAL C 174 -11.06 47.71 -14.94
N HIS C 175 -10.62 48.96 -14.90
CA HIS C 175 -9.42 49.35 -14.16
C HIS C 175 -9.80 50.45 -13.17
N THR C 176 -10.05 50.06 -11.93
CA THR C 176 -10.28 51.04 -10.87
C THR C 176 -8.93 51.49 -10.30
N PHE C 177 -8.72 52.80 -10.30
CA PHE C 177 -7.41 53.33 -9.95
C PHE C 177 -7.31 53.63 -8.46
N PRO C 178 -6.09 53.59 -7.90
CA PRO C 178 -5.90 54.00 -6.51
C PRO C 178 -6.18 55.47 -6.33
N ALA C 179 -6.70 55.82 -5.15
CA ALA C 179 -7.03 57.20 -4.86
C ALA C 179 -5.77 58.03 -4.64
N VAL C 180 -5.85 59.31 -5.00
CA VAL C 180 -4.78 60.26 -4.77
C VAL C 180 -5.25 61.28 -3.74
N LEU C 181 -4.30 61.83 -2.98
CA LEU C 181 -4.59 62.78 -1.93
C LEU C 181 -4.32 64.18 -2.45
N GLN C 182 -5.38 64.94 -2.70
CA GLN C 182 -5.25 66.32 -3.14
C GLN C 182 -4.80 67.20 -1.98
N SER C 183 -4.50 68.46 -2.30
CA SER C 183 -4.12 69.42 -1.27
C SER C 183 -5.26 69.71 -0.31
N SER C 184 -6.50 69.39 -0.69
CA SER C 184 -7.64 69.57 0.20
C SER C 184 -7.71 68.50 1.29
N GLY C 185 -6.87 67.46 1.20
CA GLY C 185 -6.91 66.39 2.18
C GLY C 185 -7.99 65.36 1.94
N LEU C 186 -8.66 65.40 0.79
CA LEU C 186 -9.72 64.45 0.45
C LEU C 186 -9.28 63.58 -0.71
N TYR C 187 -9.57 62.29 -0.61
CA TYR C 187 -9.15 61.33 -1.63
C TYR C 187 -10.03 61.46 -2.88
N SER C 188 -9.49 60.95 -3.99
CA SER C 188 -10.21 61.00 -5.26
C SER C 188 -9.61 59.97 -6.21
N LEU C 189 -10.46 59.10 -6.75
CA LEU C 189 -10.02 58.10 -7.72
C LEU C 189 -10.99 58.07 -8.89
N SER C 190 -10.65 57.28 -9.90
CA SER C 190 -11.46 57.17 -11.11
C SER C 190 -11.40 55.74 -11.62
N SER C 191 -12.57 55.16 -11.87
CA SER C 191 -12.69 53.83 -12.44
C SER C 191 -13.11 53.94 -13.90
N VAL C 192 -12.36 53.31 -14.79
CA VAL C 192 -12.62 53.37 -16.22
C VAL C 192 -12.80 51.95 -16.75
N VAL C 193 -13.45 51.85 -17.91
CA VAL C 193 -13.68 50.57 -18.56
C VAL C 193 -13.60 50.78 -20.06
N THR C 194 -12.96 49.83 -20.75
CA THR C 194 -12.85 49.84 -22.20
C THR C 194 -13.92 48.92 -22.78
N VAL C 195 -14.76 49.48 -23.65
CA VAL C 195 -15.82 48.71 -24.29
C VAL C 195 -15.66 48.85 -25.81
N PRO C 196 -16.12 47.89 -26.60
CA PRO C 196 -16.11 48.08 -28.06
C PRO C 196 -16.93 49.29 -28.45
N SER C 197 -16.34 50.18 -29.26
CA SER C 197 -17.00 51.42 -29.63
C SER C 197 -18.30 51.19 -30.38
N SER C 198 -18.54 49.98 -30.88
CA SER C 198 -19.80 49.64 -31.52
C SER C 198 -20.95 49.52 -30.52
N SER C 199 -20.66 49.48 -29.22
CA SER C 199 -21.67 49.29 -28.19
C SER C 199 -21.94 50.57 -27.41
N LEU C 200 -21.52 51.73 -27.92
CA LEU C 200 -21.70 52.98 -27.19
C LEU C 200 -23.16 53.38 -27.12
N GLY C 201 -23.88 53.28 -28.24
CA GLY C 201 -25.26 53.71 -28.28
C GLY C 201 -26.25 52.66 -27.80
N THR C 202 -25.96 51.39 -28.11
CA THR C 202 -26.89 50.32 -27.77
C THR C 202 -26.82 49.95 -26.29
N GLN C 203 -25.62 49.71 -25.78
CA GLN C 203 -25.46 49.28 -24.40
C GLN C 203 -25.52 50.47 -23.45
N THR C 204 -25.99 50.21 -22.23
CA THR C 204 -26.10 51.22 -21.18
C THR C 204 -25.23 50.80 -20.01
N TYR C 205 -24.25 51.62 -19.66
CA TYR C 205 -23.35 51.36 -18.55
C TYR C 205 -23.72 52.26 -17.38
N ILE C 206 -23.62 51.72 -16.17
CA ILE C 206 -23.94 52.44 -14.95
C ILE C 206 -22.96 52.00 -13.87
N CYS C 207 -21.99 52.85 -13.54
CA CYS C 207 -21.07 52.57 -12.46
C CYS C 207 -21.74 52.81 -11.12
N ASN C 208 -21.48 51.94 -10.16
CA ASN C 208 -22.08 52.02 -8.83
C ASN C 208 -20.95 52.23 -7.80
N VAL C 209 -20.71 53.49 -7.47
CA VAL C 209 -19.71 53.85 -6.47
C VAL C 209 -20.29 53.62 -5.09
N ASN C 210 -19.46 53.13 -4.17
CA ASN C 210 -19.92 52.79 -2.82
C ASN C 210 -18.88 53.22 -1.82
N HIS C 211 -19.25 54.17 -0.95
CA HIS C 211 -18.39 54.62 0.15
C HIS C 211 -19.07 54.26 1.45
N LYS C 212 -18.45 53.36 2.22
CA LYS C 212 -19.10 52.86 3.44
C LYS C 212 -19.14 53.90 4.56
N PRO C 213 -18.04 54.56 4.94
CA PRO C 213 -18.12 55.49 6.08
C PRO C 213 -19.12 56.62 5.88
N SER C 214 -19.27 57.12 4.65
CA SER C 214 -20.26 58.14 4.38
C SER C 214 -21.66 57.57 4.19
N ASN C 215 -21.78 56.24 4.08
CA ASN C 215 -23.06 55.56 3.83
C ASN C 215 -23.69 56.00 2.51
N THR C 216 -22.91 56.58 1.61
CA THR C 216 -23.44 57.11 0.35
C THR C 216 -23.19 56.10 -0.77
N LYS C 217 -24.27 55.66 -1.42
CA LYS C 217 -24.21 54.76 -2.56
C LYS C 217 -24.72 55.52 -3.79
N VAL C 218 -23.88 55.62 -4.81
CA VAL C 218 -24.22 56.36 -6.02
C VAL C 218 -24.10 55.42 -7.22
N ASP C 219 -25.09 55.45 -8.10
CA ASP C 219 -25.08 54.66 -9.33
C ASP C 219 -25.23 55.62 -10.50
N LYS C 220 -24.16 56.36 -10.80
CA LYS C 220 -24.20 57.35 -11.86
C LYS C 220 -24.30 56.70 -13.23
N LYS C 221 -25.00 57.37 -14.14
CA LYS C 221 -25.17 56.92 -15.51
C LYS C 221 -24.20 57.67 -16.41
N VAL C 222 -23.42 56.92 -17.18
CA VAL C 222 -22.43 57.50 -18.08
C VAL C 222 -23.03 57.56 -19.48
N GLU C 223 -23.35 58.78 -19.92
CA GLU C 223 -23.97 58.99 -21.23
C GLU C 223 -23.00 59.70 -22.17
N PRO C 224 -22.93 59.27 -23.43
CA PRO C 224 -22.03 59.85 -24.45
C PRO C 224 -22.32 61.33 -24.70
N ASP D 6 13.26 37.22 20.91
CA ASP D 6 12.72 37.68 19.65
C ASP D 6 13.40 36.97 18.48
N ILE D 7 12.59 36.53 17.51
CA ILE D 7 13.07 35.82 16.34
C ILE D 7 12.89 36.73 15.13
N VAL D 8 13.97 36.93 14.37
CA VAL D 8 13.99 37.84 13.23
C VAL D 8 14.05 37.00 11.95
N MET D 9 13.18 37.30 11.00
CA MET D 9 13.19 36.69 9.68
C MET D 9 13.64 37.74 8.67
N THR D 10 14.77 37.49 8.03
CA THR D 10 15.28 38.35 6.97
C THR D 10 15.05 37.67 5.62
N GLN D 11 14.39 38.37 4.71
CA GLN D 11 13.93 37.80 3.45
C GLN D 11 14.72 38.38 2.29
N SER D 12 14.99 37.54 1.29
CA SER D 12 15.75 37.93 0.12
C SER D 12 15.33 37.05 -1.06
N PRO D 13 15.19 37.61 -2.26
CA PRO D 13 15.43 39.03 -2.58
C PRO D 13 14.24 39.93 -2.26
N SER D 14 14.50 41.10 -1.68
CA SER D 14 13.42 42.02 -1.32
C SER D 14 12.62 42.45 -2.55
N SER D 15 13.30 42.72 -3.66
CA SER D 15 12.66 43.05 -4.91
C SER D 15 12.96 41.95 -5.93
N LEU D 16 12.11 41.86 -6.96
CA LEU D 16 12.28 40.81 -7.94
C LEU D 16 11.58 41.21 -9.25
N SER D 17 12.21 40.85 -10.36
CA SER D 17 11.61 40.91 -11.68
C SER D 17 11.86 39.58 -12.37
N ALA D 18 10.84 39.05 -13.05
CA ALA D 18 10.96 37.73 -13.65
C ALA D 18 10.05 37.62 -14.86
N SER D 19 10.56 37.00 -15.92
CA SER D 19 9.76 36.71 -17.09
C SER D 19 8.82 35.53 -16.83
N VAL D 20 7.84 35.37 -17.70
CA VAL D 20 6.82 34.33 -17.54
C VAL D 20 7.40 33.01 -18.04
N GLY D 21 7.60 32.06 -17.13
CA GLY D 21 7.96 30.70 -17.50
C GLY D 21 9.24 30.17 -16.88
N ASP D 22 10.09 30.99 -16.28
CA ASP D 22 11.33 30.51 -15.71
C ASP D 22 11.16 30.18 -14.23
N ARG D 23 12.25 29.69 -13.62
CA ARG D 23 12.21 29.33 -12.21
C ARG D 23 12.59 30.53 -11.35
N ILE D 24 11.90 30.67 -10.22
CA ILE D 24 12.15 31.74 -9.26
C ILE D 24 12.26 31.11 -7.87
N SER D 25 13.21 31.60 -7.08
CA SER D 25 13.44 31.11 -5.73
C SER D 25 13.41 32.28 -4.76
N ILE D 26 12.64 32.14 -3.69
CA ILE D 26 12.58 33.12 -2.61
C ILE D 26 13.00 32.42 -1.32
N SER D 27 13.74 33.13 -0.48
CA SER D 27 14.27 32.55 0.75
C SER D 27 14.23 33.58 1.87
N CYS D 28 13.99 33.10 3.08
CA CYS D 28 14.08 33.92 4.29
C CYS D 28 14.73 33.09 5.39
N ARG D 29 15.66 33.71 6.12
CA ARG D 29 16.44 33.03 7.14
C ARG D 29 16.03 33.53 8.53
N ALA D 30 16.00 32.62 9.49
CA ALA D 30 15.60 32.95 10.85
C ALA D 30 16.81 33.32 11.69
N SER D 31 16.62 34.27 12.60
CA SER D 31 17.70 34.68 13.50
C SER D 31 18.17 33.51 14.36
N GLN D 32 17.24 32.89 15.07
CA GLN D 32 17.50 31.66 15.80
C GLN D 32 16.77 30.51 15.13
N GLY D 33 17.16 29.29 15.47
CA GLY D 33 16.56 28.11 14.90
C GLY D 33 15.07 27.99 15.19
N VAL D 34 14.26 27.82 14.16
CA VAL D 34 12.81 27.71 14.31
C VAL D 34 12.31 26.33 13.90
N ASN D 35 13.22 25.36 13.77
CA ASN D 35 12.87 23.96 13.49
C ASN D 35 12.16 23.92 12.14
N SER D 36 11.18 23.02 11.97
CA SER D 36 10.44 22.85 10.72
C SER D 36 9.12 23.61 10.71
N ALA D 37 9.04 24.72 11.47
CA ALA D 37 7.81 25.47 11.64
C ALA D 37 7.91 26.78 10.86
N LEU D 38 7.66 26.70 9.55
CA LEU D 38 7.70 27.87 8.68
C LEU D 38 6.50 27.84 7.75
N ALA D 39 6.02 29.04 7.39
CA ALA D 39 4.88 29.18 6.50
C ALA D 39 5.18 30.25 5.46
N TRP D 40 4.58 30.08 4.29
CA TRP D 40 4.72 31.02 3.18
C TRP D 40 3.34 31.53 2.78
N TYR D 41 3.28 32.81 2.39
CA TYR D 41 2.02 33.46 2.04
C TYR D 41 2.15 34.23 0.74
N GLN D 42 1.06 34.25 -0.01
CA GLN D 42 0.94 35.05 -1.23
C GLN D 42 -0.20 36.04 -1.05
N GLN D 43 0.08 37.32 -1.29
CA GLN D 43 -0.90 38.38 -1.08
C GLN D 43 -1.12 39.13 -2.39
N LYS D 44 -2.27 38.88 -3.02
CA LYS D 44 -2.66 39.67 -4.17
C LYS D 44 -2.87 41.13 -3.74
N PRO D 45 -2.70 42.08 -4.66
CA PRO D 45 -2.89 43.49 -4.29
C PRO D 45 -4.30 43.77 -3.80
N GLY D 46 -4.40 44.57 -2.74
CA GLY D 46 -5.67 44.93 -2.16
C GLY D 46 -6.44 43.80 -1.50
N LYS D 47 -5.86 42.62 -1.39
CA LYS D 47 -6.51 41.47 -0.78
C LYS D 47 -5.72 41.01 0.45
N ALA D 48 -6.23 39.94 1.07
CA ALA D 48 -5.59 39.37 2.24
C ALA D 48 -4.56 38.31 1.83
N PRO D 49 -3.54 38.09 2.66
CA PRO D 49 -2.55 37.05 2.33
C PRO D 49 -3.19 35.68 2.22
N LYS D 50 -2.67 34.88 1.30
CA LYS D 50 -3.17 33.54 1.02
C LYS D 50 -2.09 32.53 1.35
N LEU D 51 -2.45 31.51 2.12
CA LEU D 51 -1.49 30.48 2.53
C LEU D 51 -1.30 29.46 1.41
N LEU D 52 -0.05 29.08 1.19
CA LEU D 52 0.26 28.07 0.18
C LEU D 52 1.12 26.95 0.76
N ILE D 53 2.17 27.31 1.49
CA ILE D 53 3.10 26.34 2.06
C ILE D 53 3.14 26.56 3.57
N TYR D 54 2.80 25.51 4.32
CA TYR D 54 2.87 25.54 5.78
C TYR D 54 3.71 24.38 6.27
N ASP D 55 4.20 24.50 7.50
CA ASP D 55 5.07 23.51 8.12
C ASP D 55 6.23 23.15 7.18
N ALA D 56 6.98 24.19 6.82
CA ALA D 56 8.19 24.07 5.99
C ALA D 56 7.90 23.57 4.58
N SER D 57 7.30 22.39 4.45
CA SER D 57 7.21 21.74 3.14
C SER D 57 5.81 21.30 2.73
N THR D 58 4.80 21.42 3.58
CA THR D 58 3.47 20.94 3.23
C THR D 58 2.74 21.95 2.34
N LEU D 59 1.97 21.42 1.40
CA LEU D 59 1.22 22.24 0.45
C LEU D 59 -0.25 22.28 0.82
N GLU D 60 -0.82 23.49 0.84
CA GLU D 60 -2.24 23.64 1.10
C GLU D 60 -3.06 23.15 -0.09
N SER D 61 -4.30 22.79 0.18
CA SER D 61 -5.19 22.30 -0.86
C SER D 61 -5.51 23.41 -1.86
N GLY D 62 -5.67 23.02 -3.13
CA GLY D 62 -5.97 23.96 -4.18
C GLY D 62 -4.80 24.80 -4.65
N VAL D 63 -3.61 24.58 -4.10
CA VAL D 63 -2.42 25.34 -4.50
C VAL D 63 -1.82 24.68 -5.72
N PRO D 64 -1.39 25.44 -6.73
CA PRO D 64 -0.79 24.82 -7.93
C PRO D 64 0.47 24.05 -7.59
N SER D 65 0.79 23.06 -8.43
CA SER D 65 1.96 22.22 -8.22
C SER D 65 3.27 22.94 -8.50
N ARG D 66 3.23 24.17 -9.00
CA ARG D 66 4.46 24.91 -9.29
C ARG D 66 5.16 25.37 -8.02
N PHE D 67 4.41 25.55 -6.94
CA PHE D 67 5.00 26.01 -5.68
C PHE D 67 5.58 24.84 -4.90
N SER D 68 6.60 25.14 -4.10
CA SER D 68 7.27 24.13 -3.29
C SER D 68 8.08 24.82 -2.20
N GLY D 69 8.40 24.07 -1.16
CA GLY D 69 9.17 24.59 -0.06
C GLY D 69 9.93 23.49 0.65
N SER D 70 11.08 23.85 1.22
CA SER D 70 11.91 22.91 1.96
C SER D 70 12.84 23.69 2.86
N GLY D 71 12.87 23.32 4.15
CA GLY D 71 13.73 24.00 5.10
C GLY D 71 14.08 23.10 6.25
N SER D 72 15.17 23.46 6.96
CA SER D 72 15.73 22.59 7.97
C SER D 72 15.95 23.27 9.32
N GLY D 73 15.44 24.49 9.52
CA GLY D 73 15.57 25.12 10.81
C GLY D 73 16.08 26.54 10.78
N THR D 74 17.13 26.79 9.99
CA THR D 74 17.71 28.11 9.85
C THR D 74 17.54 28.70 8.45
N ASP D 75 17.61 27.88 7.41
CA ASP D 75 17.48 28.34 6.03
C ASP D 75 16.30 27.65 5.38
N PHE D 76 15.36 28.45 4.88
CA PHE D 76 14.20 27.96 4.14
C PHE D 76 14.18 28.62 2.76
N ALA D 77 13.52 27.97 1.82
CA ALA D 77 13.51 28.44 0.43
C ALA D 77 12.19 28.08 -0.23
N LEU D 78 11.45 29.09 -0.66
CA LEU D 78 10.26 28.90 -1.48
C LEU D 78 10.65 28.97 -2.94
N THR D 79 10.16 28.02 -3.73
CA THR D 79 10.56 27.87 -5.13
C THR D 79 9.33 27.73 -6.01
N ILE D 80 9.17 28.68 -6.93
CA ILE D 80 8.16 28.60 -7.98
C ILE D 80 8.90 28.43 -9.31
N ASN D 81 8.42 27.50 -10.13
CA ASN D 81 9.00 27.29 -11.44
C ASN D 81 7.90 27.35 -12.50
N SER D 82 8.28 27.84 -13.68
CA SER D 82 7.33 28.11 -14.77
C SER D 82 6.19 29.00 -14.28
N LEU D 83 6.56 30.12 -13.68
CA LEU D 83 5.57 30.98 -13.06
C LEU D 83 4.70 31.66 -14.12
N GLN D 84 3.44 31.87 -13.76
CA GLN D 84 2.45 32.51 -14.60
C GLN D 84 2.30 33.97 -14.21
N PRO D 85 1.65 34.79 -15.05
CA PRO D 85 1.37 36.17 -14.64
C PRO D 85 0.53 36.28 -13.38
N GLU D 86 -0.24 35.24 -13.04
CA GLU D 86 -1.04 35.26 -11.82
C GLU D 86 -0.21 35.12 -10.56
N ASP D 87 1.10 34.88 -10.68
CA ASP D 87 1.98 34.79 -9.53
C ASP D 87 2.50 36.15 -9.08
N PHE D 88 2.07 37.24 -9.73
CA PHE D 88 2.43 38.58 -9.29
C PHE D 88 1.77 38.88 -7.96
N ALA D 89 2.58 39.11 -6.93
CA ALA D 89 2.09 39.40 -5.59
C ALA D 89 3.29 39.80 -4.73
N THR D 90 3.06 40.00 -3.44
CA THR D 90 4.10 40.16 -2.44
C THR D 90 4.08 38.92 -1.56
N TYR D 91 5.21 38.21 -1.49
CA TYR D 91 5.31 36.96 -0.76
C TYR D 91 5.96 37.20 0.60
N TYR D 92 5.40 36.57 1.62
CA TYR D 92 5.90 36.68 2.99
C TYR D 92 6.16 35.28 3.55
N CYS D 93 7.08 35.22 4.51
CA CYS D 93 7.35 34.00 5.26
C CYS D 93 7.10 34.25 6.72
N GLN D 94 6.79 33.17 7.45
CA GLN D 94 6.41 33.29 8.85
C GLN D 94 6.86 32.06 9.62
N GLN D 95 7.48 32.30 10.77
CA GLN D 95 7.78 31.23 11.72
C GLN D 95 6.68 31.15 12.77
N PHE D 96 6.45 29.95 13.28
CA PHE D 96 5.53 29.76 14.39
C PHE D 96 6.12 28.80 15.41
N ASN D 97 7.44 28.87 15.59
CA ASN D 97 8.11 28.07 16.61
C ASN D 97 7.85 28.66 18.00
N SER D 98 8.22 29.92 18.21
CA SER D 98 8.05 30.58 19.49
C SER D 98 7.43 31.95 19.30
N TYR D 99 6.76 32.43 20.35
CA TYR D 99 6.09 33.71 20.34
C TYR D 99 7.08 34.84 20.61
N PRO D 100 6.83 36.04 20.06
CA PRO D 100 5.70 36.37 19.19
C PRO D 100 5.94 35.92 17.75
N LEU D 101 4.86 35.60 17.04
CA LEU D 101 4.98 35.22 15.64
C LEU D 101 5.53 36.38 14.82
N THR D 102 6.59 36.10 14.07
CA THR D 102 7.25 37.12 13.26
C THR D 102 7.16 36.76 11.79
N PHE D 103 7.01 37.77 10.94
CA PHE D 103 6.90 37.60 9.50
C PHE D 103 8.18 38.04 8.81
N GLY D 104 8.28 37.69 7.53
CA GLY D 104 9.40 38.11 6.72
C GLY D 104 9.25 39.54 6.24
N GLY D 105 10.28 40.01 5.54
CA GLY D 105 10.27 41.38 5.05
C GLY D 105 9.29 41.60 3.92
N GLY D 106 9.02 40.56 3.13
CA GLY D 106 8.15 40.70 1.98
C GLY D 106 8.92 40.92 0.70
N THR D 107 8.57 40.17 -0.35
CA THR D 107 9.27 40.24 -1.63
C THR D 107 8.27 40.54 -2.73
N LYS D 108 8.43 41.71 -3.38
CA LYS D 108 7.62 42.01 -4.55
C LYS D 108 8.12 41.21 -5.74
N VAL D 109 7.17 40.75 -6.56
CA VAL D 109 7.48 39.94 -7.74
C VAL D 109 6.90 40.67 -8.94
N GLU D 110 7.67 41.59 -9.51
CA GLU D 110 7.30 42.19 -10.77
C GLU D 110 7.53 41.19 -11.91
N ILE D 111 6.73 41.32 -12.96
CA ILE D 111 6.72 40.35 -14.06
C ILE D 111 7.10 41.07 -15.35
N LYS D 112 7.90 40.40 -16.17
CA LYS D 112 8.38 40.95 -17.42
C LYS D 112 7.55 40.42 -18.58
N ARG D 113 7.12 41.33 -19.45
CA ARG D 113 6.46 40.96 -20.70
C ARG D 113 6.99 41.86 -21.81
N THR D 114 6.58 41.57 -23.04
CA THR D 114 6.97 42.40 -24.15
C THR D 114 6.35 43.79 -24.01
N VAL D 115 7.08 44.80 -24.47
CA VAL D 115 6.61 46.18 -24.35
C VAL D 115 5.32 46.35 -25.14
N ALA D 116 4.36 47.05 -24.55
CA ALA D 116 3.06 47.29 -25.16
C ALA D 116 2.79 48.79 -25.23
N ALA D 117 2.16 49.21 -26.32
CA ALA D 117 1.87 50.63 -26.52
C ALA D 117 0.60 51.02 -25.76
N PRO D 118 0.60 52.18 -25.11
CA PRO D 118 -0.60 52.61 -24.37
C PRO D 118 -1.66 53.18 -25.31
N SER D 119 -2.89 52.71 -25.15
CA SER D 119 -4.05 53.38 -25.75
C SER D 119 -4.38 54.59 -24.89
N VAL D 120 -4.27 55.78 -25.47
CA VAL D 120 -4.38 57.04 -24.73
C VAL D 120 -5.77 57.63 -24.92
N PHE D 121 -6.40 58.02 -23.81
CA PHE D 121 -7.71 58.65 -23.83
C PHE D 121 -7.67 59.93 -23.01
N ILE D 122 -8.57 60.85 -23.34
CA ILE D 122 -8.74 62.08 -22.58
C ILE D 122 -10.23 62.29 -22.34
N PHE D 123 -10.55 62.88 -21.19
CA PHE D 123 -11.94 63.06 -20.78
C PHE D 123 -12.19 64.52 -20.40
N PRO D 124 -13.25 65.12 -20.91
CA PRO D 124 -13.55 66.51 -20.57
C PRO D 124 -14.17 66.62 -19.19
N PRO D 125 -14.09 67.79 -18.56
CA PRO D 125 -14.83 67.99 -17.30
C PRO D 125 -16.33 67.83 -17.55
N SER D 126 -16.95 66.96 -16.77
CA SER D 126 -18.36 66.67 -16.94
C SER D 126 -19.20 67.91 -16.66
N ASP D 127 -20.45 67.87 -17.14
CA ASP D 127 -21.34 69.02 -16.98
C ASP D 127 -21.62 69.31 -15.53
N GLU D 128 -21.98 68.28 -14.75
CA GLU D 128 -22.29 68.48 -13.34
C GLU D 128 -21.06 68.93 -12.55
N GLN D 129 -19.88 68.45 -12.93
CA GLN D 129 -18.67 68.81 -12.21
C GLN D 129 -18.36 70.28 -12.34
N LEU D 130 -18.50 70.84 -13.54
CA LEU D 130 -18.24 72.26 -13.74
C LEU D 130 -19.22 73.13 -12.94
N LYS D 131 -20.41 72.60 -12.66
CA LYS D 131 -21.37 73.35 -11.85
C LYS D 131 -20.90 73.52 -10.42
N SER D 132 -20.07 72.59 -9.93
CA SER D 132 -19.53 72.68 -8.58
C SER D 132 -18.39 73.69 -8.46
N GLY D 133 -17.91 74.23 -9.58
CA GLY D 133 -16.82 75.18 -9.59
C GLY D 133 -15.49 74.57 -10.00
N THR D 134 -15.25 73.31 -9.64
CA THR D 134 -14.02 72.64 -10.01
C THR D 134 -14.18 71.95 -11.37
N ALA D 135 -13.08 71.87 -12.12
CA ALA D 135 -13.07 71.26 -13.44
C ALA D 135 -11.86 70.34 -13.53
N SER D 136 -12.11 69.06 -13.79
CA SER D 136 -11.07 68.05 -13.83
C SER D 136 -10.89 67.54 -15.25
N VAL D 137 -9.65 67.58 -15.74
CA VAL D 137 -9.27 67.02 -17.02
C VAL D 137 -8.51 65.73 -16.76
N VAL D 138 -8.96 64.63 -17.33
CA VAL D 138 -8.42 63.30 -17.07
C VAL D 138 -7.77 62.77 -18.33
N CYS D 139 -6.60 62.17 -18.18
CA CYS D 139 -5.88 61.51 -19.27
C CYS D 139 -5.65 60.06 -18.89
N LEU D 140 -6.07 59.15 -19.76
CA LEU D 140 -6.03 57.72 -19.48
C LEU D 140 -5.02 57.02 -20.37
N LEU D 141 -4.17 56.19 -19.77
CA LEU D 141 -3.24 55.32 -20.50
C LEU D 141 -3.61 53.89 -20.15
N ASN D 142 -4.13 53.16 -21.14
CA ASN D 142 -4.69 51.83 -20.92
C ASN D 142 -3.75 50.76 -21.45
N ASN D 143 -3.34 49.84 -20.57
CA ASN D 143 -2.56 48.66 -20.94
C ASN D 143 -1.26 49.02 -21.64
N PHE D 144 -0.22 49.35 -20.86
CA PHE D 144 1.09 49.67 -21.41
C PHE D 144 2.17 49.05 -20.54
N TYR D 145 3.33 48.83 -21.16
CA TYR D 145 4.51 48.27 -20.50
C TYR D 145 5.74 49.00 -21.02
N PRO D 146 6.69 49.36 -20.13
CA PRO D 146 6.66 49.12 -18.69
C PRO D 146 5.90 50.17 -17.89
N ARG D 147 6.11 50.19 -16.57
CA ARG D 147 5.44 51.16 -15.71
C ARG D 147 5.92 52.58 -15.99
N GLU D 148 7.21 52.74 -16.27
CA GLU D 148 7.77 54.08 -16.46
C GLU D 148 7.18 54.73 -17.71
N ALA D 149 6.59 55.91 -17.52
CA ALA D 149 6.00 56.67 -18.61
C ALA D 149 5.85 58.12 -18.17
N LYS D 150 5.97 59.03 -19.12
CA LYS D 150 5.90 60.46 -18.86
C LYS D 150 4.57 61.00 -19.38
N VAL D 151 3.82 61.68 -18.50
CA VAL D 151 2.56 62.31 -18.85
C VAL D 151 2.71 63.80 -18.67
N GLN D 152 2.41 64.56 -19.72
CA GLN D 152 2.55 66.01 -19.71
C GLN D 152 1.23 66.66 -20.11
N TRP D 153 0.77 67.59 -19.28
CA TRP D 153 -0.45 68.32 -19.56
C TRP D 153 -0.10 69.64 -20.24
N LYS D 154 -0.62 69.85 -21.44
CA LYS D 154 -0.36 71.05 -22.22
C LYS D 154 -1.61 71.92 -22.22
N VAL D 155 -1.49 73.12 -21.66
CA VAL D 155 -2.59 74.07 -21.58
C VAL D 155 -2.43 75.08 -22.71
N ASP D 156 -3.42 75.14 -23.60
CA ASP D 156 -3.41 76.04 -24.74
C ASP D 156 -2.15 75.86 -25.59
N LEU D 159 1.20 75.41 -21.15
CA LEU D 159 1.99 74.47 -20.36
C LEU D 159 1.94 74.85 -18.88
N GLN D 160 1.42 73.94 -18.07
CA GLN D 160 1.31 74.16 -16.63
C GLN D 160 1.68 72.87 -15.92
N SER D 161 2.63 72.96 -14.99
CA SER D 161 3.14 71.81 -14.26
C SER D 161 2.96 72.02 -12.75
N GLY D 162 3.28 70.97 -12.00
CA GLY D 162 3.13 71.02 -10.56
C GLY D 162 1.70 71.10 -10.07
N ASN D 163 0.75 70.65 -10.89
CA ASN D 163 -0.67 70.77 -10.56
C ASN D 163 -1.46 69.49 -10.74
N SER D 164 -0.90 68.47 -11.38
CA SER D 164 -1.61 67.23 -11.65
C SER D 164 -1.00 66.08 -10.85
N GLN D 165 -1.86 65.21 -10.32
CA GLN D 165 -1.43 64.02 -9.61
C GLN D 165 -1.92 62.80 -10.39
N GLU D 166 -1.00 61.92 -10.76
CA GLU D 166 -1.31 60.73 -11.52
C GLU D 166 -1.27 59.50 -10.62
N SER D 167 -1.73 58.38 -11.16
CA SER D 167 -1.75 57.13 -10.42
C SER D 167 -1.67 55.97 -11.41
N VAL D 168 -0.86 54.97 -11.07
CA VAL D 168 -0.71 53.77 -11.88
C VAL D 168 -1.25 52.59 -11.08
N THR D 169 -2.01 51.72 -11.75
CA THR D 169 -2.56 50.55 -11.10
C THR D 169 -1.45 49.53 -10.85
N GLU D 170 -1.81 48.42 -10.20
CA GLU D 170 -0.89 47.32 -10.03
C GLU D 170 -0.79 46.53 -11.33
N GLN D 171 0.16 45.59 -11.37
CA GLN D 171 0.29 44.72 -12.53
C GLN D 171 -0.97 43.89 -12.69
N ASP D 172 -1.50 43.87 -13.91
CA ASP D 172 -2.68 43.05 -14.20
C ASP D 172 -2.35 41.59 -13.99
N SER D 173 -3.31 40.84 -13.45
CA SER D 173 -3.08 39.44 -13.12
C SER D 173 -3.24 38.52 -14.32
N LYS D 174 -3.64 39.03 -15.48
CA LYS D 174 -3.84 38.21 -16.67
C LYS D 174 -2.83 38.52 -17.76
N ASP D 175 -2.66 39.80 -18.14
CA ASP D 175 -1.71 40.19 -19.17
C ASP D 175 -0.50 40.92 -18.59
N SER D 176 -0.37 40.99 -17.27
CA SER D 176 0.78 41.59 -16.58
C SER D 176 1.13 42.96 -17.15
N THR D 177 0.12 43.83 -17.21
CA THR D 177 0.26 45.13 -17.86
C THR D 177 -0.06 46.23 -16.86
N TYR D 178 0.22 47.47 -17.25
CA TYR D 178 0.00 48.65 -16.42
C TYR D 178 -1.03 49.56 -17.06
N SER D 179 -1.64 50.40 -16.23
CA SER D 179 -2.58 51.41 -16.71
C SER D 179 -2.45 52.63 -15.82
N LEU D 180 -2.38 53.81 -16.45
CA LEU D 180 -2.14 55.06 -15.75
C LEU D 180 -3.26 56.05 -16.00
N SER D 181 -3.53 56.88 -14.99
CA SER D 181 -4.54 57.93 -15.07
C SER D 181 -4.01 59.19 -14.42
N SER D 182 -4.02 60.29 -15.17
CA SER D 182 -3.54 61.58 -14.69
C SER D 182 -4.72 62.53 -14.58
N THR D 183 -4.99 63.01 -13.37
CA THR D 183 -6.10 63.92 -13.11
C THR D 183 -5.56 65.35 -12.97
N LEU D 184 -6.00 66.23 -13.85
CA LEU D 184 -5.65 67.64 -13.80
C LEU D 184 -6.89 68.44 -13.48
N THR D 185 -6.87 69.15 -12.35
CA THR D 185 -8.00 69.93 -11.88
C THR D 185 -7.66 71.42 -11.93
N LEU D 186 -8.57 72.21 -12.47
CA LEU D 186 -8.43 73.66 -12.52
C LEU D 186 -9.77 74.30 -12.18
N SER D 187 -9.70 75.54 -11.71
CA SER D 187 -10.92 76.27 -11.40
C SER D 187 -11.75 76.51 -12.67
N LYS D 188 -13.05 76.73 -12.47
CA LYS D 188 -13.93 76.97 -13.61
C LYS D 188 -13.48 78.19 -14.41
N ALA D 189 -13.01 79.24 -13.73
CA ALA D 189 -12.48 80.40 -14.43
C ALA D 189 -11.27 80.01 -15.27
N ASP D 190 -10.31 79.30 -14.68
CA ASP D 190 -9.15 78.84 -15.43
C ASP D 190 -9.54 77.85 -16.52
N TYR D 191 -10.58 77.04 -16.27
CA TYR D 191 -11.03 76.09 -17.28
C TYR D 191 -11.76 76.79 -18.41
N GLU D 192 -12.42 77.91 -18.13
CA GLU D 192 -13.12 78.68 -19.14
C GLU D 192 -12.34 79.90 -19.60
N LYS D 193 -11.07 80.03 -19.20
CA LYS D 193 -10.17 81.04 -19.73
C LYS D 193 -9.12 80.46 -20.65
N HIS D 194 -9.09 79.14 -20.82
CA HIS D 194 -8.19 78.46 -21.74
C HIS D 194 -9.01 77.70 -22.77
N LYS D 195 -8.59 77.77 -24.03
CA LYS D 195 -9.34 77.16 -25.12
C LYS D 195 -9.00 75.69 -25.31
N VAL D 196 -7.72 75.33 -25.26
CA VAL D 196 -7.27 73.99 -25.58
C VAL D 196 -6.62 73.36 -24.36
N TYR D 197 -6.76 72.05 -24.23
CA TYR D 197 -6.10 71.27 -23.19
C TYR D 197 -5.63 69.95 -23.80
N ALA D 198 -4.34 69.65 -23.67
CA ALA D 198 -3.74 68.51 -24.31
C ALA D 198 -3.05 67.62 -23.28
N CYS D 199 -2.84 66.36 -23.66
CA CYS D 199 -2.12 65.39 -22.85
C CYS D 199 -1.02 64.77 -23.68
N GLU D 200 0.22 64.98 -23.26
CA GLU D 200 1.38 64.45 -23.97
C GLU D 200 1.92 63.24 -23.21
N VAL D 201 2.00 62.09 -23.87
CA VAL D 201 2.44 60.85 -23.27
C VAL D 201 3.74 60.42 -23.95
N THR D 202 4.72 60.01 -23.14
CA THR D 202 6.01 59.54 -23.63
C THR D 202 6.23 58.14 -23.11
N HIS D 203 6.47 57.20 -24.04
CA HIS D 203 6.62 55.79 -23.69
C HIS D 203 7.68 55.16 -24.57
N GLN D 204 8.26 54.06 -24.06
CA GLN D 204 9.24 53.32 -24.85
C GLN D 204 8.58 52.59 -26.01
N GLY D 205 7.28 52.26 -25.88
CA GLY D 205 6.58 51.59 -26.97
C GLY D 205 6.14 52.52 -28.07
N LEU D 206 5.92 53.79 -27.76
CA LEU D 206 5.56 54.77 -28.77
C LEU D 206 6.81 55.28 -29.47
N SER D 207 6.72 55.40 -30.80
CA SER D 207 7.87 55.89 -31.57
C SER D 207 8.21 57.32 -31.20
N SER D 208 7.23 58.12 -30.81
CA SER D 208 7.44 59.50 -30.42
C SER D 208 6.29 59.93 -29.53
N PRO D 209 6.47 60.94 -28.68
CA PRO D 209 5.38 61.41 -27.82
C PRO D 209 4.18 61.85 -28.63
N VAL D 210 3.06 61.14 -28.46
CA VAL D 210 1.81 61.46 -29.13
C VAL D 210 0.94 62.27 -28.17
N THR D 211 0.17 63.20 -28.73
CA THR D 211 -0.63 64.13 -27.95
C THR D 211 -2.11 63.78 -28.06
N LYS D 212 -2.82 63.91 -26.95
CA LYS D 212 -4.27 63.74 -26.88
C LYS D 212 -4.86 65.05 -26.37
N SER D 213 -5.58 65.75 -27.24
CA SER D 213 -6.11 67.07 -26.93
C SER D 213 -7.60 67.13 -27.23
N PHE D 214 -8.22 68.21 -26.79
CA PHE D 214 -9.64 68.46 -27.03
C PHE D 214 -9.91 69.94 -26.82
N ASN D 215 -11.10 70.38 -27.19
CA ASN D 215 -11.51 71.77 -27.08
C ASN D 215 -12.86 71.87 -26.41
N ARG D 216 -13.08 73.00 -25.74
CA ARG D 216 -14.32 73.21 -24.99
C ARG D 216 -15.51 73.28 -25.92
N GLY D 217 -16.55 72.52 -25.58
CA GLY D 217 -17.76 72.50 -26.40
C GLY D 217 -17.62 71.66 -27.65
N GLN E 6 11.86 -27.69 4.56
CA GLN E 6 10.52 -27.93 4.04
C GLN E 6 10.21 -29.43 4.06
N VAL E 7 9.00 -29.78 3.64
CA VAL E 7 8.54 -31.16 3.67
C VAL E 7 9.17 -31.94 2.52
N GLN E 8 9.65 -33.14 2.82
CA GLN E 8 10.21 -34.04 1.82
C GLN E 8 9.42 -35.34 1.79
N LEU E 9 9.54 -36.06 0.69
CA LEU E 9 8.84 -37.32 0.48
C LEU E 9 9.84 -38.41 0.12
N GLN E 10 9.74 -39.55 0.79
CA GLN E 10 10.62 -40.69 0.56
C GLN E 10 9.76 -41.93 0.36
N GLN E 11 9.88 -42.56 -0.81
CA GLN E 11 9.08 -43.71 -1.17
C GLN E 11 9.92 -44.98 -1.11
N TRP E 12 9.34 -46.03 -0.53
CA TRP E 12 9.99 -47.32 -0.43
C TRP E 12 8.96 -48.42 -0.68
N GLY E 13 9.38 -49.48 -1.36
CA GLY E 13 8.48 -50.56 -1.66
C GLY E 13 9.19 -51.64 -2.46
N ALA E 14 8.40 -52.60 -2.95
CA ALA E 14 8.92 -53.71 -3.73
C ALA E 14 8.67 -53.43 -5.20
N GLY E 15 9.75 -53.34 -5.97
CA GLY E 15 9.66 -53.06 -7.39
C GLY E 15 9.20 -54.24 -8.21
N LEU E 16 9.97 -55.33 -8.20
CA LEU E 16 9.62 -56.51 -8.97
C LEU E 16 8.40 -57.18 -8.37
N LEU E 17 7.50 -57.65 -9.24
CA LEU E 17 6.24 -58.24 -8.79
C LEU E 17 5.82 -59.32 -9.76
N LYS E 18 5.44 -60.48 -9.23
CA LYS E 18 4.79 -61.49 -10.04
C LYS E 18 3.35 -61.07 -10.32
N PRO E 19 2.81 -61.46 -11.47
CA PRO E 19 1.41 -61.15 -11.76
C PRO E 19 0.46 -61.71 -10.71
N SER E 20 -0.70 -61.05 -10.59
CA SER E 20 -1.77 -61.43 -9.68
C SER E 20 -1.38 -61.20 -8.23
N GLU E 21 -0.19 -60.66 -7.99
CA GLU E 21 0.23 -60.32 -6.64
C GLU E 21 -0.38 -58.99 -6.21
N THR E 22 0.14 -58.38 -5.15
CA THR E 22 -0.39 -57.13 -4.62
C THR E 22 0.73 -56.10 -4.57
N LEU E 23 0.67 -55.11 -5.46
CA LEU E 23 1.59 -53.98 -5.41
C LEU E 23 1.33 -53.18 -4.14
N ALA E 24 2.31 -53.18 -3.23
CA ALA E 24 2.21 -52.49 -1.96
C ALA E 24 3.37 -51.53 -1.82
N LEU E 25 3.05 -50.23 -1.74
CA LEU E 25 4.05 -49.19 -1.57
C LEU E 25 3.73 -48.38 -0.33
N THR E 26 4.66 -47.50 0.04
CA THR E 26 4.49 -46.63 1.20
C THR E 26 5.40 -45.44 1.06
N CYS E 27 4.92 -44.27 1.49
CA CYS E 27 5.69 -43.04 1.47
C CYS E 27 5.77 -42.49 2.89
N THR E 28 6.98 -42.22 3.35
CA THR E 28 7.21 -41.64 4.67
C THR E 28 7.55 -40.16 4.52
N VAL E 29 6.89 -39.33 5.31
CA VAL E 29 6.99 -37.87 5.19
C VAL E 29 8.05 -37.36 6.16
N TYR E 30 9.00 -36.59 5.64
CA TYR E 30 10.01 -35.91 6.45
C TYR E 30 9.77 -34.41 6.40
N GLY E 31 9.93 -33.75 7.55
CA GLY E 31 9.72 -32.33 7.64
C GLY E 31 8.28 -31.90 7.83
N GLY E 32 7.35 -32.84 7.89
CA GLY E 32 5.95 -32.49 8.09
C GLY E 32 5.15 -33.73 8.46
N SER E 33 3.98 -33.48 9.05
CA SER E 33 3.12 -34.57 9.47
C SER E 33 2.31 -35.11 8.30
N SER E 34 2.06 -36.42 8.33
CA SER E 34 1.25 -37.08 7.31
C SER E 34 -0.19 -37.17 7.79
N SER E 35 -0.85 -36.01 7.80
CA SER E 35 -2.20 -35.92 8.35
C SER E 35 -3.18 -35.29 7.36
N GLY E 36 -3.57 -34.04 7.62
CA GLY E 36 -4.63 -33.41 6.85
C GLY E 36 -4.32 -33.19 5.38
N TYR E 37 -3.04 -33.25 5.01
CA TYR E 37 -2.68 -33.07 3.61
C TYR E 37 -3.29 -34.18 2.75
N TYR E 38 -3.62 -33.82 1.51
CA TYR E 38 -4.16 -34.76 0.54
C TYR E 38 -3.00 -35.38 -0.23
N TRP E 39 -2.82 -36.69 -0.09
CA TRP E 39 -1.68 -37.39 -0.68
C TRP E 39 -2.14 -38.13 -1.92
N ASN E 40 -1.49 -37.86 -3.04
CA ASN E 40 -1.84 -38.44 -4.33
C ASN E 40 -0.85 -39.53 -4.73
N TRP E 41 -1.26 -40.33 -5.70
CA TRP E 41 -0.41 -41.35 -6.29
C TRP E 41 -0.56 -41.28 -7.81
N ILE E 42 0.57 -41.13 -8.51
CA ILE E 42 0.58 -41.06 -9.97
C ILE E 42 1.57 -42.09 -10.48
N ARG E 43 1.21 -42.75 -11.59
CA ARG E 43 2.09 -43.68 -12.27
C ARG E 43 2.37 -43.19 -13.68
N GLN E 44 3.54 -43.53 -14.19
CA GLN E 44 4.00 -43.06 -15.49
C GLN E 44 4.50 -44.23 -16.31
N SER E 45 3.89 -44.45 -17.48
CA SER E 45 4.32 -45.46 -18.42
C SER E 45 4.64 -44.81 -19.75
N PRO E 46 5.80 -45.12 -20.36
CA PRO E 46 6.21 -44.52 -21.64
C PRO E 46 5.37 -45.02 -22.82
N GLY E 49 0.80 -41.61 -20.64
CA GLY E 49 1.81 -40.89 -19.89
C GLY E 49 1.59 -40.93 -18.40
N LEU E 50 1.29 -39.77 -17.82
CA LEU E 50 1.05 -39.65 -16.38
C LEU E 50 -0.41 -39.98 -16.08
N GLU E 51 -0.63 -41.06 -15.34
CA GLU E 51 -1.96 -41.49 -14.94
C GLU E 51 -2.15 -41.27 -13.44
N TRP E 52 -3.23 -40.60 -13.09
CA TRP E 52 -3.55 -40.33 -11.69
C TRP E 52 -4.27 -41.53 -11.09
N ILE E 53 -3.67 -42.12 -10.05
CA ILE E 53 -4.24 -43.30 -9.42
C ILE E 53 -5.34 -42.90 -8.45
N GLY E 54 -4.96 -42.22 -7.38
CA GLY E 54 -5.94 -41.85 -6.37
C GLY E 54 -5.40 -40.82 -5.41
N GLU E 55 -6.31 -40.29 -4.60
CA GLU E 55 -6.00 -39.29 -3.58
C GLU E 55 -6.67 -39.69 -2.27
N ILE E 56 -5.99 -39.42 -1.16
CA ILE E 56 -6.50 -39.77 0.16
C ILE E 56 -6.18 -38.61 1.11
N SER E 57 -7.00 -38.47 2.14
CA SER E 57 -6.75 -37.47 3.18
C SER E 57 -7.22 -38.01 4.52
N ASP E 58 -6.53 -37.58 5.58
CA ASP E 58 -6.97 -37.89 6.94
C ASP E 58 -8.34 -37.30 7.22
N SER E 59 -8.71 -36.23 6.51
CA SER E 59 -10.00 -35.59 6.73
C SER E 59 -11.16 -36.51 6.40
N GLY E 60 -11.00 -37.37 5.39
CA GLY E 60 -12.04 -38.32 5.05
C GLY E 60 -12.35 -38.42 3.58
N SER E 61 -11.67 -37.61 2.76
CA SER E 61 -11.88 -37.61 1.31
C SER E 61 -10.86 -38.53 0.68
N THR E 62 -11.33 -39.65 0.11
CA THR E 62 -10.49 -40.59 -0.62
C THR E 62 -11.17 -40.89 -1.95
N ILE E 63 -10.49 -40.58 -3.05
CA ILE E 63 -11.03 -40.77 -4.40
C ILE E 63 -10.00 -41.53 -5.23
N TYR E 64 -10.46 -42.53 -5.96
CA TYR E 64 -9.60 -43.31 -6.84
C TYR E 64 -10.01 -43.10 -8.30
N ASN E 65 -9.11 -43.50 -9.20
CA ASN E 65 -9.42 -43.42 -10.62
C ASN E 65 -10.42 -44.50 -11.00
N PRO E 66 -11.46 -44.17 -11.74
CA PRO E 66 -12.45 -45.21 -12.12
C PRO E 66 -11.85 -46.36 -12.90
N SER E 67 -10.77 -46.13 -13.66
CA SER E 67 -10.15 -47.20 -14.44
C SER E 67 -9.53 -48.28 -13.57
N LEU E 68 -9.15 -47.96 -12.33
CA LEU E 68 -8.57 -48.95 -11.43
C LEU E 68 -9.16 -48.84 -10.03
N GLU E 69 -10.38 -48.32 -9.90
CA GLU E 69 -11.02 -48.16 -8.60
C GLU E 69 -11.22 -49.50 -7.90
N SER E 70 -11.63 -50.52 -8.65
CA SER E 70 -11.93 -51.83 -8.07
C SER E 70 -10.70 -52.57 -7.58
N ARG E 71 -9.51 -51.96 -7.64
CA ARG E 71 -8.29 -52.64 -7.23
C ARG E 71 -7.37 -51.81 -6.35
N VAL E 72 -7.74 -50.58 -5.98
CA VAL E 72 -6.87 -49.67 -5.27
C VAL E 72 -7.30 -49.58 -3.81
N THR E 73 -6.32 -49.57 -2.91
CA THR E 73 -6.55 -49.38 -1.49
C THR E 73 -5.50 -48.42 -0.95
N MET E 74 -5.95 -47.39 -0.24
CA MET E 74 -5.08 -46.37 0.33
C MET E 74 -5.33 -46.24 1.83
N SER E 75 -4.30 -45.80 2.55
CA SER E 75 -4.41 -45.62 3.99
C SER E 75 -3.40 -44.56 4.42
N VAL E 76 -3.65 -43.98 5.59
CA VAL E 76 -2.78 -42.98 6.19
C VAL E 76 -2.48 -43.38 7.62
N ASP E 77 -1.20 -43.40 7.98
CA ASP E 77 -0.76 -43.75 9.33
C ASP E 77 -0.15 -42.49 9.94
N THR E 78 -0.92 -41.83 10.81
CA THR E 78 -0.42 -40.60 11.44
C THR E 78 0.66 -40.89 12.48
N SER E 79 0.61 -42.07 13.11
CA SER E 79 1.61 -42.40 14.12
C SER E 79 2.96 -42.65 13.49
N LYS E 80 3.01 -43.46 12.44
CA LYS E 80 4.26 -43.75 11.74
C LYS E 80 4.61 -42.69 10.70
N ASN E 81 3.78 -41.65 10.55
CA ASN E 81 4.02 -40.57 9.59
C ASN E 81 4.12 -41.11 8.17
N GLN E 82 3.22 -42.03 7.81
CA GLN E 82 3.29 -42.72 6.53
C GLN E 82 1.90 -42.85 5.93
N PHE E 83 1.88 -43.09 4.62
CA PHE E 83 0.65 -43.40 3.89
C PHE E 83 1.00 -44.37 2.77
N SER E 84 0.15 -45.38 2.60
CA SER E 84 0.46 -46.49 1.71
C SER E 84 -0.60 -46.61 0.61
N LEU E 85 -0.14 -47.02 -0.56
CA LEU E 85 -1.01 -47.38 -1.68
C LEU E 85 -0.95 -48.88 -1.91
N LYS E 86 -2.02 -49.43 -2.46
CA LYS E 86 -2.11 -50.87 -2.69
C LYS E 86 -2.84 -51.15 -3.99
N LEU E 87 -2.29 -52.06 -4.78
CA LEU E 87 -2.90 -52.51 -6.02
C LEU E 87 -3.12 -54.01 -5.94
N THR E 88 -4.18 -54.48 -6.61
CA THR E 88 -4.56 -55.88 -6.60
C THR E 88 -4.64 -56.40 -8.02
N SER E 89 -4.50 -57.72 -8.15
CA SER E 89 -4.60 -58.42 -9.44
C SER E 89 -3.67 -57.79 -10.47
N VAL E 90 -2.43 -57.59 -10.07
CA VAL E 90 -1.47 -56.85 -10.89
C VAL E 90 -1.13 -57.64 -12.14
N THR E 91 -1.10 -56.95 -13.28
CA THR E 91 -0.70 -57.56 -14.55
C THR E 91 0.40 -56.74 -15.19
N ALA E 92 0.77 -57.08 -16.43
CA ALA E 92 1.79 -56.32 -17.14
C ALA E 92 1.34 -54.89 -17.45
N ALA E 93 0.02 -54.64 -17.47
CA ALA E 93 -0.49 -53.30 -17.72
C ALA E 93 -0.20 -52.33 -16.59
N ASP E 94 0.21 -52.83 -15.42
CA ASP E 94 0.50 -51.99 -14.27
C ASP E 94 2.00 -51.74 -14.10
N THR E 95 2.80 -52.06 -15.11
CA THR E 95 4.25 -51.84 -15.06
C THR E 95 4.53 -50.37 -15.35
N ALA E 96 4.91 -49.61 -14.32
CA ALA E 96 5.17 -48.19 -14.46
C ALA E 96 5.97 -47.71 -13.26
N VAL E 97 6.47 -46.49 -13.36
CA VAL E 97 7.12 -45.83 -12.23
C VAL E 97 6.05 -45.15 -11.40
N TYR E 98 6.01 -45.47 -10.11
CA TYR E 98 4.97 -45.00 -9.21
C TYR E 98 5.48 -43.87 -8.34
N TYR E 99 4.78 -42.74 -8.35
CA TYR E 99 5.13 -41.58 -7.56
C TYR E 99 4.03 -41.30 -6.54
N CYS E 100 4.42 -40.72 -5.40
CA CYS E 100 3.48 -40.15 -4.45
C CYS E 100 3.74 -38.66 -4.34
N ALA E 101 2.68 -37.88 -4.21
CA ALA E 101 2.79 -36.43 -4.19
C ALA E 101 1.81 -35.87 -3.17
N LYS E 102 2.07 -34.63 -2.76
CA LYS E 102 1.29 -33.96 -1.73
C LYS E 102 0.41 -32.88 -2.35
N ALA E 103 -0.88 -32.94 -2.04
CA ALA E 103 -1.81 -31.87 -2.36
C ALA E 103 -2.29 -31.24 -1.06
N ILE E 104 -2.48 -29.92 -1.07
CA ILE E 104 -2.84 -29.22 0.16
C ILE E 104 -4.32 -29.41 0.47
N LEU E 105 -5.20 -29.09 -0.48
CA LEU E 105 -6.63 -29.17 -0.30
C LEU E 105 -7.26 -29.89 -1.49
N THR E 106 -8.53 -30.27 -1.31
CA THR E 106 -9.26 -31.02 -2.33
C THR E 106 -9.64 -30.15 -3.53
N ARG E 107 -9.56 -28.83 -3.40
CA ARG E 107 -9.78 -27.92 -4.52
C ARG E 107 -8.51 -27.24 -4.98
N TYR E 108 -7.37 -27.57 -4.37
CA TYR E 108 -6.07 -27.00 -4.70
C TYR E 108 -5.08 -28.16 -4.86
N ASN E 109 -5.27 -28.95 -5.91
CA ASN E 109 -4.64 -30.26 -6.03
C ASN E 109 -3.33 -30.23 -6.81
N TRP E 110 -2.69 -29.08 -6.94
CA TRP E 110 -1.35 -29.06 -7.52
C TRP E 110 -0.37 -29.73 -6.56
N LEU E 111 0.50 -30.56 -7.11
CA LEU E 111 1.35 -31.45 -6.31
C LEU E 111 2.76 -30.86 -6.24
N ASP E 112 3.10 -30.30 -5.08
CA ASP E 112 4.37 -29.58 -4.95
C ASP E 112 5.55 -30.54 -4.77
N PRO E 113 5.53 -31.46 -3.78
CA PRO E 113 6.64 -32.41 -3.67
C PRO E 113 6.31 -33.78 -4.26
N TRP E 114 7.27 -34.35 -4.99
CA TRP E 114 7.14 -35.71 -5.52
C TRP E 114 8.23 -36.58 -4.90
N SER E 115 7.90 -37.85 -4.71
CA SER E 115 8.92 -38.82 -4.33
C SER E 115 9.78 -39.17 -5.54
N GLN E 116 10.93 -39.78 -5.27
CA GLN E 116 11.81 -40.18 -6.37
C GLN E 116 11.25 -41.34 -7.18
N GLY E 117 10.12 -41.91 -6.78
CA GLY E 117 9.48 -42.97 -7.52
C GLY E 117 10.07 -44.33 -7.23
N THR E 118 9.26 -45.36 -7.48
CA THR E 118 9.68 -46.75 -7.36
C THR E 118 9.32 -47.45 -8.67
N LEU E 119 10.33 -47.78 -9.47
CA LEU E 119 10.11 -48.46 -10.73
C LEU E 119 9.53 -49.85 -10.49
N VAL E 120 8.25 -50.03 -10.82
CA VAL E 120 7.53 -51.28 -10.58
C VAL E 120 7.48 -52.06 -11.88
N THR E 121 8.04 -53.27 -11.86
CA THR E 121 8.01 -54.17 -13.01
C THR E 121 7.21 -55.41 -12.64
N VAL E 122 6.24 -55.76 -13.49
CA VAL E 122 5.37 -56.91 -13.26
C VAL E 122 5.81 -58.02 -14.20
N SER E 123 6.42 -59.07 -13.63
CA SER E 123 6.92 -60.18 -14.41
C SER E 123 7.23 -61.33 -13.47
N SER E 124 7.15 -62.55 -14.00
CA SER E 124 7.46 -63.75 -13.24
C SER E 124 8.92 -64.19 -13.41
N ALA E 125 9.72 -63.44 -14.15
CA ALA E 125 11.12 -63.80 -14.34
C ALA E 125 11.89 -63.55 -13.06
N SER E 126 12.76 -64.50 -12.72
CA SER E 126 13.58 -64.38 -11.52
C SER E 126 14.58 -63.23 -11.66
N THR E 127 14.85 -62.56 -10.55
CA THR E 127 15.78 -61.44 -10.57
C THR E 127 17.22 -61.94 -10.73
N LYS E 128 18.02 -61.15 -11.44
CA LYS E 128 19.40 -61.50 -11.76
C LYS E 128 20.33 -60.36 -11.37
N GLY E 129 21.54 -60.72 -10.95
CA GLY E 129 22.52 -59.76 -10.52
C GLY E 129 23.44 -59.34 -11.65
N PRO E 130 23.72 -58.05 -11.75
CA PRO E 130 24.53 -57.56 -12.87
C PRO E 130 26.00 -57.90 -12.69
N SER E 131 26.71 -57.87 -13.81
CA SER E 131 28.17 -58.01 -13.84
C SER E 131 28.79 -56.69 -14.23
N VAL E 132 29.76 -56.23 -13.44
CA VAL E 132 30.42 -54.95 -13.67
C VAL E 132 31.82 -55.23 -14.20
N PHE E 133 32.08 -54.81 -15.43
CA PHE E 133 33.37 -54.93 -16.05
C PHE E 133 33.91 -53.55 -16.42
N PRO E 134 35.20 -53.30 -16.21
CA PRO E 134 35.74 -51.96 -16.48
C PRO E 134 36.00 -51.73 -17.96
N LEU E 135 35.90 -50.47 -18.35
CA LEU E 135 36.27 -50.00 -19.68
C LEU E 135 37.49 -49.11 -19.48
N ALA E 136 38.67 -49.71 -19.58
CA ALA E 136 39.90 -49.06 -19.19
C ALA E 136 40.29 -47.97 -20.19
N PRO E 137 41.00 -46.93 -19.74
CA PRO E 137 41.53 -45.93 -20.66
C PRO E 137 42.90 -46.32 -21.19
N SER E 138 43.18 -45.87 -22.40
CA SER E 138 44.41 -46.19 -23.10
C SER E 138 45.17 -44.93 -23.45
N SER E 139 46.41 -45.12 -23.90
CA SER E 139 47.28 -44.01 -24.30
C SER E 139 48.36 -44.50 -25.25
N GLY E 145 43.84 -36.02 -26.40
CA GLY E 145 43.42 -34.87 -25.62
C GLY E 145 42.97 -35.23 -24.21
N THR E 146 41.73 -35.69 -24.09
CA THR E 146 41.15 -36.07 -22.81
C THR E 146 40.90 -37.57 -22.80
N ALA E 147 41.18 -38.20 -21.67
CA ALA E 147 40.98 -39.63 -21.53
C ALA E 147 39.49 -39.94 -21.31
N ALA E 148 39.12 -41.19 -21.56
CA ALA E 148 37.73 -41.64 -21.42
C ALA E 148 37.75 -43.05 -20.87
N LEU E 149 37.23 -43.22 -19.65
CA LEU E 149 37.08 -44.51 -19.01
C LEU E 149 35.61 -44.75 -18.69
N GLY E 150 35.29 -45.96 -18.28
CA GLY E 150 33.91 -46.26 -17.96
C GLY E 150 33.74 -47.64 -17.37
N CYS E 151 32.49 -47.94 -17.00
CA CYS E 151 32.10 -49.22 -16.44
C CYS E 151 30.99 -49.82 -17.28
N LEU E 152 31.01 -51.14 -17.43
CA LEU E 152 30.00 -51.87 -18.20
C LEU E 152 29.17 -52.72 -17.25
N VAL E 153 27.89 -52.41 -17.14
CA VAL E 153 26.95 -53.13 -16.29
C VAL E 153 26.08 -53.98 -17.21
N LYS E 154 26.32 -55.30 -17.21
CA LYS E 154 25.69 -56.20 -18.17
C LYS E 154 24.91 -57.30 -17.47
N ASP E 155 23.85 -57.75 -18.14
CA ASP E 155 23.05 -58.90 -17.72
C ASP E 155 22.46 -58.75 -16.32
N TYR E 156 21.34 -58.04 -16.22
CA TYR E 156 20.61 -57.92 -14.97
C TYR E 156 19.13 -57.82 -15.26
N PHE E 157 18.33 -58.08 -14.23
CA PHE E 157 16.88 -57.96 -14.32
C PHE E 157 16.29 -57.93 -12.92
N PRO E 158 15.33 -57.04 -12.63
CA PRO E 158 14.82 -56.05 -13.59
C PRO E 158 15.47 -54.69 -13.46
N GLU E 159 14.88 -53.70 -14.14
CA GLU E 159 15.28 -52.32 -13.97
C GLU E 159 14.88 -51.85 -12.56
N PRO E 160 15.57 -50.83 -12.03
CA PRO E 160 16.72 -50.12 -12.59
C PRO E 160 18.03 -50.43 -11.89
N VAL E 161 19.07 -49.65 -12.20
CA VAL E 161 20.37 -49.74 -11.55
C VAL E 161 21.01 -48.37 -11.58
N THR E 162 21.56 -47.94 -10.45
CA THR E 162 22.17 -46.62 -10.32
C THR E 162 23.68 -46.75 -10.39
N VAL E 163 24.31 -45.92 -11.22
CA VAL E 163 25.76 -45.91 -11.38
C VAL E 163 26.27 -44.53 -11.01
N SER E 164 27.25 -44.49 -10.10
CA SER E 164 27.92 -43.24 -9.75
C SER E 164 29.42 -43.42 -9.89
N TRP E 165 30.20 -42.42 -9.48
CA TRP E 165 31.65 -42.47 -9.59
C TRP E 165 32.27 -41.83 -8.37
N ASN E 166 33.19 -42.55 -7.73
CA ASN E 166 33.90 -42.07 -6.54
C ASN E 166 32.92 -41.65 -5.43
N SER E 167 31.87 -42.46 -5.26
CA SER E 167 30.83 -42.20 -4.26
C SER E 167 30.20 -40.82 -4.43
N GLY E 168 30.17 -40.32 -5.66
CA GLY E 168 29.63 -39.01 -5.94
C GLY E 168 30.65 -37.89 -6.02
N ALA E 169 31.94 -38.20 -5.84
CA ALA E 169 32.97 -37.17 -5.89
C ALA E 169 33.24 -36.71 -7.32
N LEU E 170 33.18 -37.61 -8.29
CA LEU E 170 33.36 -37.28 -9.70
C LEU E 170 31.98 -37.15 -10.35
N THR E 171 31.69 -35.98 -10.89
CA THR E 171 30.38 -35.71 -11.47
C THR E 171 30.44 -35.18 -12.90
N SER E 172 31.36 -34.27 -13.19
CA SER E 172 31.41 -33.65 -14.52
C SER E 172 31.90 -34.65 -15.56
N GLY E 173 31.32 -34.57 -16.75
CA GLY E 173 31.67 -35.46 -17.84
C GLY E 173 31.13 -36.87 -17.72
N VAL E 174 30.42 -37.19 -16.63
CA VAL E 174 29.90 -38.53 -16.43
C VAL E 174 28.65 -38.72 -17.27
N HIS E 175 28.56 -39.87 -17.93
CA HIS E 175 27.41 -40.22 -18.74
C HIS E 175 26.93 -41.62 -18.35
N THR E 176 25.62 -41.77 -18.25
CA THR E 176 24.99 -43.07 -17.94
C THR E 176 23.92 -43.32 -18.99
N PHE E 177 24.13 -44.35 -19.79
CA PHE E 177 23.29 -44.66 -20.94
C PHE E 177 22.08 -45.50 -20.52
N PRO E 178 20.98 -45.40 -21.26
CA PRO E 178 19.86 -46.31 -21.02
C PRO E 178 20.26 -47.74 -21.28
N ALA E 179 19.56 -48.67 -20.62
CA ALA E 179 19.86 -50.09 -20.73
C ALA E 179 19.10 -50.66 -21.92
N VAL E 180 19.83 -51.06 -22.96
CA VAL E 180 19.21 -51.71 -24.10
C VAL E 180 18.79 -53.11 -23.71
N LEU E 181 17.53 -53.45 -23.97
CA LEU E 181 17.01 -54.77 -23.65
C LEU E 181 17.64 -55.80 -24.58
N GLN E 182 18.52 -56.62 -24.04
CA GLN E 182 19.19 -57.64 -24.86
C GLN E 182 18.19 -58.73 -25.27
N SER E 183 18.60 -59.53 -26.25
CA SER E 183 17.76 -60.63 -26.72
C SER E 183 17.58 -61.70 -25.65
N SER E 184 18.50 -61.79 -24.69
CA SER E 184 18.36 -62.72 -23.59
C SER E 184 17.31 -62.28 -22.57
N GLY E 185 16.81 -61.06 -22.68
CA GLY E 185 15.87 -60.52 -21.73
C GLY E 185 16.49 -59.71 -20.60
N LEU E 186 17.79 -59.85 -20.39
CA LEU E 186 18.49 -59.11 -19.35
C LEU E 186 18.93 -57.75 -19.87
N TYR E 187 18.90 -56.76 -18.98
CA TYR E 187 19.27 -55.40 -19.33
C TYR E 187 20.78 -55.21 -19.18
N SER E 188 21.29 -54.16 -19.83
CA SER E 188 22.72 -53.89 -19.83
C SER E 188 22.94 -52.43 -20.21
N LEU E 189 23.70 -51.70 -19.39
CA LEU E 189 24.05 -50.32 -19.68
C LEU E 189 25.54 -50.12 -19.45
N SER E 190 26.03 -48.98 -19.95
CA SER E 190 27.41 -48.57 -19.75
C SER E 190 27.43 -47.15 -19.19
N SER E 191 28.36 -46.88 -18.28
CA SER E 191 28.55 -45.55 -17.73
C SER E 191 30.02 -45.17 -17.91
N VAL E 192 30.26 -44.00 -18.49
CA VAL E 192 31.59 -43.54 -18.82
C VAL E 192 31.79 -42.14 -18.23
N VAL E 193 33.00 -41.61 -18.43
CA VAL E 193 33.36 -40.28 -17.95
C VAL E 193 34.61 -39.83 -18.69
N THR E 194 34.65 -38.55 -19.06
CA THR E 194 35.79 -37.96 -19.74
C THR E 194 36.62 -37.15 -18.75
N VAL E 195 37.87 -37.56 -18.57
CA VAL E 195 38.76 -36.91 -17.62
C VAL E 195 40.06 -36.55 -18.33
N PRO E 196 40.82 -35.60 -17.79
CA PRO E 196 42.12 -35.28 -18.39
C PRO E 196 43.05 -36.48 -18.38
N SER E 197 43.85 -36.60 -19.45
CA SER E 197 44.76 -37.73 -19.56
C SER E 197 45.87 -37.67 -18.51
N SER E 198 46.23 -36.46 -18.07
CA SER E 198 47.24 -36.32 -17.02
C SER E 198 46.74 -36.85 -15.67
N SER E 199 45.43 -36.90 -15.47
CA SER E 199 44.86 -37.42 -14.23
C SER E 199 44.95 -38.93 -14.13
N LEU E 200 45.30 -39.61 -15.22
CA LEU E 200 45.32 -41.07 -15.20
C LEU E 200 46.44 -41.61 -14.31
N GLY E 201 47.57 -40.91 -14.26
CA GLY E 201 48.74 -41.46 -13.58
C GLY E 201 48.58 -41.51 -12.07
N THR E 202 47.95 -40.50 -11.49
CA THR E 202 47.89 -40.36 -10.04
C THR E 202 46.50 -40.54 -9.45
N GLN E 203 45.46 -40.08 -10.14
CA GLN E 203 44.10 -40.09 -9.60
C GLN E 203 43.44 -41.44 -9.88
N THR E 204 42.95 -42.09 -8.83
CA THR E 204 42.22 -43.33 -8.98
C THR E 204 40.78 -43.05 -9.40
N TYR E 205 40.15 -44.07 -9.99
CA TYR E 205 38.78 -43.95 -10.49
C TYR E 205 38.04 -45.24 -10.20
N ILE E 206 36.90 -45.13 -9.53
CA ILE E 206 36.07 -46.28 -9.19
C ILE E 206 34.62 -45.93 -9.45
N CYS E 207 33.88 -46.87 -10.03
CA CYS E 207 32.46 -46.71 -10.29
C CYS E 207 31.66 -47.49 -9.27
N ASN E 208 30.48 -46.97 -8.91
CA ASN E 208 29.62 -47.56 -7.89
C ASN E 208 28.32 -47.99 -8.56
N VAL E 209 28.08 -49.30 -8.59
CA VAL E 209 26.91 -49.89 -9.24
C VAL E 209 25.98 -50.43 -8.16
N ASN E 210 24.69 -50.12 -8.29
CA ASN E 210 23.69 -50.51 -7.29
C ASN E 210 22.47 -51.06 -8.01
N HIS E 211 22.28 -52.37 -7.96
CA HIS E 211 21.07 -53.03 -8.46
C HIS E 211 20.30 -53.52 -7.23
N LYS E 212 19.37 -52.68 -6.76
CA LYS E 212 18.65 -52.99 -5.52
C LYS E 212 17.82 -54.27 -5.57
N PRO E 213 17.08 -54.59 -6.64
CA PRO E 213 16.27 -55.82 -6.61
C PRO E 213 17.06 -57.07 -6.30
N SER E 214 18.29 -57.17 -6.79
CA SER E 214 19.15 -58.30 -6.49
C SER E 214 20.00 -58.09 -5.23
N ASN E 215 19.85 -56.94 -4.57
CA ASN E 215 20.63 -56.57 -3.38
C ASN E 215 22.12 -56.45 -3.68
N THR E 216 22.51 -56.57 -4.94
CA THR E 216 23.92 -56.54 -5.31
C THR E 216 24.45 -55.11 -5.32
N LYS E 217 25.62 -54.92 -4.73
CA LYS E 217 26.30 -53.62 -4.71
C LYS E 217 27.76 -53.87 -5.04
N VAL E 218 28.19 -53.45 -6.22
CA VAL E 218 29.55 -53.67 -6.70
C VAL E 218 30.25 -52.33 -6.84
N ASP E 219 31.52 -52.29 -6.42
CA ASP E 219 32.38 -51.12 -6.57
C ASP E 219 33.66 -51.58 -7.26
N LYS E 220 33.74 -51.33 -8.57
CA LYS E 220 34.86 -51.76 -9.39
C LYS E 220 35.78 -50.59 -9.68
N LYS E 221 37.08 -50.79 -9.50
CA LYS E 221 38.08 -49.78 -9.85
C LYS E 221 38.50 -49.97 -11.30
N VAL E 222 38.64 -48.85 -12.01
CA VAL E 222 39.01 -48.87 -13.42
C VAL E 222 40.48 -48.51 -13.50
N GLU E 223 41.31 -49.52 -13.76
CA GLU E 223 42.74 -49.33 -13.93
C GLU E 223 43.15 -49.94 -15.28
N PRO E 224 43.95 -49.23 -16.08
CA PRO E 224 44.39 -49.70 -17.40
C PRO E 224 45.13 -51.03 -17.35
N ASP F 6 -15.12 -37.45 -16.62
CA ASP F 6 -13.73 -37.70 -17.00
C ASP F 6 -13.24 -36.67 -18.00
N ILE F 7 -12.65 -35.59 -17.50
CA ILE F 7 -12.11 -34.55 -18.36
C ILE F 7 -10.89 -35.08 -19.09
N VAL F 8 -10.81 -34.78 -20.40
CA VAL F 8 -9.72 -35.22 -21.24
C VAL F 8 -8.85 -34.00 -21.56
N MET F 9 -7.66 -33.95 -20.99
CA MET F 9 -6.71 -32.88 -21.26
C MET F 9 -5.83 -33.28 -22.42
N THR F 10 -5.70 -32.39 -23.40
CA THR F 10 -4.83 -32.60 -24.55
C THR F 10 -3.98 -31.36 -24.79
N GLN F 11 -2.66 -31.56 -24.86
CA GLN F 11 -1.73 -30.47 -25.06
C GLN F 11 -0.95 -30.67 -26.36
N SER F 12 -0.66 -29.56 -27.02
CA SER F 12 0.01 -29.55 -28.32
C SER F 12 1.06 -28.46 -28.32
N PRO F 13 2.16 -28.65 -29.07
CA PRO F 13 2.47 -29.86 -29.84
C PRO F 13 3.02 -30.97 -28.96
N SER F 14 3.09 -32.19 -29.49
CA SER F 14 3.69 -33.29 -28.74
C SER F 14 5.21 -33.19 -28.72
N SER F 15 5.81 -32.69 -29.80
CA SER F 15 7.24 -32.45 -29.88
C SER F 15 7.48 -31.02 -30.33
N LEU F 16 8.59 -30.44 -29.85
CA LEU F 16 8.91 -29.06 -30.14
C LEU F 16 10.42 -28.89 -30.17
N SER F 17 10.91 -28.14 -31.15
CA SER F 17 12.32 -27.83 -31.28
C SER F 17 12.49 -26.33 -31.47
N ALA F 18 13.42 -25.72 -30.74
CA ALA F 18 13.62 -24.29 -30.80
C ALA F 18 15.09 -23.98 -30.56
N SER F 19 15.45 -22.70 -30.73
CA SER F 19 16.83 -22.26 -30.60
C SER F 19 17.19 -22.08 -29.13
N VAL F 20 18.38 -21.51 -28.88
CA VAL F 20 18.84 -21.34 -27.50
C VAL F 20 18.22 -20.11 -26.86
N GLY F 21 18.10 -19.02 -27.61
CA GLY F 21 17.52 -17.80 -27.07
C GLY F 21 16.09 -17.58 -27.51
N ASP F 22 15.43 -18.64 -27.95
CA ASP F 22 14.09 -18.54 -28.54
C ASP F 22 13.04 -18.33 -27.44
N ARG F 23 11.77 -18.47 -27.82
CA ARG F 23 10.66 -18.42 -26.88
C ARG F 23 9.58 -19.34 -27.41
N ILE F 24 9.21 -20.34 -26.62
CA ILE F 24 8.24 -21.33 -27.03
C ILE F 24 6.97 -21.15 -26.21
N SER F 25 5.88 -21.75 -26.71
CA SER F 25 4.58 -21.67 -26.03
C SER F 25 3.83 -22.96 -26.28
N ILE F 26 3.65 -23.75 -25.22
CA ILE F 26 2.83 -24.95 -25.27
C ILE F 26 1.41 -24.59 -24.86
N SER F 27 0.43 -25.20 -25.51
CA SER F 27 -0.97 -24.95 -25.22
C SER F 27 -1.61 -26.21 -24.66
N CYS F 28 -2.57 -26.02 -23.75
CA CYS F 28 -3.29 -27.12 -23.13
C CYS F 28 -4.79 -26.82 -23.20
N ARG F 29 -5.53 -27.71 -23.85
CA ARG F 29 -6.97 -27.57 -24.02
C ARG F 29 -7.70 -28.60 -23.18
N ALA F 30 -8.78 -28.17 -22.54
CA ALA F 30 -9.56 -29.03 -21.65
C ALA F 30 -10.85 -29.47 -22.32
N SER F 31 -11.28 -30.71 -22.02
CA SER F 31 -12.52 -31.22 -22.57
C SER F 31 -13.72 -30.41 -22.07
N GLN F 32 -13.67 -29.98 -20.82
CA GLN F 32 -14.72 -29.16 -20.22
C GLN F 32 -14.10 -27.98 -19.51
N GLY F 33 -14.93 -27.02 -19.14
CA GLY F 33 -14.48 -25.86 -18.39
C GLY F 33 -13.84 -26.26 -17.07
N VAL F 34 -12.65 -25.76 -16.81
CA VAL F 34 -11.89 -26.17 -15.62
C VAL F 34 -11.47 -24.92 -14.87
N ASN F 35 -12.12 -23.79 -15.17
CA ASN F 35 -11.94 -22.51 -14.46
C ASN F 35 -10.47 -22.12 -14.62
N SER F 36 -9.75 -21.82 -13.53
CA SER F 36 -8.33 -21.48 -13.58
C SER F 36 -7.49 -22.51 -12.84
N ALA F 37 -7.98 -23.75 -12.75
CA ALA F 37 -7.34 -24.79 -11.95
C ALA F 37 -6.47 -25.65 -12.86
N LEU F 38 -5.25 -25.16 -13.11
CA LEU F 38 -4.28 -25.90 -13.92
C LEU F 38 -2.91 -25.80 -13.26
N ALA F 39 -2.21 -26.93 -13.21
CA ALA F 39 -0.83 -27.01 -12.74
C ALA F 39 0.07 -27.41 -13.91
N TRP F 40 1.11 -26.62 -14.15
CA TRP F 40 2.11 -26.94 -15.16
C TRP F 40 3.33 -27.57 -14.50
N TYR F 41 3.83 -28.65 -15.09
CA TYR F 41 4.96 -29.39 -14.55
C TYR F 41 6.10 -29.46 -15.55
N GLN F 42 7.27 -29.82 -15.04
CA GLN F 42 8.46 -30.09 -15.84
C GLN F 42 9.10 -31.38 -15.34
N GLN F 43 9.47 -32.25 -16.27
CA GLN F 43 10.05 -33.54 -15.93
C GLN F 43 11.33 -33.75 -16.73
N LYS F 44 12.46 -33.83 -16.04
CA LYS F 44 13.74 -34.18 -16.65
C LYS F 44 13.87 -35.69 -16.72
N PRO F 45 14.73 -36.19 -17.63
CA PRO F 45 14.86 -37.65 -17.78
C PRO F 45 15.31 -38.32 -16.50
N GLY F 46 14.66 -39.45 -16.21
CA GLY F 46 15.00 -40.23 -15.02
C GLY F 46 14.77 -39.51 -13.72
N LYS F 47 13.76 -38.62 -13.67
CA LYS F 47 13.47 -37.85 -12.47
C LYS F 47 11.96 -37.82 -12.28
N ALA F 48 11.51 -37.03 -11.30
CA ALA F 48 10.11 -36.80 -11.01
C ALA F 48 9.66 -35.45 -11.55
N PRO F 49 8.38 -35.30 -11.87
CA PRO F 49 7.89 -34.00 -12.34
C PRO F 49 8.09 -32.92 -11.29
N LYS F 50 8.53 -31.75 -11.75
CA LYS F 50 8.75 -30.60 -10.89
C LYS F 50 7.68 -29.56 -11.16
N LEU F 51 7.02 -29.10 -10.10
CA LEU F 51 6.00 -28.07 -10.24
C LEU F 51 6.62 -26.77 -10.75
N LEU F 52 5.95 -26.17 -11.74
CA LEU F 52 6.34 -24.87 -12.26
C LEU F 52 5.28 -23.82 -11.97
N ILE F 53 4.05 -24.04 -12.42
CA ILE F 53 2.97 -23.07 -12.31
C ILE F 53 1.70 -23.80 -11.88
N TYR F 54 1.00 -23.22 -10.91
CA TYR F 54 -0.30 -23.72 -10.49
C TYR F 54 -1.32 -22.59 -10.59
N ASP F 55 -2.60 -22.97 -10.64
CA ASP F 55 -3.69 -22.02 -10.79
C ASP F 55 -3.48 -21.13 -12.01
N ALA F 56 -3.01 -21.74 -13.11
CA ALA F 56 -2.84 -21.10 -14.41
C ALA F 56 -1.76 -20.02 -14.41
N SER F 57 -1.72 -19.17 -13.39
CA SER F 57 -0.83 -18.00 -13.40
C SER F 57 0.17 -17.94 -12.26
N THR F 58 -0.02 -18.70 -11.18
CA THR F 58 0.84 -18.59 -10.02
C THR F 58 2.16 -19.32 -10.25
N LEU F 59 3.27 -18.61 -10.05
CA LEU F 59 4.60 -19.19 -10.15
C LEU F 59 5.00 -19.84 -8.83
N GLU F 60 5.61 -21.01 -8.91
CA GLU F 60 6.15 -21.64 -7.73
C GLU F 60 7.43 -20.93 -7.28
N SER F 61 7.71 -21.01 -5.98
CA SER F 61 8.86 -20.30 -5.43
C SER F 61 10.15 -20.81 -6.01
N GLY F 62 11.08 -19.89 -6.29
CA GLY F 62 12.38 -20.23 -6.85
C GLY F 62 12.36 -20.62 -8.31
N VAL F 63 11.20 -20.91 -8.88
CA VAL F 63 11.14 -21.27 -10.31
C VAL F 63 11.53 -20.06 -11.15
N PRO F 64 12.33 -20.24 -12.20
CA PRO F 64 12.71 -19.10 -13.04
C PRO F 64 11.49 -18.36 -13.57
N SER F 65 11.58 -17.03 -13.62
CA SER F 65 10.46 -16.20 -14.00
C SER F 65 10.14 -16.25 -15.48
N ARG F 66 11.04 -16.78 -16.31
CA ARG F 66 10.77 -16.89 -17.74
C ARG F 66 9.61 -17.84 -18.03
N PHE F 67 9.28 -18.73 -17.10
CA PHE F 67 8.15 -19.63 -17.26
C PHE F 67 6.86 -18.85 -17.04
N SER F 68 6.01 -18.79 -18.07
CA SER F 68 4.82 -17.96 -18.06
C SER F 68 3.58 -18.83 -18.21
N GLY F 69 2.55 -18.50 -17.43
CA GLY F 69 1.29 -19.23 -17.45
C GLY F 69 0.14 -18.33 -17.84
N SER F 70 -0.69 -18.80 -18.77
CA SER F 70 -1.82 -18.03 -19.25
C SER F 70 -3.00 -18.97 -19.50
N GLY F 71 -4.19 -18.39 -19.56
CA GLY F 71 -5.38 -19.15 -19.86
C GLY F 71 -6.38 -19.26 -18.73
N SER F 72 -7.66 -19.42 -19.07
CA SER F 72 -8.71 -19.60 -18.09
C SER F 72 -9.89 -20.30 -18.75
N GLY F 73 -10.51 -21.23 -18.02
CA GLY F 73 -11.67 -21.93 -18.54
C GLY F 73 -11.34 -23.14 -19.38
N THR F 74 -11.38 -22.98 -20.71
CA THR F 74 -11.20 -24.09 -21.64
C THR F 74 -9.76 -24.21 -22.14
N ASP F 75 -9.16 -23.12 -22.58
CA ASP F 75 -7.85 -23.14 -23.19
C ASP F 75 -6.83 -22.43 -22.31
N PHE F 76 -5.59 -22.94 -22.33
CA PHE F 76 -4.49 -22.39 -21.56
C PHE F 76 -3.22 -22.46 -22.38
N ALA F 77 -2.13 -21.93 -21.83
CA ALA F 77 -0.85 -21.95 -22.53
C ALA F 77 0.31 -21.67 -21.58
N LEU F 78 1.35 -22.50 -21.64
CA LEU F 78 2.60 -22.27 -20.93
C LEU F 78 3.63 -21.72 -21.91
N THR F 79 4.35 -20.67 -21.51
CA THR F 79 5.30 -19.99 -22.38
C THR F 79 6.65 -19.91 -21.69
N ILE F 80 7.65 -20.57 -22.28
CA ILE F 80 9.04 -20.31 -21.94
C ILE F 80 9.49 -19.11 -22.76
N ASN F 81 10.03 -18.10 -22.09
CA ASN F 81 10.26 -16.81 -22.74
C ASN F 81 11.68 -16.62 -23.25
N SER F 82 12.68 -17.25 -22.61
CA SER F 82 14.06 -17.22 -23.10
C SER F 82 14.66 -18.59 -22.80
N LEU F 83 14.68 -19.46 -23.81
CA LEU F 83 15.07 -20.85 -23.64
C LEU F 83 16.50 -20.95 -23.08
N GLN F 84 16.85 -22.15 -22.61
CA GLN F 84 18.13 -22.36 -21.99
C GLN F 84 18.36 -23.86 -21.96
N PRO F 85 19.60 -24.33 -22.19
CA PRO F 85 19.84 -25.78 -22.21
C PRO F 85 19.35 -26.51 -20.97
N GLU F 86 19.13 -25.79 -19.89
CA GLU F 86 18.56 -26.37 -18.68
C GLU F 86 17.05 -26.58 -18.76
N ASP F 87 16.44 -26.35 -19.92
CA ASP F 87 15.00 -26.50 -20.08
C ASP F 87 14.60 -27.65 -20.97
N PHE F 88 15.54 -28.44 -21.47
CA PHE F 88 15.22 -29.62 -22.25
C PHE F 88 14.53 -30.64 -21.35
N ALA F 89 13.22 -30.79 -21.52
CA ALA F 89 12.43 -31.68 -20.67
C ALA F 89 11.11 -31.98 -21.37
N THR F 90 10.21 -32.64 -20.65
CA THR F 90 8.85 -32.93 -21.11
C THR F 90 7.88 -32.27 -20.15
N TYR F 91 7.13 -31.29 -20.64
CA TYR F 91 6.23 -30.49 -19.82
C TYR F 91 4.82 -31.00 -19.93
N TYR F 92 4.12 -31.04 -18.80
CA TYR F 92 2.76 -31.54 -18.71
C TYR F 92 1.83 -30.46 -18.17
N CYS F 93 0.54 -30.69 -18.33
CA CYS F 93 -0.50 -29.85 -17.74
C CYS F 93 -1.52 -30.73 -17.05
N GLN F 94 -1.93 -30.33 -15.85
CA GLN F 94 -2.88 -31.10 -15.06
C GLN F 94 -3.96 -30.18 -14.52
N GLN F 95 -5.20 -30.66 -14.56
CA GLN F 95 -6.35 -29.92 -14.06
C GLN F 95 -6.83 -30.51 -12.74
N PHE F 96 -7.53 -29.69 -11.97
CA PHE F 96 -8.07 -30.15 -10.69
C PHE F 96 -9.35 -29.42 -10.34
N ASN F 97 -10.26 -29.30 -11.31
CA ASN F 97 -11.62 -28.86 -11.01
C ASN F 97 -12.55 -30.03 -10.74
N SER F 98 -12.21 -31.22 -11.22
CA SER F 98 -13.02 -32.41 -11.02
C SER F 98 -12.09 -33.60 -10.81
N TYR F 99 -12.68 -34.73 -10.38
CA TYR F 99 -11.97 -35.98 -10.25
C TYR F 99 -12.47 -36.98 -11.28
N PRO F 100 -11.59 -37.82 -11.84
CA PRO F 100 -10.15 -37.93 -11.55
C PRO F 100 -9.30 -36.82 -12.16
N LEU F 101 -8.14 -36.57 -11.57
CA LEU F 101 -7.23 -35.56 -12.09
C LEU F 101 -6.60 -36.06 -13.38
N THR F 102 -6.75 -35.31 -14.46
CA THR F 102 -6.28 -35.73 -15.78
C THR F 102 -5.04 -34.94 -16.16
N PHE F 103 -4.04 -35.64 -16.67
CA PHE F 103 -2.78 -35.04 -17.10
C PHE F 103 -2.76 -34.87 -18.61
N GLY F 104 -1.94 -33.92 -19.06
CA GLY F 104 -1.73 -33.74 -20.48
C GLY F 104 -0.83 -34.82 -21.05
N GLY F 105 -0.77 -34.84 -22.39
CA GLY F 105 0.04 -35.84 -23.07
C GLY F 105 1.54 -35.61 -22.95
N GLY F 106 1.95 -34.40 -22.63
CA GLY F 106 3.36 -34.08 -22.56
C GLY F 106 3.86 -33.44 -23.84
N THR F 107 4.88 -32.59 -23.70
CA THR F 107 5.46 -31.88 -24.83
C THR F 107 6.98 -31.90 -24.67
N LYS F 108 7.64 -32.70 -25.49
CA LYS F 108 9.10 -32.77 -25.48
C LYS F 108 9.67 -31.55 -26.17
N VAL F 109 10.63 -30.89 -25.51
CA VAL F 109 11.23 -29.66 -26.01
C VAL F 109 12.70 -29.96 -26.29
N GLU F 110 13.02 -30.27 -27.54
CA GLU F 110 14.38 -30.54 -27.96
C GLU F 110 15.05 -29.25 -28.39
N ILE F 111 16.12 -28.87 -27.70
CA ILE F 111 16.81 -27.62 -28.00
C ILE F 111 17.80 -27.83 -29.14
N LYS F 112 17.84 -26.87 -30.05
CA LYS F 112 18.75 -26.89 -31.19
C LYS F 112 19.99 -26.06 -30.87
N ARG F 113 21.16 -26.61 -31.15
CA ARG F 113 22.43 -25.94 -30.92
C ARG F 113 23.28 -26.02 -32.19
N THR F 114 24.45 -25.40 -32.13
CA THR F 114 25.40 -25.50 -33.23
C THR F 114 25.99 -26.89 -33.31
N VAL F 115 26.45 -27.26 -34.50
CA VAL F 115 26.94 -28.62 -34.74
C VAL F 115 28.23 -28.85 -33.98
N ALA F 116 28.39 -30.06 -33.45
CA ALA F 116 29.59 -30.45 -32.73
C ALA F 116 29.95 -31.88 -33.10
N ALA F 117 31.22 -32.12 -33.41
CA ALA F 117 31.68 -33.43 -33.85
C ALA F 117 31.88 -34.36 -32.65
N PRO F 118 31.69 -35.66 -32.86
CA PRO F 118 31.87 -36.61 -31.75
C PRO F 118 33.33 -36.84 -31.41
N SER F 119 33.57 -37.21 -30.16
CA SER F 119 34.87 -37.66 -29.68
C SER F 119 34.79 -39.18 -29.54
N VAL F 120 35.52 -39.89 -30.40
CA VAL F 120 35.39 -41.34 -30.50
C VAL F 120 36.41 -42.01 -29.58
N PHE F 121 35.94 -42.99 -28.81
CA PHE F 121 36.80 -43.83 -27.99
C PHE F 121 36.34 -45.27 -28.13
N ILE F 122 37.31 -46.19 -28.12
CA ILE F 122 37.02 -47.62 -28.22
C ILE F 122 37.57 -48.31 -26.97
N PHE F 123 36.80 -49.27 -26.47
CA PHE F 123 37.18 -50.02 -25.28
C PHE F 123 37.28 -51.51 -25.63
N PRO F 124 38.43 -52.14 -25.41
CA PRO F 124 38.52 -53.59 -25.61
C PRO F 124 37.81 -54.31 -24.48
N PRO F 125 37.38 -55.55 -24.71
CA PRO F 125 36.72 -56.30 -23.63
C PRO F 125 37.67 -56.54 -22.47
N SER F 126 37.23 -56.19 -21.26
CA SER F 126 38.06 -56.37 -20.08
C SER F 126 38.39 -57.84 -19.88
N ASP F 127 39.64 -58.11 -19.48
CA ASP F 127 40.10 -59.48 -19.31
C ASP F 127 39.26 -60.25 -18.29
N GLU F 128 38.48 -59.55 -17.47
CA GLU F 128 37.56 -60.23 -16.56
C GLU F 128 36.45 -60.95 -17.33
N GLN F 129 35.86 -60.28 -18.32
CA GLN F 129 34.70 -60.83 -18.99
C GLN F 129 35.05 -61.99 -19.91
N LEU F 130 36.24 -61.96 -20.53
CA LEU F 130 36.63 -63.05 -21.42
C LEU F 130 36.69 -64.39 -20.68
N LYS F 131 36.94 -64.37 -19.38
CA LYS F 131 36.92 -65.60 -18.59
C LYS F 131 35.53 -66.21 -18.48
N SER F 132 34.49 -65.45 -18.82
CA SER F 132 33.12 -65.90 -18.71
C SER F 132 32.55 -66.38 -20.05
N GLY F 133 33.38 -66.49 -21.08
CA GLY F 133 32.92 -66.99 -22.36
C GLY F 133 32.21 -65.98 -23.24
N THR F 134 32.24 -64.70 -22.89
CA THR F 134 31.63 -63.66 -23.71
C THR F 134 32.54 -62.45 -23.75
N ALA F 135 32.53 -61.74 -24.88
CA ALA F 135 33.39 -60.59 -25.09
C ALA F 135 32.54 -59.40 -25.50
N SER F 136 32.77 -58.26 -24.85
CA SER F 136 32.03 -57.03 -25.13
C SER F 136 33.02 -55.91 -25.40
N VAL F 137 33.14 -55.51 -26.67
CA VAL F 137 33.92 -54.36 -27.07
C VAL F 137 32.98 -53.18 -27.27
N VAL F 138 33.31 -52.04 -26.68
CA VAL F 138 32.42 -50.89 -26.60
C VAL F 138 33.09 -49.70 -27.27
N CYS F 139 32.33 -48.99 -28.11
CA CYS F 139 32.76 -47.73 -28.71
C CYS F 139 31.91 -46.60 -28.16
N LEU F 140 32.55 -45.46 -27.91
CA LEU F 140 31.89 -44.31 -27.32
C LEU F 140 32.02 -43.10 -28.22
N LEU F 141 30.91 -42.38 -28.41
CA LEU F 141 30.88 -41.09 -29.09
C LEU F 141 30.47 -40.04 -28.07
N ASN F 142 31.40 -39.15 -27.72
CA ASN F 142 31.20 -38.23 -26.60
C ASN F 142 30.90 -36.83 -27.12
N ASN F 143 29.76 -36.29 -26.69
CA ASN F 143 29.37 -34.90 -26.95
C ASN F 143 29.33 -34.60 -28.44
N PHE F 144 28.20 -34.88 -29.08
CA PHE F 144 28.02 -34.63 -30.50
C PHE F 144 26.58 -34.20 -30.77
N TYR F 145 26.38 -33.63 -31.96
CA TYR F 145 25.11 -33.06 -32.34
C TYR F 145 25.04 -32.95 -33.86
N PRO F 146 23.93 -33.39 -34.48
CA PRO F 146 22.71 -33.87 -33.82
C PRO F 146 22.75 -35.33 -33.37
N ARG F 147 21.58 -35.87 -33.00
CA ARG F 147 21.51 -37.25 -32.53
C ARG F 147 21.85 -38.25 -33.63
N GLU F 148 21.49 -37.93 -34.88
CA GLU F 148 21.77 -38.84 -35.99
C GLU F 148 23.25 -39.09 -36.13
N ALA F 149 23.62 -40.37 -36.17
CA ALA F 149 25.01 -40.78 -36.32
C ALA F 149 25.05 -42.23 -36.76
N LYS F 150 25.97 -42.56 -37.66
CA LYS F 150 26.12 -43.91 -38.19
C LYS F 150 27.38 -44.53 -37.60
N VAL F 151 27.24 -45.69 -36.97
CA VAL F 151 28.35 -46.41 -36.37
C VAL F 151 28.48 -47.75 -37.09
N GLN F 152 29.66 -48.00 -37.65
CA GLN F 152 29.96 -49.25 -38.34
C GLN F 152 31.05 -49.99 -37.59
N TRP F 153 30.88 -51.29 -37.42
CA TRP F 153 31.81 -52.13 -36.68
C TRP F 153 32.54 -53.04 -37.65
N LYS F 154 33.86 -52.85 -37.75
CA LYS F 154 34.70 -53.65 -38.62
C LYS F 154 35.64 -54.50 -37.77
N VAL F 155 35.53 -55.82 -37.92
CA VAL F 155 36.39 -56.77 -37.23
C VAL F 155 37.27 -57.44 -38.27
N ASP F 156 38.58 -57.18 -38.19
CA ASP F 156 39.56 -57.74 -39.11
C ASP F 156 39.18 -57.42 -40.56
N ASN F 157 38.93 -56.13 -40.80
CA ASN F 157 38.58 -55.54 -42.09
C ASN F 157 37.17 -55.89 -42.55
N ALA F 158 36.36 -56.54 -41.72
CA ALA F 158 35.04 -57.01 -42.10
C ALA F 158 33.98 -56.28 -41.29
N LEU F 159 33.11 -55.54 -41.97
CA LEU F 159 31.97 -54.93 -41.31
C LEU F 159 31.02 -56.00 -40.79
N GLN F 160 30.28 -55.68 -39.73
CA GLN F 160 29.44 -56.65 -39.05
C GLN F 160 28.04 -56.08 -38.85
N SER F 161 27.08 -56.99 -38.71
CA SER F 161 25.69 -56.63 -38.48
C SER F 161 25.01 -57.75 -37.70
N GLY F 162 24.04 -57.37 -36.87
CA GLY F 162 23.32 -58.33 -36.06
C GLY F 162 23.95 -58.63 -34.71
N ASN F 163 24.99 -57.90 -34.33
CA ASN F 163 25.64 -58.12 -33.04
C ASN F 163 25.93 -56.84 -32.27
N SER F 164 25.50 -55.68 -32.76
CA SER F 164 25.73 -54.42 -32.10
C SER F 164 24.46 -53.94 -31.42
N GLN F 165 24.62 -53.30 -30.27
CA GLN F 165 23.51 -52.68 -29.53
C GLN F 165 23.89 -51.24 -29.26
N GLU F 166 23.04 -50.31 -29.73
CA GLU F 166 23.31 -48.88 -29.63
C GLU F 166 22.32 -48.25 -28.66
N SER F 167 22.85 -47.43 -27.75
CA SER F 167 22.03 -46.67 -26.82
C SER F 167 22.56 -45.24 -26.76
N VAL F 168 21.67 -44.27 -26.89
CA VAL F 168 22.03 -42.86 -26.92
C VAL F 168 21.32 -42.15 -25.77
N THR F 169 22.07 -41.32 -25.05
CA THR F 169 21.51 -40.59 -23.92
C THR F 169 20.53 -39.52 -24.40
N GLU F 170 19.72 -39.03 -23.47
CA GLU F 170 18.87 -37.89 -23.76
C GLU F 170 19.73 -36.64 -23.98
N GLN F 171 19.10 -35.61 -24.55
CA GLN F 171 19.82 -34.38 -24.84
C GLN F 171 20.32 -33.75 -23.54
N ASP F 172 21.62 -33.45 -23.49
CA ASP F 172 22.24 -32.98 -22.27
C ASP F 172 21.68 -31.63 -21.84
N SER F 173 21.66 -31.39 -20.54
CA SER F 173 21.11 -30.15 -19.98
C SER F 173 22.14 -29.04 -19.88
N LYS F 174 23.42 -29.32 -20.12
CA LYS F 174 24.47 -28.31 -20.03
C LYS F 174 24.94 -27.82 -21.39
N ASP F 175 25.08 -28.72 -22.38
CA ASP F 175 25.51 -28.34 -23.71
C ASP F 175 24.62 -28.88 -24.82
N SER F 176 23.52 -29.55 -24.49
CA SER F 176 22.53 -30.00 -25.48
C SER F 176 23.15 -30.95 -26.51
N THR F 177 24.10 -31.78 -26.06
CA THR F 177 24.77 -32.73 -26.94
C THR F 177 24.45 -34.15 -26.48
N TYR F 178 24.40 -35.07 -27.44
CA TYR F 178 24.10 -36.46 -27.16
C TYR F 178 25.39 -37.25 -26.91
N SER F 179 25.23 -38.55 -26.69
CA SER F 179 26.34 -39.47 -26.53
C SER F 179 25.83 -40.87 -26.82
N LEU F 180 26.58 -41.63 -27.61
CA LEU F 180 26.15 -42.94 -28.07
C LEU F 180 27.21 -43.97 -27.73
N SER F 181 26.76 -45.16 -27.29
CA SER F 181 27.64 -46.26 -26.97
C SER F 181 27.17 -47.50 -27.74
N SER F 182 28.08 -48.09 -28.50
CA SER F 182 27.82 -49.30 -29.26
C SER F 182 28.63 -50.46 -28.67
N THR F 183 27.98 -51.60 -28.50
CA THR F 183 28.59 -52.75 -27.84
C THR F 183 28.43 -53.99 -28.70
N LEU F 184 29.57 -54.58 -29.10
CA LEU F 184 29.56 -55.86 -29.79
C LEU F 184 29.64 -56.99 -28.77
N THR F 185 28.63 -57.85 -28.76
CA THR F 185 28.59 -59.00 -27.87
C THR F 185 28.97 -60.23 -28.68
N LEU F 186 30.27 -60.46 -28.81
CA LEU F 186 30.80 -61.64 -29.49
C LEU F 186 31.13 -62.70 -28.46
N SER F 187 30.90 -63.96 -28.82
CA SER F 187 31.39 -65.06 -28.01
C SER F 187 32.91 -65.01 -27.95
N LYS F 188 33.46 -65.49 -26.83
CA LYS F 188 34.90 -65.44 -26.64
C LYS F 188 35.63 -66.18 -27.76
N ALA F 189 35.07 -67.30 -28.21
CA ALA F 189 35.67 -68.04 -29.32
C ALA F 189 35.71 -67.19 -30.59
N ASP F 190 34.59 -66.55 -30.93
CA ASP F 190 34.57 -65.67 -32.09
C ASP F 190 35.52 -64.49 -31.91
N TYR F 191 35.65 -64.00 -30.68
CA TYR F 191 36.56 -62.88 -30.42
C TYR F 191 38.00 -63.35 -30.44
N GLU F 192 38.29 -64.51 -29.86
CA GLU F 192 39.66 -64.98 -29.72
C GLU F 192 40.32 -65.29 -31.06
N LYS F 193 39.54 -65.40 -32.14
CA LYS F 193 40.10 -65.75 -33.43
C LYS F 193 40.71 -64.55 -34.15
N HIS F 194 40.09 -63.37 -34.03
CA HIS F 194 40.50 -62.20 -34.78
C HIS F 194 41.45 -61.34 -33.95
N LYS F 195 41.90 -60.23 -34.54
CA LYS F 195 42.94 -59.43 -33.92
C LYS F 195 42.70 -57.93 -34.01
N VAL F 196 42.00 -57.49 -35.06
CA VAL F 196 41.78 -56.07 -35.31
C VAL F 196 40.29 -55.77 -35.18
N TYR F 197 39.97 -54.82 -34.30
CA TYR F 197 38.59 -54.40 -34.06
C TYR F 197 38.54 -52.88 -34.18
N ALA F 198 37.67 -52.38 -35.05
CA ALA F 198 37.61 -50.96 -35.37
C ALA F 198 36.20 -50.43 -35.20
N CYS F 199 36.11 -49.17 -34.80
CA CYS F 199 34.84 -48.44 -34.68
C CYS F 199 34.84 -47.33 -35.73
N GLU F 200 34.02 -47.49 -36.77
CA GLU F 200 33.92 -46.52 -37.85
C GLU F 200 32.64 -45.72 -37.66
N VAL F 201 32.78 -44.43 -37.34
CA VAL F 201 31.65 -43.56 -37.12
C VAL F 201 31.53 -42.60 -38.30
N THR F 202 30.32 -42.06 -38.47
CA THR F 202 30.03 -41.10 -39.53
C THR F 202 29.05 -40.07 -39.00
N HIS F 203 29.40 -38.80 -39.14
CA HIS F 203 28.61 -37.72 -38.57
C HIS F 203 28.66 -36.51 -39.50
N GLN F 204 27.69 -35.61 -39.32
CA GLN F 204 27.64 -34.39 -40.13
C GLN F 204 28.82 -33.48 -39.85
N GLY F 205 29.29 -33.44 -38.61
CA GLY F 205 30.40 -32.56 -38.26
C GLY F 205 31.76 -33.04 -38.74
N LEU F 206 31.92 -34.34 -38.94
CA LEU F 206 33.19 -34.89 -39.38
C LEU F 206 33.29 -34.82 -40.90
N SER F 207 34.32 -34.12 -41.40
CA SER F 207 34.55 -34.07 -42.84
C SER F 207 34.90 -35.45 -43.38
N SER F 208 35.80 -36.16 -42.72
CA SER F 208 36.14 -37.53 -43.04
C SER F 208 35.67 -38.44 -41.93
N PRO F 209 34.94 -39.52 -42.23
CA PRO F 209 34.50 -40.45 -41.18
C PRO F 209 35.68 -41.02 -40.39
N VAL F 210 35.80 -40.64 -39.11
CA VAL F 210 36.94 -41.04 -38.31
C VAL F 210 36.76 -42.48 -37.84
N THR F 211 37.89 -43.11 -37.49
CA THR F 211 37.90 -44.51 -37.07
C THR F 211 38.93 -44.68 -35.97
N LYS F 212 38.49 -45.22 -34.84
CA LYS F 212 39.37 -45.60 -33.74
C LYS F 212 39.35 -47.11 -33.58
N SER F 213 40.50 -47.71 -33.34
CA SER F 213 40.62 -49.15 -33.32
C SER F 213 41.67 -49.57 -32.30
N PHE F 214 41.76 -50.89 -32.10
CA PHE F 214 42.80 -51.48 -31.27
C PHE F 214 43.20 -52.82 -31.88
N ASN F 215 44.34 -53.34 -31.43
CA ASN F 215 44.84 -54.63 -31.87
C ASN F 215 44.85 -55.59 -30.70
N ARG F 216 44.23 -56.76 -30.89
CA ARG F 216 44.02 -57.71 -29.81
C ARG F 216 45.34 -58.28 -29.32
N GLY F 217 45.61 -58.16 -28.01
CA GLY F 217 46.78 -58.73 -27.41
C GLY F 217 47.98 -57.80 -27.31
N GLU F 218 47.89 -56.58 -27.81
CA GLU F 218 49.01 -55.66 -27.79
C GLU F 218 48.63 -54.34 -27.13
#